data_6A8W
# 
_entry.id   6A8W 
# 
_audit_conform.dict_name       mmcif_pdbx.dic 
_audit_conform.dict_version    5.398 
_audit_conform.dict_location   http://mmcif.pdb.org/dictionaries/ascii/mmcif_pdbx.dic 
# 
loop_
_database_2.database_id 
_database_2.database_code 
_database_2.pdbx_database_accession 
_database_2.pdbx_DOI 
PDB   6A8W         pdb_00006a8w 10.2210/pdb6a8w/pdb 
WWPDB D_1300008352 ?            ?                   
# 
loop_
_pdbx_audit_revision_history.ordinal 
_pdbx_audit_revision_history.data_content_type 
_pdbx_audit_revision_history.major_revision 
_pdbx_audit_revision_history.minor_revision 
_pdbx_audit_revision_history.revision_date 
1 'Structure model' 1 0 2019-07-10 
2 'Structure model' 1 1 2024-11-06 
# 
_pdbx_audit_revision_details.ordinal             1 
_pdbx_audit_revision_details.revision_ordinal    1 
_pdbx_audit_revision_details.data_content_type   'Structure model' 
_pdbx_audit_revision_details.provider            repository 
_pdbx_audit_revision_details.type                'Initial release' 
_pdbx_audit_revision_details.description         ? 
_pdbx_audit_revision_details.details             ? 
# 
loop_
_pdbx_audit_revision_group.ordinal 
_pdbx_audit_revision_group.revision_ordinal 
_pdbx_audit_revision_group.data_content_type 
_pdbx_audit_revision_group.group 
1 2 'Structure model' 'Data collection'     
2 2 'Structure model' 'Database references' 
3 2 'Structure model' 'Structure summary'   
# 
loop_
_pdbx_audit_revision_category.ordinal 
_pdbx_audit_revision_category.revision_ordinal 
_pdbx_audit_revision_category.data_content_type 
_pdbx_audit_revision_category.category 
1 2 'Structure model' chem_comp_atom            
2 2 'Structure model' chem_comp_bond            
3 2 'Structure model' database_2                
4 2 'Structure model' pdbx_entry_details        
5 2 'Structure model' pdbx_modification_feature 
# 
loop_
_pdbx_audit_revision_item.ordinal 
_pdbx_audit_revision_item.revision_ordinal 
_pdbx_audit_revision_item.data_content_type 
_pdbx_audit_revision_item.item 
1 2 'Structure model' '_database_2.pdbx_DOI'                
2 2 'Structure model' '_database_2.pdbx_database_accession' 
# 
_pdbx_database_status.status_code                     REL 
_pdbx_database_status.status_code_sf                  REL 
_pdbx_database_status.status_code_mr                  ? 
_pdbx_database_status.entry_id                        6A8W 
_pdbx_database_status.recvd_initial_deposition_date   2018-07-10 
_pdbx_database_status.SG_entry                        N 
_pdbx_database_status.deposit_site                    PDBJ 
_pdbx_database_status.process_site                    PDBJ 
_pdbx_database_status.status_code_cs                  ? 
_pdbx_database_status.methods_development_category    ? 
_pdbx_database_status.pdb_format_compatible           Y 
_pdbx_database_status.status_code_nmr_data            ? 
# 
loop_
_audit_author.name 
_audit_author.pdbx_ordinal 
_audit_author.identifier_ORCID 
'Chen, M.'    1 ? 
'Zhang, W.Q.' 2 ? 
'Zhou, Z.C.'  3 ? 
# 
_citation.abstract                  ? 
_citation.abstract_id_CAS           ? 
_citation.book_id_ISBN              ? 
_citation.book_publisher            ? 
_citation.book_publisher_city       ? 
_citation.book_title                ? 
_citation.coordinate_linkage        ? 
_citation.country                   ? 
_citation.database_id_Medline       ? 
_citation.details                   ? 
_citation.id                        primary 
_citation.journal_abbrev            'To be published' 
_citation.journal_id_ASTM           ? 
_citation.journal_id_CSD            0353 
_citation.journal_id_ISSN           ? 
_citation.journal_full              ? 
_citation.journal_issue             ? 
_citation.journal_volume            ? 
_citation.language                  ? 
_citation.page_first                ? 
_citation.page_last                 ? 
_citation.title                     'Topological Structure and Dynamic Assembly of the STRIPAK Complex' 
_citation.year                      ? 
_citation.database_id_CSD           ? 
_citation.pdbx_database_id_DOI      ? 
_citation.pdbx_database_id_PubMed   ? 
_citation.unpublished_flag          ? 
# 
loop_
_citation_author.citation_id 
_citation_author.name 
_citation_author.ordinal 
_citation_author.identifier_ORCID 
primary 'Chen, M.'   1 ? 
primary 'Zhou, Z.C.' 2 ? 
# 
loop_
_entity.id 
_entity.type 
_entity.src_method 
_entity.pdbx_description 
_entity.formula_weight 
_entity.pdbx_number_of_molecules 
_entity.pdbx_ec 
_entity.pdbx_mutation 
_entity.pdbx_fragment 
_entity.details 
1 polymer man 'Vacuolar protein sorting-associated protein 64' 15677.396 1   ? 'L167M, T269M' 'UNP residues 160-295' ? 
2 water   nat water                                            18.015    118 ? ?              ?                      ? 
# 
_entity_name_com.entity_id   1 
_entity_name_com.name        'Factor arrest protein 9' 
# 
_entity_poly.entity_id                      1 
_entity_poly.type                           'polypeptide(L)' 
_entity_poly.nstd_linkage                   no 
_entity_poly.nstd_monomer                   yes 
_entity_poly.pdbx_seq_one_letter_code       
;GA(MSE)AHIIILKS(MSE)NATFETKFLVVPFKPDGLKLGRPVTNSVNKNNSGSKRDLFSQQVRPDNGNFDSRVLSRNH
ACLSCDPTSGKIYIRDLKSSNGTFVNGVKIRQNDVELKVGD(MSE)VDLGTDIDSKFEHRKISAYVEEISVI
;
_entity_poly.pdbx_seq_one_letter_code_can   
;GAMAHIIILKSMNATFETKFLVVPFKPDGLKLGRPVTNSVNKNNSGSKRDLFSQQVRPDNGNFDSRVLSRNHACLSCDPT
SGKIYIRDLKSSNGTFVNGVKIRQNDVELKVGDMVDLGTDIDSKFEHRKISAYVEEISVI
;
_entity_poly.pdbx_strand_id                 A 
_entity_poly.pdbx_target_identifier         ? 
# 
_pdbx_entity_nonpoly.entity_id   2 
_pdbx_entity_nonpoly.name        water 
_pdbx_entity_nonpoly.comp_id     HOH 
# 
loop_
_entity_poly_seq.entity_id 
_entity_poly_seq.num 
_entity_poly_seq.mon_id 
_entity_poly_seq.hetero 
1 1   GLY n 
1 2   ALA n 
1 3   MSE n 
1 4   ALA n 
1 5   HIS n 
1 6   ILE n 
1 7   ILE n 
1 8   ILE n 
1 9   LEU n 
1 10  LYS n 
1 11  SER n 
1 12  MSE n 
1 13  ASN n 
1 14  ALA n 
1 15  THR n 
1 16  PHE n 
1 17  GLU n 
1 18  THR n 
1 19  LYS n 
1 20  PHE n 
1 21  LEU n 
1 22  VAL n 
1 23  VAL n 
1 24  PRO n 
1 25  PHE n 
1 26  LYS n 
1 27  PRO n 
1 28  ASP n 
1 29  GLY n 
1 30  LEU n 
1 31  LYS n 
1 32  LEU n 
1 33  GLY n 
1 34  ARG n 
1 35  PRO n 
1 36  VAL n 
1 37  THR n 
1 38  ASN n 
1 39  SER n 
1 40  VAL n 
1 41  ASN n 
1 42  LYS n 
1 43  ASN n 
1 44  ASN n 
1 45  SER n 
1 46  GLY n 
1 47  SER n 
1 48  LYS n 
1 49  ARG n 
1 50  ASP n 
1 51  LEU n 
1 52  PHE n 
1 53  SER n 
1 54  GLN n 
1 55  GLN n 
1 56  VAL n 
1 57  ARG n 
1 58  PRO n 
1 59  ASP n 
1 60  ASN n 
1 61  GLY n 
1 62  ASN n 
1 63  PHE n 
1 64  ASP n 
1 65  SER n 
1 66  ARG n 
1 67  VAL n 
1 68  LEU n 
1 69  SER n 
1 70  ARG n 
1 71  ASN n 
1 72  HIS n 
1 73  ALA n 
1 74  CYS n 
1 75  LEU n 
1 76  SER n 
1 77  CYS n 
1 78  ASP n 
1 79  PRO n 
1 80  THR n 
1 81  SER n 
1 82  GLY n 
1 83  LYS n 
1 84  ILE n 
1 85  TYR n 
1 86  ILE n 
1 87  ARG n 
1 88  ASP n 
1 89  LEU n 
1 90  LYS n 
1 91  SER n 
1 92  SER n 
1 93  ASN n 
1 94  GLY n 
1 95  THR n 
1 96  PHE n 
1 97  VAL n 
1 98  ASN n 
1 99  GLY n 
1 100 VAL n 
1 101 LYS n 
1 102 ILE n 
1 103 ARG n 
1 104 GLN n 
1 105 ASN n 
1 106 ASP n 
1 107 VAL n 
1 108 GLU n 
1 109 LEU n 
1 110 LYS n 
1 111 VAL n 
1 112 GLY n 
1 113 ASP n 
1 114 MSE n 
1 115 VAL n 
1 116 ASP n 
1 117 LEU n 
1 118 GLY n 
1 119 THR n 
1 120 ASP n 
1 121 ILE n 
1 122 ASP n 
1 123 SER n 
1 124 LYS n 
1 125 PHE n 
1 126 GLU n 
1 127 HIS n 
1 128 ARG n 
1 129 LYS n 
1 130 ILE n 
1 131 SER n 
1 132 ALA n 
1 133 TYR n 
1 134 VAL n 
1 135 GLU n 
1 136 GLU n 
1 137 ILE n 
1 138 SER n 
1 139 VAL n 
1 140 ILE n 
# 
_entity_src_gen.entity_id                          1 
_entity_src_gen.pdbx_src_id                        1 
_entity_src_gen.pdbx_alt_source_flag               sample 
_entity_src_gen.pdbx_seq_type                      'Biological sequence' 
_entity_src_gen.pdbx_beg_seq_num                   1 
_entity_src_gen.pdbx_end_seq_num                   140 
_entity_src_gen.gene_src_common_name               
;Baker's yeast
;
_entity_src_gen.gene_src_genus                     ? 
_entity_src_gen.pdbx_gene_src_gene                 'VPS64, FAR9, YDR200C, YD9346.10C' 
_entity_src_gen.gene_src_species                   ? 
_entity_src_gen.gene_src_strain                    'ATCC 204508 / S288c' 
_entity_src_gen.gene_src_tissue                    ? 
_entity_src_gen.gene_src_tissue_fraction           ? 
_entity_src_gen.gene_src_details                   ? 
_entity_src_gen.pdbx_gene_src_fragment             ? 
_entity_src_gen.pdbx_gene_src_scientific_name      'Saccharomyces cerevisiae' 
_entity_src_gen.pdbx_gene_src_ncbi_taxonomy_id     559292 
_entity_src_gen.pdbx_gene_src_variant              ? 
_entity_src_gen.pdbx_gene_src_cell_line            ? 
_entity_src_gen.pdbx_gene_src_atcc                 ? 
_entity_src_gen.pdbx_gene_src_organ                ? 
_entity_src_gen.pdbx_gene_src_organelle            ? 
_entity_src_gen.pdbx_gene_src_cell                 ? 
_entity_src_gen.pdbx_gene_src_cellular_location    ? 
_entity_src_gen.host_org_common_name               ? 
_entity_src_gen.pdbx_host_org_scientific_name      'Escherichia coli BL21(DE3)' 
_entity_src_gen.pdbx_host_org_ncbi_taxonomy_id     469008 
_entity_src_gen.host_org_genus                     ? 
_entity_src_gen.pdbx_host_org_gene                 ? 
_entity_src_gen.pdbx_host_org_organ                ? 
_entity_src_gen.host_org_species                   ? 
_entity_src_gen.pdbx_host_org_tissue               ? 
_entity_src_gen.pdbx_host_org_tissue_fraction      ? 
_entity_src_gen.pdbx_host_org_strain               'BL21(DE3)' 
_entity_src_gen.pdbx_host_org_variant              CodonPlus 
_entity_src_gen.pdbx_host_org_cell_line            ? 
_entity_src_gen.pdbx_host_org_atcc                 ? 
_entity_src_gen.pdbx_host_org_culture_collection   ? 
_entity_src_gen.pdbx_host_org_cell                 ? 
_entity_src_gen.pdbx_host_org_organelle            ? 
_entity_src_gen.pdbx_host_org_cellular_location    ? 
_entity_src_gen.pdbx_host_org_vector_type          ? 
_entity_src_gen.pdbx_host_org_vector               ? 
_entity_src_gen.host_org_details                   ? 
_entity_src_gen.expression_system_id               ? 
_entity_src_gen.plasmid_name                       ? 
_entity_src_gen.plasmid_details                    ? 
_entity_src_gen.pdbx_description                   ? 
# 
loop_
_chem_comp.id 
_chem_comp.type 
_chem_comp.mon_nstd_flag 
_chem_comp.name 
_chem_comp.pdbx_synonyms 
_chem_comp.formula 
_chem_comp.formula_weight 
ALA 'L-peptide linking' y ALANINE          ? 'C3 H7 N O2'     89.093  
ARG 'L-peptide linking' y ARGININE         ? 'C6 H15 N4 O2 1' 175.209 
ASN 'L-peptide linking' y ASPARAGINE       ? 'C4 H8 N2 O3'    132.118 
ASP 'L-peptide linking' y 'ASPARTIC ACID'  ? 'C4 H7 N O4'     133.103 
CYS 'L-peptide linking' y CYSTEINE         ? 'C3 H7 N O2 S'   121.158 
GLN 'L-peptide linking' y GLUTAMINE        ? 'C5 H10 N2 O3'   146.144 
GLU 'L-peptide linking' y 'GLUTAMIC ACID'  ? 'C5 H9 N O4'     147.129 
GLY 'peptide linking'   y GLYCINE          ? 'C2 H5 N O2'     75.067  
HIS 'L-peptide linking' y HISTIDINE        ? 'C6 H10 N3 O2 1' 156.162 
HOH non-polymer         . WATER            ? 'H2 O'           18.015  
ILE 'L-peptide linking' y ISOLEUCINE       ? 'C6 H13 N O2'    131.173 
LEU 'L-peptide linking' y LEUCINE          ? 'C6 H13 N O2'    131.173 
LYS 'L-peptide linking' y LYSINE           ? 'C6 H15 N2 O2 1' 147.195 
MSE 'L-peptide linking' n SELENOMETHIONINE ? 'C5 H11 N O2 Se' 196.106 
PHE 'L-peptide linking' y PHENYLALANINE    ? 'C9 H11 N O2'    165.189 
PRO 'L-peptide linking' y PROLINE          ? 'C5 H9 N O2'     115.130 
SER 'L-peptide linking' y SERINE           ? 'C3 H7 N O3'     105.093 
THR 'L-peptide linking' y THREONINE        ? 'C4 H9 N O3'     119.119 
TYR 'L-peptide linking' y TYROSINE         ? 'C9 H11 N O3'    181.189 
VAL 'L-peptide linking' y VALINE           ? 'C5 H11 N O2'    117.146 
# 
loop_
_pdbx_poly_seq_scheme.asym_id 
_pdbx_poly_seq_scheme.entity_id 
_pdbx_poly_seq_scheme.seq_id 
_pdbx_poly_seq_scheme.mon_id 
_pdbx_poly_seq_scheme.ndb_seq_num 
_pdbx_poly_seq_scheme.pdb_seq_num 
_pdbx_poly_seq_scheme.auth_seq_num 
_pdbx_poly_seq_scheme.pdb_mon_id 
_pdbx_poly_seq_scheme.auth_mon_id 
_pdbx_poly_seq_scheme.pdb_strand_id 
_pdbx_poly_seq_scheme.pdb_ins_code 
_pdbx_poly_seq_scheme.hetero 
A 1 1   GLY 1   156 ?   ?   ?   A . n 
A 1 2   ALA 2   157 ?   ?   ?   A . n 
A 1 3   MSE 3   158 158 MSE MSE A . n 
A 1 4   ALA 4   159 159 ALA ALA A . n 
A 1 5   HIS 5   160 160 HIS HIS A . n 
A 1 6   ILE 6   161 161 ILE ILE A . n 
A 1 7   ILE 7   162 162 ILE ILE A . n 
A 1 8   ILE 8   163 163 ILE ILE A . n 
A 1 9   LEU 9   164 164 LEU LEU A . n 
A 1 10  LYS 10  165 165 LYS LYS A . n 
A 1 11  SER 11  166 166 SER SER A . n 
A 1 12  MSE 12  167 167 MSE MSE A . n 
A 1 13  ASN 13  168 168 ASN ASN A . n 
A 1 14  ALA 14  169 169 ALA ALA A . n 
A 1 15  THR 15  170 170 THR THR A . n 
A 1 16  PHE 16  171 171 PHE PHE A . n 
A 1 17  GLU 17  172 172 GLU GLU A . n 
A 1 18  THR 18  173 173 THR THR A . n 
A 1 19  LYS 19  174 174 LYS LYS A . n 
A 1 20  PHE 20  175 175 PHE PHE A . n 
A 1 21  LEU 21  176 176 LEU LEU A . n 
A 1 22  VAL 22  177 177 VAL VAL A . n 
A 1 23  VAL 23  178 178 VAL VAL A . n 
A 1 24  PRO 24  179 179 PRO PRO A . n 
A 1 25  PHE 25  180 180 PHE PHE A . n 
A 1 26  LYS 26  181 181 LYS LYS A . n 
A 1 27  PRO 27  182 182 PRO PRO A . n 
A 1 28  ASP 28  183 183 ASP ASP A . n 
A 1 29  GLY 29  184 184 GLY GLY A . n 
A 1 30  LEU 30  185 185 LEU LEU A . n 
A 1 31  LYS 31  186 186 LYS LYS A . n 
A 1 32  LEU 32  187 187 LEU LEU A . n 
A 1 33  GLY 33  188 188 GLY GLY A . n 
A 1 34  ARG 34  189 189 ARG ARG A . n 
A 1 35  PRO 35  190 190 PRO PRO A . n 
A 1 36  VAL 36  191 ?   ?   ?   A . n 
A 1 37  THR 37  192 ?   ?   ?   A . n 
A 1 38  ASN 38  193 ?   ?   ?   A . n 
A 1 39  SER 39  194 ?   ?   ?   A . n 
A 1 40  VAL 40  195 ?   ?   ?   A . n 
A 1 41  ASN 41  196 ?   ?   ?   A . n 
A 1 42  LYS 42  197 ?   ?   ?   A . n 
A 1 43  ASN 43  198 198 ASN ASN A . n 
A 1 44  ASN 44  199 199 ASN ASN A . n 
A 1 45  SER 45  200 200 SER SER A . n 
A 1 46  GLY 46  201 201 GLY GLY A . n 
A 1 47  SER 47  202 202 SER SER A . n 
A 1 48  LYS 48  203 203 LYS LYS A . n 
A 1 49  ARG 49  204 204 ARG ARG A . n 
A 1 50  ASP 50  205 205 ASP ASP A . n 
A 1 51  LEU 51  206 206 LEU LEU A . n 
A 1 52  PHE 52  207 207 PHE PHE A . n 
A 1 53  SER 53  208 208 SER SER A . n 
A 1 54  GLN 54  209 209 GLN GLN A . n 
A 1 55  GLN 55  210 210 GLN GLN A . n 
A 1 56  VAL 56  211 211 VAL VAL A . n 
A 1 57  ARG 57  212 212 ARG ARG A . n 
A 1 58  PRO 58  213 213 PRO PRO A . n 
A 1 59  ASP 59  214 214 ASP ASP A . n 
A 1 60  ASN 60  215 215 ASN ASN A . n 
A 1 61  GLY 61  216 216 GLY GLY A . n 
A 1 62  ASN 62  217 217 ASN ASN A . n 
A 1 63  PHE 63  218 218 PHE PHE A . n 
A 1 64  ASP 64  219 219 ASP ASP A . n 
A 1 65  SER 65  220 220 SER SER A . n 
A 1 66  ARG 66  221 221 ARG ARG A . n 
A 1 67  VAL 67  222 222 VAL VAL A . n 
A 1 68  LEU 68  223 223 LEU LEU A . n 
A 1 69  SER 69  224 224 SER SER A . n 
A 1 70  ARG 70  225 225 ARG ARG A . n 
A 1 71  ASN 71  226 226 ASN ASN A . n 
A 1 72  HIS 72  227 227 HIS HIS A . n 
A 1 73  ALA 73  228 228 ALA ALA A . n 
A 1 74  CYS 74  229 229 CYS CYS A . n 
A 1 75  LEU 75  230 230 LEU LEU A . n 
A 1 76  SER 76  231 231 SER SER A . n 
A 1 77  CYS 77  232 232 CYS CYS A . n 
A 1 78  ASP 78  233 233 ASP ASP A . n 
A 1 79  PRO 79  234 234 PRO PRO A . n 
A 1 80  THR 80  235 235 THR THR A . n 
A 1 81  SER 81  236 236 SER SER A . n 
A 1 82  GLY 82  237 237 GLY GLY A . n 
A 1 83  LYS 83  238 238 LYS LYS A . n 
A 1 84  ILE 84  239 239 ILE ILE A . n 
A 1 85  TYR 85  240 240 TYR TYR A . n 
A 1 86  ILE 86  241 241 ILE ILE A . n 
A 1 87  ARG 87  242 242 ARG ARG A . n 
A 1 88  ASP 88  243 243 ASP ASP A . n 
A 1 89  LEU 89  244 244 LEU LEU A . n 
A 1 90  LYS 90  245 245 LYS LYS A . n 
A 1 91  SER 91  246 246 SER SER A . n 
A 1 92  SER 92  247 247 SER SER A . n 
A 1 93  ASN 93  248 248 ASN ASN A . n 
A 1 94  GLY 94  249 249 GLY GLY A . n 
A 1 95  THR 95  250 250 THR THR A . n 
A 1 96  PHE 96  251 251 PHE PHE A . n 
A 1 97  VAL 97  252 252 VAL VAL A . n 
A 1 98  ASN 98  253 253 ASN ASN A . n 
A 1 99  GLY 99  254 254 GLY GLY A . n 
A 1 100 VAL 100 255 255 VAL VAL A . n 
A 1 101 LYS 101 256 256 LYS LYS A . n 
A 1 102 ILE 102 257 257 ILE ILE A . n 
A 1 103 ARG 103 258 258 ARG ARG A . n 
A 1 104 GLN 104 259 259 GLN GLN A . n 
A 1 105 ASN 105 260 260 ASN ASN A . n 
A 1 106 ASP 106 261 261 ASP ASP A . n 
A 1 107 VAL 107 262 262 VAL VAL A . n 
A 1 108 GLU 108 263 263 GLU GLU A . n 
A 1 109 LEU 109 264 264 LEU LEU A . n 
A 1 110 LYS 110 265 265 LYS LYS A . n 
A 1 111 VAL 111 266 266 VAL VAL A . n 
A 1 112 GLY 112 267 267 GLY GLY A . n 
A 1 113 ASP 113 268 268 ASP ASP A . n 
A 1 114 MSE 114 269 269 MSE MSE A . n 
A 1 115 VAL 115 270 270 VAL VAL A . n 
A 1 116 ASP 116 271 271 ASP ASP A . n 
A 1 117 LEU 117 272 272 LEU LEU A . n 
A 1 118 GLY 118 273 273 GLY GLY A . n 
A 1 119 THR 119 274 274 THR THR A . n 
A 1 120 ASP 120 275 275 ASP ASP A . n 
A 1 121 ILE 121 276 276 ILE ILE A . n 
A 1 122 ASP 122 277 277 ASP ASP A . n 
A 1 123 SER 123 278 278 SER SER A . n 
A 1 124 LYS 124 279 279 LYS LYS A . n 
A 1 125 PHE 125 280 280 PHE PHE A . n 
A 1 126 GLU 126 281 281 GLU GLU A . n 
A 1 127 HIS 127 282 282 HIS HIS A . n 
A 1 128 ARG 128 283 283 ARG ARG A . n 
A 1 129 LYS 129 284 284 LYS LYS A . n 
A 1 130 ILE 130 285 285 ILE ILE A . n 
A 1 131 SER 131 286 286 SER SER A . n 
A 1 132 ALA 132 287 287 ALA ALA A . n 
A 1 133 TYR 133 288 288 TYR TYR A . n 
A 1 134 VAL 134 289 289 VAL VAL A . n 
A 1 135 GLU 135 290 290 GLU GLU A . n 
A 1 136 GLU 136 291 291 GLU GLU A . n 
A 1 137 ILE 137 292 292 ILE ILE A . n 
A 1 138 SER 138 293 293 SER SER A . n 
A 1 139 VAL 139 294 294 VAL VAL A . n 
A 1 140 ILE 140 295 295 ILE ILE A . n 
# 
loop_
_pdbx_nonpoly_scheme.asym_id 
_pdbx_nonpoly_scheme.entity_id 
_pdbx_nonpoly_scheme.mon_id 
_pdbx_nonpoly_scheme.ndb_seq_num 
_pdbx_nonpoly_scheme.pdb_seq_num 
_pdbx_nonpoly_scheme.auth_seq_num 
_pdbx_nonpoly_scheme.pdb_mon_id 
_pdbx_nonpoly_scheme.auth_mon_id 
_pdbx_nonpoly_scheme.pdb_strand_id 
_pdbx_nonpoly_scheme.pdb_ins_code 
B 2 HOH 1   301 111 HOH HOH A . 
B 2 HOH 2   302 74  HOH HOH A . 
B 2 HOH 3   303 49  HOH HOH A . 
B 2 HOH 4   304 104 HOH HOH A . 
B 2 HOH 5   305 19  HOH HOH A . 
B 2 HOH 6   306 27  HOH HOH A . 
B 2 HOH 7   307 20  HOH HOH A . 
B 2 HOH 8   308 68  HOH HOH A . 
B 2 HOH 9   309 2   HOH HOH A . 
B 2 HOH 10  310 48  HOH HOH A . 
B 2 HOH 11  311 6   HOH HOH A . 
B 2 HOH 12  312 109 HOH HOH A . 
B 2 HOH 13  313 86  HOH HOH A . 
B 2 HOH 14  314 76  HOH HOH A . 
B 2 HOH 15  315 113 HOH HOH A . 
B 2 HOH 16  316 79  HOH HOH A . 
B 2 HOH 17  317 10  HOH HOH A . 
B 2 HOH 18  318 81  HOH HOH A . 
B 2 HOH 19  319 56  HOH HOH A . 
B 2 HOH 20  320 39  HOH HOH A . 
B 2 HOH 21  321 14  HOH HOH A . 
B 2 HOH 22  322 99  HOH HOH A . 
B 2 HOH 23  323 41  HOH HOH A . 
B 2 HOH 24  324 1   HOH HOH A . 
B 2 HOH 25  325 83  HOH HOH A . 
B 2 HOH 26  326 15  HOH HOH A . 
B 2 HOH 27  327 4   HOH HOH A . 
B 2 HOH 28  328 77  HOH HOH A . 
B 2 HOH 29  329 5   HOH HOH A . 
B 2 HOH 30  330 44  HOH HOH A . 
B 2 HOH 31  331 16  HOH HOH A . 
B 2 HOH 32  332 3   HOH HOH A . 
B 2 HOH 33  333 92  HOH HOH A . 
B 2 HOH 34  334 28  HOH HOH A . 
B 2 HOH 35  335 40  HOH HOH A . 
B 2 HOH 36  336 106 HOH HOH A . 
B 2 HOH 37  337 72  HOH HOH A . 
B 2 HOH 38  338 65  HOH HOH A . 
B 2 HOH 39  339 60  HOH HOH A . 
B 2 HOH 40  340 22  HOH HOH A . 
B 2 HOH 41  341 82  HOH HOH A . 
B 2 HOH 42  342 29  HOH HOH A . 
B 2 HOH 43  343 8   HOH HOH A . 
B 2 HOH 44  344 57  HOH HOH A . 
B 2 HOH 45  345 54  HOH HOH A . 
B 2 HOH 46  346 12  HOH HOH A . 
B 2 HOH 47  347 46  HOH HOH A . 
B 2 HOH 48  348 7   HOH HOH A . 
B 2 HOH 49  349 25  HOH HOH A . 
B 2 HOH 50  350 17  HOH HOH A . 
B 2 HOH 51  351 87  HOH HOH A . 
B 2 HOH 52  352 75  HOH HOH A . 
B 2 HOH 53  353 53  HOH HOH A . 
B 2 HOH 54  354 61  HOH HOH A . 
B 2 HOH 55  355 26  HOH HOH A . 
B 2 HOH 56  356 42  HOH HOH A . 
B 2 HOH 57  357 9   HOH HOH A . 
B 2 HOH 58  358 11  HOH HOH A . 
B 2 HOH 59  359 45  HOH HOH A . 
B 2 HOH 60  360 51  HOH HOH A . 
B 2 HOH 61  361 36  HOH HOH A . 
B 2 HOH 62  362 95  HOH HOH A . 
B 2 HOH 63  363 55  HOH HOH A . 
B 2 HOH 64  364 80  HOH HOH A . 
B 2 HOH 65  365 64  HOH HOH A . 
B 2 HOH 66  366 84  HOH HOH A . 
B 2 HOH 67  367 33  HOH HOH A . 
B 2 HOH 68  368 118 HOH HOH A . 
B 2 HOH 69  369 62  HOH HOH A . 
B 2 HOH 70  370 21  HOH HOH A . 
B 2 HOH 71  371 13  HOH HOH A . 
B 2 HOH 72  372 59  HOH HOH A . 
B 2 HOH 73  373 30  HOH HOH A . 
B 2 HOH 74  374 47  HOH HOH A . 
B 2 HOH 75  375 32  HOH HOH A . 
B 2 HOH 76  376 24  HOH HOH A . 
B 2 HOH 77  377 43  HOH HOH A . 
B 2 HOH 78  378 93  HOH HOH A . 
B 2 HOH 79  379 38  HOH HOH A . 
B 2 HOH 80  380 50  HOH HOH A . 
B 2 HOH 81  381 114 HOH HOH A . 
B 2 HOH 82  382 69  HOH HOH A . 
B 2 HOH 83  383 97  HOH HOH A . 
B 2 HOH 84  384 70  HOH HOH A . 
B 2 HOH 85  385 98  HOH HOH A . 
B 2 HOH 86  386 89  HOH HOH A . 
B 2 HOH 87  387 18  HOH HOH A . 
B 2 HOH 88  388 110 HOH HOH A . 
B 2 HOH 89  389 90  HOH HOH A . 
B 2 HOH 90  390 96  HOH HOH A . 
B 2 HOH 91  391 103 HOH HOH A . 
B 2 HOH 92  392 94  HOH HOH A . 
B 2 HOH 93  393 105 HOH HOH A . 
B 2 HOH 94  394 34  HOH HOH A . 
B 2 HOH 95  395 117 HOH HOH A . 
B 2 HOH 96  396 101 HOH HOH A . 
B 2 HOH 97  397 115 HOH HOH A . 
B 2 HOH 98  398 73  HOH HOH A . 
B 2 HOH 99  399 58  HOH HOH A . 
B 2 HOH 100 400 88  HOH HOH A . 
B 2 HOH 101 401 85  HOH HOH A . 
B 2 HOH 102 402 37  HOH HOH A . 
B 2 HOH 103 403 66  HOH HOH A . 
B 2 HOH 104 404 100 HOH HOH A . 
B 2 HOH 105 405 63  HOH HOH A . 
B 2 HOH 106 406 23  HOH HOH A . 
B 2 HOH 107 407 112 HOH HOH A . 
B 2 HOH 108 408 35  HOH HOH A . 
B 2 HOH 109 409 71  HOH HOH A . 
B 2 HOH 110 410 102 HOH HOH A . 
B 2 HOH 111 411 78  HOH HOH A . 
B 2 HOH 112 412 31  HOH HOH A . 
B 2 HOH 113 413 67  HOH HOH A . 
B 2 HOH 114 414 91  HOH HOH A . 
B 2 HOH 115 415 107 HOH HOH A . 
B 2 HOH 116 416 52  HOH HOH A . 
B 2 HOH 117 417 116 HOH HOH A . 
B 2 HOH 118 418 108 HOH HOH A . 
# 
loop_
_pdbx_unobs_or_zero_occ_atoms.id 
_pdbx_unobs_or_zero_occ_atoms.PDB_model_num 
_pdbx_unobs_or_zero_occ_atoms.polymer_flag 
_pdbx_unobs_or_zero_occ_atoms.occupancy_flag 
_pdbx_unobs_or_zero_occ_atoms.auth_asym_id 
_pdbx_unobs_or_zero_occ_atoms.auth_comp_id 
_pdbx_unobs_or_zero_occ_atoms.auth_seq_id 
_pdbx_unobs_or_zero_occ_atoms.PDB_ins_code 
_pdbx_unobs_or_zero_occ_atoms.auth_atom_id 
_pdbx_unobs_or_zero_occ_atoms.label_alt_id 
_pdbx_unobs_or_zero_occ_atoms.label_asym_id 
_pdbx_unobs_or_zero_occ_atoms.label_comp_id 
_pdbx_unobs_or_zero_occ_atoms.label_seq_id 
_pdbx_unobs_or_zero_occ_atoms.label_atom_id 
1  1 Y 1 A GLU 172 ? CG  ? A GLU 17  CG  
2  1 Y 1 A GLU 172 ? CD  ? A GLU 17  CD  
3  1 Y 1 A GLU 172 ? OE1 ? A GLU 17  OE1 
4  1 Y 1 A GLU 172 ? OE2 ? A GLU 17  OE2 
5  1 Y 1 A LYS 186 ? CG  ? A LYS 31  CG  
6  1 Y 1 A LYS 186 ? CD  ? A LYS 31  CD  
7  1 Y 1 A LYS 186 ? CE  ? A LYS 31  CE  
8  1 Y 1 A LYS 186 ? NZ  ? A LYS 31  NZ  
9  1 Y 1 A ASN 198 ? CG  ? A ASN 43  CG  
10 1 Y 1 A ASN 198 ? OD1 ? A ASN 43  OD1 
11 1 Y 1 A ASN 198 ? ND2 ? A ASN 43  ND2 
12 1 Y 1 A LYS 203 ? CG  ? A LYS 48  CG  
13 1 Y 1 A LYS 203 ? CD  ? A LYS 48  CD  
14 1 Y 1 A LYS 203 ? CE  ? A LYS 48  CE  
15 1 Y 1 A LYS 203 ? NZ  ? A LYS 48  NZ  
16 1 Y 1 A ARG 204 ? CG  ? A ARG 49  CG  
17 1 Y 1 A ARG 204 ? CD  ? A ARG 49  CD  
18 1 Y 1 A ARG 204 ? NE  ? A ARG 49  NE  
19 1 Y 1 A ARG 204 ? CZ  ? A ARG 49  CZ  
20 1 Y 1 A ARG 204 ? NH1 ? A ARG 49  NH1 
21 1 Y 1 A ARG 204 ? NH2 ? A ARG 49  NH2 
22 1 Y 1 A LEU 206 ? CG  ? A LEU 51  CG  
23 1 Y 1 A LEU 206 ? CD1 ? A LEU 51  CD1 
24 1 Y 1 A LEU 206 ? CD2 ? A LEU 51  CD2 
25 1 Y 1 A PHE 207 ? CG  ? A PHE 52  CG  
26 1 Y 1 A PHE 207 ? CD1 ? A PHE 52  CD1 
27 1 Y 1 A PHE 207 ? CD2 ? A PHE 52  CD2 
28 1 Y 1 A PHE 207 ? CE1 ? A PHE 52  CE1 
29 1 Y 1 A PHE 207 ? CE2 ? A PHE 52  CE2 
30 1 Y 1 A PHE 207 ? CZ  ? A PHE 52  CZ  
31 1 Y 1 A GLN 209 ? CG  ? A GLN 54  CG  
32 1 Y 1 A GLN 209 ? CD  ? A GLN 54  CD  
33 1 Y 1 A GLN 209 ? OE1 ? A GLN 54  OE1 
34 1 Y 1 A GLN 209 ? NE2 ? A GLN 54  NE2 
35 1 Y 1 A ARG 225 ? CZ  ? A ARG 70  CZ  
36 1 Y 1 A ARG 225 ? NH1 ? A ARG 70  NH1 
37 1 Y 1 A ARG 225 ? NH2 ? A ARG 70  NH2 
38 1 Y 1 A ILE 295 ? CG1 ? A ILE 140 CG1 
39 1 Y 1 A ILE 295 ? CG2 ? A ILE 140 CG2 
40 1 Y 1 A ILE 295 ? CD1 ? A ILE 140 CD1 
# 
loop_
_software.citation_id 
_software.classification 
_software.compiler_name 
_software.compiler_version 
_software.contact_author 
_software.contact_author_email 
_software.date 
_software.description 
_software.dependencies 
_software.hardware 
_software.language 
_software.location 
_software.mods 
_software.name 
_software.os 
_software.os_version 
_software.type 
_software.version 
_software.pdbx_ordinal 
? refinement       ? ? ? ? ? ? ? ? ? ? ? PHENIX   ? ? ? '(1.12_2829: ???)' 1 
? 'data reduction' ? ? ? ? ? ? ? ? ? ? ? HKL-2000 ? ? ? .                  2 
? 'data scaling'   ? ? ? ? ? ? ? ? ? ? ? HKL-2000 ? ? ? .                  3 
? phasing          ? ? ? ? ? ? ? ? ? ? ? PHENIX   ? ? ? .                  4 
# 
_cell.angle_alpha                  90.00 
_cell.angle_alpha_esd              ? 
_cell.angle_beta                   90.00 
_cell.angle_beta_esd               ? 
_cell.angle_gamma                  90.00 
_cell.angle_gamma_esd              ? 
_cell.entry_id                     6A8W 
_cell.details                      ? 
_cell.formula_units_Z              ? 
_cell.length_a                     31.991 
_cell.length_a_esd                 ? 
_cell.length_b                     59.414 
_cell.length_b_esd                 ? 
_cell.length_c                     64.984 
_cell.length_c_esd                 ? 
_cell.volume                       ? 
_cell.volume_esd                   ? 
_cell.Z_PDB                        4 
_cell.reciprocal_angle_alpha       ? 
_cell.reciprocal_angle_beta        ? 
_cell.reciprocal_angle_gamma       ? 
_cell.reciprocal_angle_alpha_esd   ? 
_cell.reciprocal_angle_beta_esd    ? 
_cell.reciprocal_angle_gamma_esd   ? 
_cell.reciprocal_length_a          ? 
_cell.reciprocal_length_b          ? 
_cell.reciprocal_length_c          ? 
_cell.reciprocal_length_a_esd      ? 
_cell.reciprocal_length_b_esd      ? 
_cell.reciprocal_length_c_esd      ? 
_cell.pdbx_unique_axis             ? 
# 
_symmetry.entry_id                         6A8W 
_symmetry.cell_setting                     ? 
_symmetry.Int_Tables_number                18 
_symmetry.space_group_name_Hall            ? 
_symmetry.space_group_name_H-M             'P 21 21 2' 
_symmetry.pdbx_full_space_group_name_H-M   ? 
# 
_exptl.absorpt_coefficient_mu     ? 
_exptl.absorpt_correction_T_max   ? 
_exptl.absorpt_correction_T_min   ? 
_exptl.absorpt_correction_type    ? 
_exptl.absorpt_process_details    ? 
_exptl.entry_id                   6A8W 
_exptl.crystals_number            1 
_exptl.details                    ? 
_exptl.method                     'X-RAY DIFFRACTION' 
_exptl.method_details             ? 
# 
_exptl_crystal.colour                      ? 
_exptl_crystal.density_diffrn              ? 
_exptl_crystal.density_Matthews            1.97 
_exptl_crystal.density_method              ? 
_exptl_crystal.density_percent_sol         37.43 
_exptl_crystal.description                 ? 
_exptl_crystal.F_000                       ? 
_exptl_crystal.id                          1 
_exptl_crystal.preparation                 ? 
_exptl_crystal.size_max                    ? 
_exptl_crystal.size_mid                    ? 
_exptl_crystal.size_min                    ? 
_exptl_crystal.size_rad                    ? 
_exptl_crystal.colour_lustre               ? 
_exptl_crystal.colour_modifier             ? 
_exptl_crystal.colour_primary              ? 
_exptl_crystal.density_meas                ? 
_exptl_crystal.density_meas_esd            ? 
_exptl_crystal.density_meas_gt             ? 
_exptl_crystal.density_meas_lt             ? 
_exptl_crystal.density_meas_temp           ? 
_exptl_crystal.density_meas_temp_esd       ? 
_exptl_crystal.density_meas_temp_gt        ? 
_exptl_crystal.density_meas_temp_lt        ? 
_exptl_crystal.pdbx_crystal_image_url      ? 
_exptl_crystal.pdbx_crystal_image_format   ? 
_exptl_crystal.pdbx_mosaicity              ? 
_exptl_crystal.pdbx_mosaicity_esd          ? 
# 
_exptl_crystal_grow.apparatus       ? 
_exptl_crystal_grow.atmosphere      ? 
_exptl_crystal_grow.crystal_id      1 
_exptl_crystal_grow.details         ? 
_exptl_crystal_grow.method          'VAPOR DIFFUSION, SITTING DROP' 
_exptl_crystal_grow.method_ref      ? 
_exptl_crystal_grow.pH              ? 
_exptl_crystal_grow.pressure        ? 
_exptl_crystal_grow.pressure_esd    ? 
_exptl_crystal_grow.seeding         ? 
_exptl_crystal_grow.seeding_ref     ? 
_exptl_crystal_grow.temp            289 
_exptl_crystal_grow.temp_details    ? 
_exptl_crystal_grow.temp_esd        ? 
_exptl_crystal_grow.time            ? 
_exptl_crystal_grow.pdbx_details    '6%(v/v) Tacsimate pH 6.0; 0.1M MES pH 6.0; 25%(w/v) polyethylene glycol 4,000.' 
_exptl_crystal_grow.pdbx_pH_range   ? 
# 
_diffrn.ambient_environment              ? 
_diffrn.ambient_temp                     100 
_diffrn.ambient_temp_details             ? 
_diffrn.ambient_temp_esd                 ? 
_diffrn.crystal_id                       1 
_diffrn.crystal_support                  ? 
_diffrn.crystal_treatment                ? 
_diffrn.details                          ? 
_diffrn.id                               1 
_diffrn.ambient_pressure                 ? 
_diffrn.ambient_pressure_esd             ? 
_diffrn.ambient_pressure_gt              ? 
_diffrn.ambient_pressure_lt              ? 
_diffrn.ambient_temp_gt                  ? 
_diffrn.ambient_temp_lt                  ? 
_diffrn.pdbx_serial_crystal_experiment   ? 
# 
_diffrn_detector.details                      ? 
_diffrn_detector.detector                     CCD 
_diffrn_detector.diffrn_id                    1 
_diffrn_detector.type                         'ADSC QUANTUM 315' 
_diffrn_detector.area_resol_mean              ? 
_diffrn_detector.dtime                        ? 
_diffrn_detector.pdbx_frames_total            ? 
_diffrn_detector.pdbx_collection_time_total   ? 
_diffrn_detector.pdbx_collection_date         2015-10-11 
_diffrn_detector.pdbx_frequency               ? 
# 
_diffrn_radiation.collimation                      ? 
_diffrn_radiation.diffrn_id                        1 
_diffrn_radiation.filter_edge                      ? 
_diffrn_radiation.inhomogeneity                    ? 
_diffrn_radiation.monochromator                    ? 
_diffrn_radiation.polarisn_norm                    ? 
_diffrn_radiation.polarisn_ratio                   ? 
_diffrn_radiation.probe                            ? 
_diffrn_radiation.type                             ? 
_diffrn_radiation.xray_symbol                      ? 
_diffrn_radiation.wavelength_id                    1 
_diffrn_radiation.pdbx_monochromatic_or_laue_m_l   M 
_diffrn_radiation.pdbx_wavelength_list             ? 
_diffrn_radiation.pdbx_wavelength                  ? 
_diffrn_radiation.pdbx_diffrn_protocol             'SINGLE WAVELENGTH' 
_diffrn_radiation.pdbx_analyzer                    ? 
_diffrn_radiation.pdbx_scattering_type             x-ray 
# 
_diffrn_radiation_wavelength.id           1 
_diffrn_radiation_wavelength.wavelength   0.9792 
_diffrn_radiation_wavelength.wt           1.0 
# 
_diffrn_source.current                     ? 
_diffrn_source.details                     ? 
_diffrn_source.diffrn_id                   1 
_diffrn_source.power                       ? 
_diffrn_source.size                        ? 
_diffrn_source.source                      SYNCHROTRON 
_diffrn_source.target                      ? 
_diffrn_source.type                        'SSRF BEAMLINE BL17U1' 
_diffrn_source.voltage                     ? 
_diffrn_source.take-off_angle              ? 
_diffrn_source.pdbx_wavelength_list        0.9792 
_diffrn_source.pdbx_wavelength             ? 
_diffrn_source.pdbx_synchrotron_beamline   BL17U1 
_diffrn_source.pdbx_synchrotron_site       SSRF 
# 
_reflns.B_iso_Wilson_estimate            19.42 
_reflns.entry_id                         6A8W 
_reflns.data_reduction_details           ? 
_reflns.data_reduction_method            ? 
_reflns.d_resolution_high                1.85 
_reflns.d_resolution_low                 50 
_reflns.details                          ? 
_reflns.limit_h_max                      ? 
_reflns.limit_h_min                      ? 
_reflns.limit_k_max                      ? 
_reflns.limit_k_min                      ? 
_reflns.limit_l_max                      ? 
_reflns.limit_l_min                      ? 
_reflns.number_all                       ? 
_reflns.number_obs                       11148 
_reflns.observed_criterion               ? 
_reflns.observed_criterion_F_max         ? 
_reflns.observed_criterion_F_min         ? 
_reflns.observed_criterion_I_max         ? 
_reflns.observed_criterion_I_min         ? 
_reflns.observed_criterion_sigma_F       ? 
_reflns.observed_criterion_sigma_I       ? 
_reflns.percent_possible_obs             99.6 
_reflns.R_free_details                   ? 
_reflns.Rmerge_F_all                     ? 
_reflns.Rmerge_F_obs                     ? 
_reflns.Friedel_coverage                 ? 
_reflns.number_gt                        ? 
_reflns.threshold_expression             ? 
_reflns.pdbx_redundancy                  13.2 
_reflns.pdbx_Rmerge_I_obs                0.186 
_reflns.pdbx_Rmerge_I_all                ? 
_reflns.pdbx_Rsym_value                  ? 
_reflns.pdbx_netI_over_av_sigmaI         ? 
_reflns.pdbx_netI_over_sigmaI            19.6 
_reflns.pdbx_res_netI_over_av_sigmaI_2   ? 
_reflns.pdbx_res_netI_over_sigmaI_2      ? 
_reflns.pdbx_chi_squared                 ? 
_reflns.pdbx_scaling_rejects             ? 
_reflns.pdbx_d_res_high_opt              ? 
_reflns.pdbx_d_res_low_opt               ? 
_reflns.pdbx_d_res_opt_method            ? 
_reflns.phase_calculation_details        ? 
_reflns.pdbx_Rrim_I_all                  0.193 
_reflns.pdbx_Rpim_I_all                  0.053 
_reflns.pdbx_d_opt                       ? 
_reflns.pdbx_number_measured_all         ? 
_reflns.pdbx_diffrn_id                   1 
_reflns.pdbx_ordinal                     1 
_reflns.pdbx_CC_half                     ? 
_reflns.pdbx_R_split                     ? 
# 
_reflns_shell.d_res_high                  1.85 
_reflns_shell.d_res_low                   1.88 
_reflns_shell.meanI_over_sigI_all         ? 
_reflns_shell.meanI_over_sigI_obs         2.4 
_reflns_shell.number_measured_all         ? 
_reflns_shell.number_measured_obs         ? 
_reflns_shell.number_possible             ? 
_reflns_shell.number_unique_all           ? 
_reflns_shell.number_unique_obs           550 
_reflns_shell.percent_possible_all        98.7 
_reflns_shell.percent_possible_obs        ? 
_reflns_shell.Rmerge_F_all                ? 
_reflns_shell.Rmerge_F_obs                ? 
_reflns_shell.Rmerge_I_all                ? 
_reflns_shell.Rmerge_I_obs                ? 
_reflns_shell.meanI_over_sigI_gt          ? 
_reflns_shell.meanI_over_uI_all           ? 
_reflns_shell.meanI_over_uI_gt            ? 
_reflns_shell.number_measured_gt          ? 
_reflns_shell.number_unique_gt            ? 
_reflns_shell.percent_possible_gt         ? 
_reflns_shell.Rmerge_F_gt                 ? 
_reflns_shell.Rmerge_I_gt                 ? 
_reflns_shell.pdbx_redundancy             11.1 
_reflns_shell.pdbx_Rsym_value             ? 
_reflns_shell.pdbx_chi_squared            ? 
_reflns_shell.pdbx_netI_over_sigmaI_all   ? 
_reflns_shell.pdbx_netI_over_sigmaI_obs   ? 
_reflns_shell.pdbx_Rrim_I_all             ? 
_reflns_shell.pdbx_Rpim_I_all             0.403 
_reflns_shell.pdbx_rejects                ? 
_reflns_shell.pdbx_ordinal                1 
_reflns_shell.pdbx_diffrn_id              1 
_reflns_shell.pdbx_CC_half                0.759 
_reflns_shell.pdbx_R_split                ? 
# 
_refine.aniso_B[1][1]                            ? 
_refine.aniso_B[1][2]                            ? 
_refine.aniso_B[1][3]                            ? 
_refine.aniso_B[2][2]                            ? 
_refine.aniso_B[2][3]                            ? 
_refine.aniso_B[3][3]                            ? 
_refine.B_iso_max                                ? 
_refine.B_iso_mean                               ? 
_refine.B_iso_min                                ? 
_refine.correlation_coeff_Fo_to_Fc               ? 
_refine.correlation_coeff_Fo_to_Fc_free          ? 
_refine.details                                  'SF FILE CONTAINS FRIEDEL PAIRS UNDER I_MINUS AND I_PLUS COLUMNS.' 
_refine.diff_density_max                         ? 
_refine.diff_density_max_esd                     ? 
_refine.diff_density_min                         ? 
_refine.diff_density_min_esd                     ? 
_refine.diff_density_rms                         ? 
_refine.diff_density_rms_esd                     ? 
_refine.entry_id                                 6A8W 
_refine.pdbx_refine_id                           'X-RAY DIFFRACTION' 
_refine.ls_abs_structure_details                 ? 
_refine.ls_abs_structure_Flack                   ? 
_refine.ls_abs_structure_Flack_esd               ? 
_refine.ls_abs_structure_Rogers                  ? 
_refine.ls_abs_structure_Rogers_esd              ? 
_refine.ls_d_res_high                            1.844 
_refine.ls_d_res_low                             29.707 
_refine.ls_extinction_coef                       ? 
_refine.ls_extinction_coef_esd                   ? 
_refine.ls_extinction_expression                 ? 
_refine.ls_extinction_method                     ? 
_refine.ls_goodness_of_fit_all                   ? 
_refine.ls_goodness_of_fit_all_esd               ? 
_refine.ls_goodness_of_fit_obs                   ? 
_refine.ls_goodness_of_fit_obs_esd               ? 
_refine.ls_hydrogen_treatment                    ? 
_refine.ls_matrix_type                           ? 
_refine.ls_number_constraints                    ? 
_refine.ls_number_parameters                     ? 
_refine.ls_number_reflns_all                     ? 
_refine.ls_number_reflns_obs                     11126 
_refine.ls_number_reflns_R_free                  2045 
_refine.ls_number_reflns_R_work                  ? 
_refine.ls_number_restraints                     ? 
_refine.ls_percent_reflns_obs                    99.30 
_refine.ls_percent_reflns_R_free                 9.97 
_refine.ls_R_factor_all                          ? 
_refine.ls_R_factor_obs                          0.1937 
_refine.ls_R_factor_R_free                       0.2227 
_refine.ls_R_factor_R_free_error                 ? 
_refine.ls_R_factor_R_free_error_details         ? 
_refine.ls_R_factor_R_work                       0.1905 
_refine.ls_R_Fsqd_factor_obs                     ? 
_refine.ls_R_I_factor_obs                        ? 
_refine.ls_redundancy_reflns_all                 ? 
_refine.ls_redundancy_reflns_obs                 ? 
_refine.ls_restrained_S_all                      ? 
_refine.ls_restrained_S_obs                      ? 
_refine.ls_shift_over_esd_max                    ? 
_refine.ls_shift_over_esd_mean                   ? 
_refine.ls_structure_factor_coef                 ? 
_refine.ls_weighting_details                     ? 
_refine.ls_weighting_scheme                      ? 
_refine.ls_wR_factor_all                         ? 
_refine.ls_wR_factor_obs                         ? 
_refine.ls_wR_factor_R_free                      ? 
_refine.ls_wR_factor_R_work                      ? 
_refine.occupancy_max                            ? 
_refine.occupancy_min                            ? 
_refine.solvent_model_details                    'FLAT BULK SOLVENT MODEL' 
_refine.solvent_model_param_bsol                 ? 
_refine.solvent_model_param_ksol                 ? 
_refine.ls_R_factor_gt                           ? 
_refine.ls_goodness_of_fit_gt                    ? 
_refine.ls_goodness_of_fit_ref                   ? 
_refine.ls_shift_over_su_max                     ? 
_refine.ls_shift_over_su_max_lt                  ? 
_refine.ls_shift_over_su_mean                    ? 
_refine.ls_shift_over_su_mean_lt                 ? 
_refine.pdbx_ls_sigma_I                          ? 
_refine.pdbx_ls_sigma_F                          1.34 
_refine.pdbx_ls_sigma_Fsqd                       ? 
_refine.pdbx_data_cutoff_high_absF               ? 
_refine.pdbx_data_cutoff_high_rms_absF           ? 
_refine.pdbx_data_cutoff_low_absF                ? 
_refine.pdbx_isotropic_thermal_model             ? 
_refine.pdbx_ls_cross_valid_method               'FREE R-VALUE' 
_refine.pdbx_method_to_determine_struct          SAD 
_refine.pdbx_starting_model                      ? 
_refine.pdbx_stereochemistry_target_values       ML 
_refine.pdbx_R_Free_selection_details            ? 
_refine.pdbx_stereochem_target_val_spec_case     ? 
_refine.pdbx_overall_ESU_R                       ? 
_refine.pdbx_overall_ESU_R_Free                  ? 
_refine.pdbx_solvent_vdw_probe_radii             1.11 
_refine.pdbx_solvent_ion_probe_radii             ? 
_refine.pdbx_solvent_shrinkage_radii             0.90 
_refine.pdbx_real_space_R                        ? 
_refine.pdbx_density_correlation                 ? 
_refine.pdbx_pd_number_of_powder_patterns        ? 
_refine.pdbx_pd_number_of_points                 ? 
_refine.pdbx_pd_meas_number_of_points            ? 
_refine.pdbx_pd_proc_ls_prof_R_factor            ? 
_refine.pdbx_pd_proc_ls_prof_wR_factor           ? 
_refine.pdbx_pd_Marquardt_correlation_coeff      ? 
_refine.pdbx_pd_Fsqrd_R_factor                   ? 
_refine.pdbx_pd_ls_matrix_band_width             ? 
_refine.pdbx_overall_phase_error                 20.92 
_refine.pdbx_overall_SU_R_free_Cruickshank_DPI   ? 
_refine.pdbx_overall_SU_R_free_Blow_DPI          ? 
_refine.pdbx_overall_SU_R_Blow_DPI               ? 
_refine.pdbx_TLS_residual_ADP_flag               ? 
_refine.pdbx_diffrn_id                           1 
_refine.overall_SU_B                             ? 
_refine.overall_SU_ML                            0.19 
_refine.overall_SU_R_Cruickshank_DPI             ? 
_refine.overall_SU_R_free                        ? 
_refine.overall_FOM_free_R_set                   ? 
_refine.overall_FOM_work_R_set                   ? 
_refine.pdbx_average_fsc_overall                 ? 
_refine.pdbx_average_fsc_work                    ? 
_refine.pdbx_average_fsc_free                    ? 
# 
_refine_hist.pdbx_refine_id                   'X-RAY DIFFRACTION' 
_refine_hist.cycle_id                         LAST 
_refine_hist.pdbx_number_atoms_protein        987 
_refine_hist.pdbx_number_atoms_nucleic_acid   0 
_refine_hist.pdbx_number_atoms_ligand         0 
_refine_hist.number_atoms_solvent             118 
_refine_hist.number_atoms_total               1105 
_refine_hist.d_res_high                       1.844 
_refine_hist.d_res_low                        29.707 
# 
loop_
_refine_ls_restr.pdbx_refine_id 
_refine_ls_restr.criterion 
_refine_ls_restr.dev_ideal 
_refine_ls_restr.dev_ideal_target 
_refine_ls_restr.number 
_refine_ls_restr.rejects 
_refine_ls_restr.type 
_refine_ls_restr.weight 
_refine_ls_restr.pdbx_restraint_function 
'X-RAY DIFFRACTION' ? 0.007 ? 1001 ? f_bond_d           ? ? 
'X-RAY DIFFRACTION' ? 0.875 ? 1349 ? f_angle_d          ? ? 
'X-RAY DIFFRACTION' ? 3.013 ? 613  ? f_dihedral_angle_d ? ? 
'X-RAY DIFFRACTION' ? 0.063 ? 156  ? f_chiral_restr     ? ? 
'X-RAY DIFFRACTION' ? 0.004 ? 176  ? f_plane_restr      ? ? 
# 
loop_
_refine_ls_shell.pdbx_refine_id 
_refine_ls_shell.d_res_high 
_refine_ls_shell.d_res_low 
_refine_ls_shell.number_reflns_all 
_refine_ls_shell.number_reflns_obs 
_refine_ls_shell.number_reflns_R_free 
_refine_ls_shell.number_reflns_R_work 
_refine_ls_shell.percent_reflns_obs 
_refine_ls_shell.percent_reflns_R_free 
_refine_ls_shell.R_factor_all 
_refine_ls_shell.R_factor_obs 
_refine_ls_shell.R_factor_R_free 
_refine_ls_shell.R_factor_R_free_error 
_refine_ls_shell.R_factor_R_work 
_refine_ls_shell.redundancy_reflns_all 
_refine_ls_shell.redundancy_reflns_obs 
_refine_ls_shell.wR_factor_all 
_refine_ls_shell.wR_factor_obs 
_refine_ls_shell.wR_factor_R_free 
_refine_ls_shell.wR_factor_R_work 
_refine_ls_shell.pdbx_total_number_of_bins_used 
_refine_ls_shell.pdbx_phase_error 
_refine_ls_shell.pdbx_fsc_work 
_refine_ls_shell.pdbx_fsc_free 
'X-RAY DIFFRACTION' 1.8443 1.8872  . . 129 1143 92.00  . . . 0.2684 . 0.2739 . . . . . . . . . . 
'X-RAY DIFFRACTION' 1.8872 1.9344  . . 141 1215 100.00 . . . 0.2807 . 0.2728 . . . . . . . . . . 
'X-RAY DIFFRACTION' 1.9344 1.9867  . . 135 1275 100.00 . . . 0.2911 . 0.2399 . . . . . . . . . . 
'X-RAY DIFFRACTION' 1.9867 2.0451  . . 135 1216 100.00 . . . 0.1960 . 0.2090 . . . . . . . . . . 
'X-RAY DIFFRACTION' 2.0451 2.1111  . . 138 1240 100.00 . . . 0.2245 . 0.1955 . . . . . . . . . . 
'X-RAY DIFFRACTION' 2.1111 2.1866  . . 135 1224 100.00 . . . 0.2811 . 0.1928 . . . . . . . . . . 
'X-RAY DIFFRACTION' 2.1866 2.2741  . . 136 1260 100.00 . . . 0.2320 . 0.1930 . . . . . . . . . . 
'X-RAY DIFFRACTION' 2.2741 2.3775  . . 135 1205 100.00 . . . 0.1835 . 0.1812 . . . . . . . . . . 
'X-RAY DIFFRACTION' 2.3775 2.5028  . . 141 1247 100.00 . . . 0.2520 . 0.1849 . . . . . . . . . . 
'X-RAY DIFFRACTION' 2.5028 2.6595  . . 139 1247 100.00 . . . 0.2630 . 0.1988 . . . . . . . . . . 
'X-RAY DIFFRACTION' 2.6595 2.8647  . . 139 1215 100.00 . . . 0.2280 . 0.1859 . . . . . . . . . . 
'X-RAY DIFFRACTION' 2.8647 3.1527  . . 142 1244 100.00 . . . 0.2052 . 0.1856 . . . . . . . . . . 
'X-RAY DIFFRACTION' 3.1527 3.6083  . . 135 1239 100.00 . . . 0.2189 . 0.1665 . . . . . . . . . . 
'X-RAY DIFFRACTION' 3.6083 4.5434  . . 132 1251 100.00 . . . 0.1787 . 0.1573 . . . . . . . . . . 
'X-RAY DIFFRACTION' 4.5434 29.7108 . . 133 1237 100.00 . . . 0.2259 . 0.2030 . . . . . . . . . . 
# 
_struct.entry_id                     6A8W 
_struct.title                        'Crystal structure of the FHA domain of Far9' 
_struct.pdbx_model_details           ? 
_struct.pdbx_formula_weight          ? 
_struct.pdbx_formula_weight_method   ? 
_struct.pdbx_model_type_details      ? 
_struct.pdbx_CASP_flag               N 
# 
_struct_keywords.entry_id        6A8W 
_struct_keywords.text            'FHA domain, phosphopeptide recognition, homolog of SLMAP, PROTEIN BINDING' 
_struct_keywords.pdbx_keywords   'PROTEIN BINDING' 
# 
loop_
_struct_asym.id 
_struct_asym.pdbx_blank_PDB_chainid_flag 
_struct_asym.pdbx_modified 
_struct_asym.entity_id 
_struct_asym.details 
A N N 1 ? 
B N N 2 ? 
# 
_struct_ref.id                         1 
_struct_ref.db_name                    UNP 
_struct_ref.db_code                    VPS64_YEAST 
_struct_ref.pdbx_db_accession          Q03944 
_struct_ref.pdbx_db_isoform            ? 
_struct_ref.entity_id                  1 
_struct_ref.pdbx_seq_one_letter_code   
;HIIILKSLNATFETKFLVVPFKPDGLKLGRPVTNSVNKNNSGSKRDLFSQQVRPDNGNFDSRVLSRNHACLSCDPTSGKI
YIRDLKSSNGTFVNGVKIRQNDVELKVGDTVDLGTDIDSKFEHRKISAYVEEISVI
;
_struct_ref.pdbx_align_begin           160 
# 
_struct_ref_seq.align_id                      1 
_struct_ref_seq.ref_id                        1 
_struct_ref_seq.pdbx_PDB_id_code              6A8W 
_struct_ref_seq.pdbx_strand_id                A 
_struct_ref_seq.seq_align_beg                 5 
_struct_ref_seq.pdbx_seq_align_beg_ins_code   ? 
_struct_ref_seq.seq_align_end                 140 
_struct_ref_seq.pdbx_seq_align_end_ins_code   ? 
_struct_ref_seq.pdbx_db_accession             Q03944 
_struct_ref_seq.db_align_beg                  160 
_struct_ref_seq.pdbx_db_align_beg_ins_code    ? 
_struct_ref_seq.db_align_end                  295 
_struct_ref_seq.pdbx_db_align_end_ins_code    ? 
_struct_ref_seq.pdbx_auth_seq_align_beg       160 
_struct_ref_seq.pdbx_auth_seq_align_end       295 
# 
loop_
_struct_ref_seq_dif.align_id 
_struct_ref_seq_dif.pdbx_pdb_id_code 
_struct_ref_seq_dif.mon_id 
_struct_ref_seq_dif.pdbx_pdb_strand_id 
_struct_ref_seq_dif.seq_num 
_struct_ref_seq_dif.pdbx_pdb_ins_code 
_struct_ref_seq_dif.pdbx_seq_db_name 
_struct_ref_seq_dif.pdbx_seq_db_accession_code 
_struct_ref_seq_dif.db_mon_id 
_struct_ref_seq_dif.pdbx_seq_db_seq_num 
_struct_ref_seq_dif.details 
_struct_ref_seq_dif.pdbx_auth_seq_num 
_struct_ref_seq_dif.pdbx_ordinal 
1 6A8W GLY A 1   ? UNP Q03944 ?   ?   'expression tag'      156 1 
1 6A8W ALA A 2   ? UNP Q03944 ?   ?   'expression tag'      157 2 
1 6A8W MSE A 3   ? UNP Q03944 ?   ?   'expression tag'      158 3 
1 6A8W ALA A 4   ? UNP Q03944 ?   ?   'expression tag'      159 4 
1 6A8W MSE A 12  ? UNP Q03944 LEU 167 'engineered mutation' 167 5 
1 6A8W MSE A 114 ? UNP Q03944 THR 269 'engineered mutation' 269 6 
# 
_pdbx_struct_assembly.id                   1 
_pdbx_struct_assembly.details              author_and_software_defined_assembly 
_pdbx_struct_assembly.method_details       PISA 
_pdbx_struct_assembly.oligomeric_details   monomeric 
_pdbx_struct_assembly.oligomeric_count     1 
# 
loop_
_pdbx_struct_assembly_prop.biol_id 
_pdbx_struct_assembly_prop.type 
_pdbx_struct_assembly_prop.value 
_pdbx_struct_assembly_prop.details 
1 'ABSA (A^2)' 210  ? 
1 MORE         -1   ? 
1 'SSA (A^2)'  7310 ? 
# 
_pdbx_struct_assembly_gen.assembly_id       1 
_pdbx_struct_assembly_gen.oper_expression   1 
_pdbx_struct_assembly_gen.asym_id_list      A,B 
# 
_pdbx_struct_assembly_auth_evidence.id                     1 
_pdbx_struct_assembly_auth_evidence.assembly_id            1 
_pdbx_struct_assembly_auth_evidence.experimental_support   'gel filtration' 
_pdbx_struct_assembly_auth_evidence.details                ? 
# 
_pdbx_struct_oper_list.id                   1 
_pdbx_struct_oper_list.type                 'identity operation' 
_pdbx_struct_oper_list.name                 1_555 
_pdbx_struct_oper_list.symmetry_operation   x,y,z 
_pdbx_struct_oper_list.matrix[1][1]         1.0000000000 
_pdbx_struct_oper_list.matrix[1][2]         0.0000000000 
_pdbx_struct_oper_list.matrix[1][3]         0.0000000000 
_pdbx_struct_oper_list.vector[1]            0.0000000000 
_pdbx_struct_oper_list.matrix[2][1]         0.0000000000 
_pdbx_struct_oper_list.matrix[2][2]         1.0000000000 
_pdbx_struct_oper_list.matrix[2][3]         0.0000000000 
_pdbx_struct_oper_list.vector[2]            0.0000000000 
_pdbx_struct_oper_list.matrix[3][1]         0.0000000000 
_pdbx_struct_oper_list.matrix[3][2]         0.0000000000 
_pdbx_struct_oper_list.matrix[3][3]         1.0000000000 
_pdbx_struct_oper_list.vector[3]            0.0000000000 
# 
_struct_conf.conf_type_id            HELX_P 
_struct_conf.id                      HELX_P1 
_struct_conf.pdbx_PDB_helix_id       AA1 
_struct_conf.beg_label_comp_id       GLY 
_struct_conf.beg_label_asym_id       A 
_struct_conf.beg_label_seq_id        46 
_struct_conf.pdbx_beg_PDB_ins_code   ? 
_struct_conf.end_label_comp_id       GLN 
_struct_conf.end_label_asym_id       A 
_struct_conf.end_label_seq_id        54 
_struct_conf.pdbx_end_PDB_ins_code   ? 
_struct_conf.beg_auth_comp_id        GLY 
_struct_conf.beg_auth_asym_id        A 
_struct_conf.beg_auth_seq_id         201 
_struct_conf.end_auth_comp_id        GLN 
_struct_conf.end_auth_asym_id        A 
_struct_conf.end_auth_seq_id         209 
_struct_conf.pdbx_PDB_helix_class    1 
_struct_conf.details                 ? 
_struct_conf.pdbx_PDB_helix_length   9 
# 
_struct_conf_type.id          HELX_P 
_struct_conf_type.criteria    ? 
_struct_conf_type.reference   ? 
# 
loop_
_struct_conn.id 
_struct_conn.conn_type_id 
_struct_conn.pdbx_leaving_atom_flag 
_struct_conn.pdbx_PDB_id 
_struct_conn.ptnr1_label_asym_id 
_struct_conn.ptnr1_label_comp_id 
_struct_conn.ptnr1_label_seq_id 
_struct_conn.ptnr1_label_atom_id 
_struct_conn.pdbx_ptnr1_label_alt_id 
_struct_conn.pdbx_ptnr1_PDB_ins_code 
_struct_conn.pdbx_ptnr1_standard_comp_id 
_struct_conn.ptnr1_symmetry 
_struct_conn.ptnr2_label_asym_id 
_struct_conn.ptnr2_label_comp_id 
_struct_conn.ptnr2_label_seq_id 
_struct_conn.ptnr2_label_atom_id 
_struct_conn.pdbx_ptnr2_label_alt_id 
_struct_conn.pdbx_ptnr2_PDB_ins_code 
_struct_conn.ptnr1_auth_asym_id 
_struct_conn.ptnr1_auth_comp_id 
_struct_conn.ptnr1_auth_seq_id 
_struct_conn.ptnr2_auth_asym_id 
_struct_conn.ptnr2_auth_comp_id 
_struct_conn.ptnr2_auth_seq_id 
_struct_conn.ptnr2_symmetry 
_struct_conn.pdbx_ptnr3_label_atom_id 
_struct_conn.pdbx_ptnr3_label_seq_id 
_struct_conn.pdbx_ptnr3_label_comp_id 
_struct_conn.pdbx_ptnr3_label_asym_id 
_struct_conn.pdbx_ptnr3_label_alt_id 
_struct_conn.pdbx_ptnr3_PDB_ins_code 
_struct_conn.details 
_struct_conn.pdbx_dist_value 
_struct_conn.pdbx_value_order 
_struct_conn.pdbx_role 
covale1 covale both ? A MSE 3   C ? ? ? 1_555 A ALA 4   N ? ? A MSE 158 A ALA 159 1_555 ? ? ? ? ? ? ? 1.331 ? ? 
covale2 covale both ? A SER 11  C ? ? ? 1_555 A MSE 12  N ? ? A SER 166 A MSE 167 1_555 ? ? ? ? ? ? ? 1.328 ? ? 
covale3 covale both ? A MSE 12  C ? ? ? 1_555 A ASN 13  N ? ? A MSE 167 A ASN 168 1_555 ? ? ? ? ? ? ? 1.330 ? ? 
covale4 covale both ? A ASP 113 C ? ? ? 1_555 A MSE 114 N ? ? A ASP 268 A MSE 269 1_555 ? ? ? ? ? ? ? 1.332 ? ? 
covale5 covale both ? A MSE 114 C ? ? ? 1_555 A VAL 115 N ? ? A MSE 269 A VAL 270 1_555 ? ? ? ? ? ? ? 1.323 ? ? 
# 
_struct_conn_type.id          covale 
_struct_conn_type.criteria    ? 
_struct_conn_type.reference   ? 
# 
loop_
_pdbx_modification_feature.ordinal 
_pdbx_modification_feature.label_comp_id 
_pdbx_modification_feature.label_asym_id 
_pdbx_modification_feature.label_seq_id 
_pdbx_modification_feature.label_alt_id 
_pdbx_modification_feature.modified_residue_label_comp_id 
_pdbx_modification_feature.modified_residue_label_asym_id 
_pdbx_modification_feature.modified_residue_label_seq_id 
_pdbx_modification_feature.modified_residue_label_alt_id 
_pdbx_modification_feature.auth_comp_id 
_pdbx_modification_feature.auth_asym_id 
_pdbx_modification_feature.auth_seq_id 
_pdbx_modification_feature.PDB_ins_code 
_pdbx_modification_feature.symmetry 
_pdbx_modification_feature.modified_residue_auth_comp_id 
_pdbx_modification_feature.modified_residue_auth_asym_id 
_pdbx_modification_feature.modified_residue_auth_seq_id 
_pdbx_modification_feature.modified_residue_PDB_ins_code 
_pdbx_modification_feature.modified_residue_symmetry 
_pdbx_modification_feature.comp_id_linking_atom 
_pdbx_modification_feature.modified_residue_id_linking_atom 
_pdbx_modification_feature.modified_residue_id 
_pdbx_modification_feature.ref_pcm_id 
_pdbx_modification_feature.ref_comp_id 
_pdbx_modification_feature.type 
_pdbx_modification_feature.category 
1 MSE A 3   ? . . . . MSE A 158 ? 1_555 . . . . . . . MET 1 MSE Selenomethionine 'Named protein modification' 
2 MSE A 12  ? . . . . MSE A 167 ? 1_555 . . . . . . . MET 1 MSE Selenomethionine 'Named protein modification' 
3 MSE A 114 ? . . . . MSE A 269 ? 1_555 . . . . . . . MET 1 MSE Selenomethionine 'Named protein modification' 
# 
_struct_mon_prot_cis.pdbx_id                1 
_struct_mon_prot_cis.label_comp_id          LYS 
_struct_mon_prot_cis.label_seq_id           26 
_struct_mon_prot_cis.label_asym_id          A 
_struct_mon_prot_cis.label_alt_id           . 
_struct_mon_prot_cis.pdbx_PDB_ins_code      ? 
_struct_mon_prot_cis.auth_comp_id           LYS 
_struct_mon_prot_cis.auth_seq_id            181 
_struct_mon_prot_cis.auth_asym_id           A 
_struct_mon_prot_cis.pdbx_label_comp_id_2   PRO 
_struct_mon_prot_cis.pdbx_label_seq_id_2    27 
_struct_mon_prot_cis.pdbx_label_asym_id_2   A 
_struct_mon_prot_cis.pdbx_PDB_ins_code_2    ? 
_struct_mon_prot_cis.pdbx_auth_comp_id_2    PRO 
_struct_mon_prot_cis.pdbx_auth_seq_id_2     182 
_struct_mon_prot_cis.pdbx_auth_asym_id_2    A 
_struct_mon_prot_cis.pdbx_PDB_model_num     1 
_struct_mon_prot_cis.pdbx_omega_angle       8.91 
# 
loop_
_struct_sheet.id 
_struct_sheet.type 
_struct_sheet.number_strands 
_struct_sheet.details 
AA1 ? 6 ? 
AA2 ? 4 ? 
# 
loop_
_struct_sheet_order.sheet_id 
_struct_sheet_order.range_id_1 
_struct_sheet_order.range_id_2 
_struct_sheet_order.offset 
_struct_sheet_order.sense 
AA1 1 2 ? anti-parallel 
AA1 2 3 ? anti-parallel 
AA1 3 4 ? anti-parallel 
AA1 4 5 ? anti-parallel 
AA1 5 6 ? anti-parallel 
AA2 1 2 ? anti-parallel 
AA2 2 3 ? anti-parallel 
AA2 3 4 ? anti-parallel 
# 
loop_
_struct_sheet_range.sheet_id 
_struct_sheet_range.id 
_struct_sheet_range.beg_label_comp_id 
_struct_sheet_range.beg_label_asym_id 
_struct_sheet_range.beg_label_seq_id 
_struct_sheet_range.pdbx_beg_PDB_ins_code 
_struct_sheet_range.end_label_comp_id 
_struct_sheet_range.end_label_asym_id 
_struct_sheet_range.end_label_seq_id 
_struct_sheet_range.pdbx_end_PDB_ins_code 
_struct_sheet_range.beg_auth_comp_id 
_struct_sheet_range.beg_auth_asym_id 
_struct_sheet_range.beg_auth_seq_id 
_struct_sheet_range.end_auth_comp_id 
_struct_sheet_range.end_auth_asym_id 
_struct_sheet_range.end_auth_seq_id 
AA1 1 LYS A 19  ? VAL A 22  ? LYS A 174 VAL A 177 
AA1 2 HIS A 5   ? SER A 11  ? HIS A 160 SER A 166 
AA1 3 ILE A 130 ? VAL A 139 ? ILE A 285 VAL A 294 
AA1 4 MSE A 114 ? LEU A 117 ? MSE A 269 LEU A 272 
AA1 5 THR A 95  ? VAL A 97  ? THR A 250 VAL A 252 
AA1 6 VAL A 100 ? LYS A 101 ? VAL A 255 LYS A 256 
AA2 1 LEU A 30  ? LEU A 32  ? LEU A 185 LEU A 187 
AA2 2 ALA A 73  ? CYS A 77  ? ALA A 228 CYS A 232 
AA2 3 ILE A 84  ? ASP A 88  ? ILE A 239 ASP A 243 
AA2 4 VAL A 107 ? LEU A 109 ? VAL A 262 LEU A 264 
# 
loop_
_pdbx_struct_sheet_hbond.sheet_id 
_pdbx_struct_sheet_hbond.range_id_1 
_pdbx_struct_sheet_hbond.range_id_2 
_pdbx_struct_sheet_hbond.range_1_label_atom_id 
_pdbx_struct_sheet_hbond.range_1_label_comp_id 
_pdbx_struct_sheet_hbond.range_1_label_asym_id 
_pdbx_struct_sheet_hbond.range_1_label_seq_id 
_pdbx_struct_sheet_hbond.range_1_PDB_ins_code 
_pdbx_struct_sheet_hbond.range_1_auth_atom_id 
_pdbx_struct_sheet_hbond.range_1_auth_comp_id 
_pdbx_struct_sheet_hbond.range_1_auth_asym_id 
_pdbx_struct_sheet_hbond.range_1_auth_seq_id 
_pdbx_struct_sheet_hbond.range_2_label_atom_id 
_pdbx_struct_sheet_hbond.range_2_label_comp_id 
_pdbx_struct_sheet_hbond.range_2_label_asym_id 
_pdbx_struct_sheet_hbond.range_2_label_seq_id 
_pdbx_struct_sheet_hbond.range_2_PDB_ins_code 
_pdbx_struct_sheet_hbond.range_2_auth_atom_id 
_pdbx_struct_sheet_hbond.range_2_auth_comp_id 
_pdbx_struct_sheet_hbond.range_2_auth_asym_id 
_pdbx_struct_sheet_hbond.range_2_auth_seq_id 
AA1 1 2 O LEU A 21  ? O LEU A 176 N ILE A 7   ? N ILE A 162 
AA1 2 3 N ILE A 6   ? N ILE A 161 O SER A 138 ? O SER A 293 
AA1 3 4 O ALA A 132 ? O ALA A 287 N VAL A 115 ? N VAL A 270 
AA1 4 5 O ASP A 116 ? O ASP A 271 N PHE A 96  ? N PHE A 251 
AA1 5 6 N VAL A 97  ? N VAL A 252 O VAL A 100 ? O VAL A 255 
AA2 1 2 N LEU A 30  ? N LEU A 185 O LEU A 75  ? O LEU A 230 
AA2 2 3 N SER A 76  ? N SER A 231 O TYR A 85  ? O TYR A 240 
AA2 3 4 N ILE A 84  ? N ILE A 239 O LEU A 109 ? O LEU A 264 
# 
_pdbx_entry_details.entry_id                   6A8W 
_pdbx_entry_details.compound_details           ? 
_pdbx_entry_details.source_details             ? 
_pdbx_entry_details.nonpolymer_details         ? 
_pdbx_entry_details.sequence_details           ? 
_pdbx_entry_details.has_ligand_of_interest     ? 
_pdbx_entry_details.has_protein_modification   Y 
# 
loop_
_pdbx_validate_close_contact.id 
_pdbx_validate_close_contact.PDB_model_num 
_pdbx_validate_close_contact.auth_atom_id_1 
_pdbx_validate_close_contact.auth_asym_id_1 
_pdbx_validate_close_contact.auth_comp_id_1 
_pdbx_validate_close_contact.auth_seq_id_1 
_pdbx_validate_close_contact.PDB_ins_code_1 
_pdbx_validate_close_contact.label_alt_id_1 
_pdbx_validate_close_contact.auth_atom_id_2 
_pdbx_validate_close_contact.auth_asym_id_2 
_pdbx_validate_close_contact.auth_comp_id_2 
_pdbx_validate_close_contact.auth_seq_id_2 
_pdbx_validate_close_contact.PDB_ins_code_2 
_pdbx_validate_close_contact.label_alt_id_2 
_pdbx_validate_close_contact.dist 
1 1 O A HOH 318 ? ? O A HOH 388 ? ? 1.89 
2 1 O A HOH 399 ? ? O A HOH 414 ? ? 1.97 
3 1 O A HOH 338 ? ? O A HOH 398 ? ? 2.06 
4 1 O A ASP 275 ? ? O A HOH 301 ? ? 2.13 
# 
loop_
_pdbx_validate_torsion.id 
_pdbx_validate_torsion.PDB_model_num 
_pdbx_validate_torsion.auth_comp_id 
_pdbx_validate_torsion.auth_asym_id 
_pdbx_validate_torsion.auth_seq_id 
_pdbx_validate_torsion.PDB_ins_code 
_pdbx_validate_torsion.label_alt_id 
_pdbx_validate_torsion.phi 
_pdbx_validate_torsion.psi 
1 1 LEU A 244 ? ? -104.79 43.64   
2 1 ARG A 258 ? ? -123.41 -143.28 
3 1 ASP A 275 ? ? 66.41   132.89  
# 
loop_
_pdbx_struct_special_symmetry.id 
_pdbx_struct_special_symmetry.PDB_model_num 
_pdbx_struct_special_symmetry.auth_asym_id 
_pdbx_struct_special_symmetry.auth_comp_id 
_pdbx_struct_special_symmetry.auth_seq_id 
_pdbx_struct_special_symmetry.PDB_ins_code 
_pdbx_struct_special_symmetry.label_asym_id 
_pdbx_struct_special_symmetry.label_comp_id 
_pdbx_struct_special_symmetry.label_seq_id 
1 1 A HOH 355 ? B HOH . 
2 1 A HOH 400 ? B HOH . 
# 
loop_
_pdbx_unobs_or_zero_occ_residues.id 
_pdbx_unobs_or_zero_occ_residues.PDB_model_num 
_pdbx_unobs_or_zero_occ_residues.polymer_flag 
_pdbx_unobs_or_zero_occ_residues.occupancy_flag 
_pdbx_unobs_or_zero_occ_residues.auth_asym_id 
_pdbx_unobs_or_zero_occ_residues.auth_comp_id 
_pdbx_unobs_or_zero_occ_residues.auth_seq_id 
_pdbx_unobs_or_zero_occ_residues.PDB_ins_code 
_pdbx_unobs_or_zero_occ_residues.label_asym_id 
_pdbx_unobs_or_zero_occ_residues.label_comp_id 
_pdbx_unobs_or_zero_occ_residues.label_seq_id 
1 1 Y 1 A GLY 156 ? A GLY 1  
2 1 Y 1 A ALA 157 ? A ALA 2  
3 1 Y 1 A VAL 191 ? A VAL 36 
4 1 Y 1 A THR 192 ? A THR 37 
5 1 Y 1 A ASN 193 ? A ASN 38 
6 1 Y 1 A SER 194 ? A SER 39 
7 1 Y 1 A VAL 195 ? A VAL 40 
8 1 Y 1 A ASN 196 ? A ASN 41 
9 1 Y 1 A LYS 197 ? A LYS 42 
# 
loop_
_chem_comp_atom.comp_id 
_chem_comp_atom.atom_id 
_chem_comp_atom.type_symbol 
_chem_comp_atom.pdbx_aromatic_flag 
_chem_comp_atom.pdbx_stereo_config 
_chem_comp_atom.pdbx_ordinal 
ALA N    N  N N 1   
ALA CA   C  N S 2   
ALA C    C  N N 3   
ALA O    O  N N 4   
ALA CB   C  N N 5   
ALA OXT  O  N N 6   
ALA H    H  N N 7   
ALA H2   H  N N 8   
ALA HA   H  N N 9   
ALA HB1  H  N N 10  
ALA HB2  H  N N 11  
ALA HB3  H  N N 12  
ALA HXT  H  N N 13  
ARG N    N  N N 14  
ARG CA   C  N S 15  
ARG C    C  N N 16  
ARG O    O  N N 17  
ARG CB   C  N N 18  
ARG CG   C  N N 19  
ARG CD   C  N N 20  
ARG NE   N  N N 21  
ARG CZ   C  N N 22  
ARG NH1  N  N N 23  
ARG NH2  N  N N 24  
ARG OXT  O  N N 25  
ARG H    H  N N 26  
ARG H2   H  N N 27  
ARG HA   H  N N 28  
ARG HB2  H  N N 29  
ARG HB3  H  N N 30  
ARG HG2  H  N N 31  
ARG HG3  H  N N 32  
ARG HD2  H  N N 33  
ARG HD3  H  N N 34  
ARG HE   H  N N 35  
ARG HH11 H  N N 36  
ARG HH12 H  N N 37  
ARG HH21 H  N N 38  
ARG HH22 H  N N 39  
ARG HXT  H  N N 40  
ASN N    N  N N 41  
ASN CA   C  N S 42  
ASN C    C  N N 43  
ASN O    O  N N 44  
ASN CB   C  N N 45  
ASN CG   C  N N 46  
ASN OD1  O  N N 47  
ASN ND2  N  N N 48  
ASN OXT  O  N N 49  
ASN H    H  N N 50  
ASN H2   H  N N 51  
ASN HA   H  N N 52  
ASN HB2  H  N N 53  
ASN HB3  H  N N 54  
ASN HD21 H  N N 55  
ASN HD22 H  N N 56  
ASN HXT  H  N N 57  
ASP N    N  N N 58  
ASP CA   C  N S 59  
ASP C    C  N N 60  
ASP O    O  N N 61  
ASP CB   C  N N 62  
ASP CG   C  N N 63  
ASP OD1  O  N N 64  
ASP OD2  O  N N 65  
ASP OXT  O  N N 66  
ASP H    H  N N 67  
ASP H2   H  N N 68  
ASP HA   H  N N 69  
ASP HB2  H  N N 70  
ASP HB3  H  N N 71  
ASP HD2  H  N N 72  
ASP HXT  H  N N 73  
CYS N    N  N N 74  
CYS CA   C  N R 75  
CYS C    C  N N 76  
CYS O    O  N N 77  
CYS CB   C  N N 78  
CYS SG   S  N N 79  
CYS OXT  O  N N 80  
CYS H    H  N N 81  
CYS H2   H  N N 82  
CYS HA   H  N N 83  
CYS HB2  H  N N 84  
CYS HB3  H  N N 85  
CYS HG   H  N N 86  
CYS HXT  H  N N 87  
GLN N    N  N N 88  
GLN CA   C  N S 89  
GLN C    C  N N 90  
GLN O    O  N N 91  
GLN CB   C  N N 92  
GLN CG   C  N N 93  
GLN CD   C  N N 94  
GLN OE1  O  N N 95  
GLN NE2  N  N N 96  
GLN OXT  O  N N 97  
GLN H    H  N N 98  
GLN H2   H  N N 99  
GLN HA   H  N N 100 
GLN HB2  H  N N 101 
GLN HB3  H  N N 102 
GLN HG2  H  N N 103 
GLN HG3  H  N N 104 
GLN HE21 H  N N 105 
GLN HE22 H  N N 106 
GLN HXT  H  N N 107 
GLU N    N  N N 108 
GLU CA   C  N S 109 
GLU C    C  N N 110 
GLU O    O  N N 111 
GLU CB   C  N N 112 
GLU CG   C  N N 113 
GLU CD   C  N N 114 
GLU OE1  O  N N 115 
GLU OE2  O  N N 116 
GLU OXT  O  N N 117 
GLU H    H  N N 118 
GLU H2   H  N N 119 
GLU HA   H  N N 120 
GLU HB2  H  N N 121 
GLU HB3  H  N N 122 
GLU HG2  H  N N 123 
GLU HG3  H  N N 124 
GLU HE2  H  N N 125 
GLU HXT  H  N N 126 
GLY N    N  N N 127 
GLY CA   C  N N 128 
GLY C    C  N N 129 
GLY O    O  N N 130 
GLY OXT  O  N N 131 
GLY H    H  N N 132 
GLY H2   H  N N 133 
GLY HA2  H  N N 134 
GLY HA3  H  N N 135 
GLY HXT  H  N N 136 
HIS N    N  N N 137 
HIS CA   C  N S 138 
HIS C    C  N N 139 
HIS O    O  N N 140 
HIS CB   C  N N 141 
HIS CG   C  Y N 142 
HIS ND1  N  Y N 143 
HIS CD2  C  Y N 144 
HIS CE1  C  Y N 145 
HIS NE2  N  Y N 146 
HIS OXT  O  N N 147 
HIS H    H  N N 148 
HIS H2   H  N N 149 
HIS HA   H  N N 150 
HIS HB2  H  N N 151 
HIS HB3  H  N N 152 
HIS HD1  H  N N 153 
HIS HD2  H  N N 154 
HIS HE1  H  N N 155 
HIS HE2  H  N N 156 
HIS HXT  H  N N 157 
HOH O    O  N N 158 
HOH H1   H  N N 159 
HOH H2   H  N N 160 
ILE N    N  N N 161 
ILE CA   C  N S 162 
ILE C    C  N N 163 
ILE O    O  N N 164 
ILE CB   C  N S 165 
ILE CG1  C  N N 166 
ILE CG2  C  N N 167 
ILE CD1  C  N N 168 
ILE OXT  O  N N 169 
ILE H    H  N N 170 
ILE H2   H  N N 171 
ILE HA   H  N N 172 
ILE HB   H  N N 173 
ILE HG12 H  N N 174 
ILE HG13 H  N N 175 
ILE HG21 H  N N 176 
ILE HG22 H  N N 177 
ILE HG23 H  N N 178 
ILE HD11 H  N N 179 
ILE HD12 H  N N 180 
ILE HD13 H  N N 181 
ILE HXT  H  N N 182 
LEU N    N  N N 183 
LEU CA   C  N S 184 
LEU C    C  N N 185 
LEU O    O  N N 186 
LEU CB   C  N N 187 
LEU CG   C  N N 188 
LEU CD1  C  N N 189 
LEU CD2  C  N N 190 
LEU OXT  O  N N 191 
LEU H    H  N N 192 
LEU H2   H  N N 193 
LEU HA   H  N N 194 
LEU HB2  H  N N 195 
LEU HB3  H  N N 196 
LEU HG   H  N N 197 
LEU HD11 H  N N 198 
LEU HD12 H  N N 199 
LEU HD13 H  N N 200 
LEU HD21 H  N N 201 
LEU HD22 H  N N 202 
LEU HD23 H  N N 203 
LEU HXT  H  N N 204 
LYS N    N  N N 205 
LYS CA   C  N S 206 
LYS C    C  N N 207 
LYS O    O  N N 208 
LYS CB   C  N N 209 
LYS CG   C  N N 210 
LYS CD   C  N N 211 
LYS CE   C  N N 212 
LYS NZ   N  N N 213 
LYS OXT  O  N N 214 
LYS H    H  N N 215 
LYS H2   H  N N 216 
LYS HA   H  N N 217 
LYS HB2  H  N N 218 
LYS HB3  H  N N 219 
LYS HG2  H  N N 220 
LYS HG3  H  N N 221 
LYS HD2  H  N N 222 
LYS HD3  H  N N 223 
LYS HE2  H  N N 224 
LYS HE3  H  N N 225 
LYS HZ1  H  N N 226 
LYS HZ2  H  N N 227 
LYS HZ3  H  N N 228 
LYS HXT  H  N N 229 
MSE N    N  N N 230 
MSE CA   C  N S 231 
MSE C    C  N N 232 
MSE O    O  N N 233 
MSE OXT  O  N N 234 
MSE CB   C  N N 235 
MSE CG   C  N N 236 
MSE SE   SE N N 237 
MSE CE   C  N N 238 
MSE H    H  N N 239 
MSE H2   H  N N 240 
MSE HA   H  N N 241 
MSE HXT  H  N N 242 
MSE HB2  H  N N 243 
MSE HB3  H  N N 244 
MSE HG2  H  N N 245 
MSE HG3  H  N N 246 
MSE HE1  H  N N 247 
MSE HE2  H  N N 248 
MSE HE3  H  N N 249 
PHE N    N  N N 250 
PHE CA   C  N S 251 
PHE C    C  N N 252 
PHE O    O  N N 253 
PHE CB   C  N N 254 
PHE CG   C  Y N 255 
PHE CD1  C  Y N 256 
PHE CD2  C  Y N 257 
PHE CE1  C  Y N 258 
PHE CE2  C  Y N 259 
PHE CZ   C  Y N 260 
PHE OXT  O  N N 261 
PHE H    H  N N 262 
PHE H2   H  N N 263 
PHE HA   H  N N 264 
PHE HB2  H  N N 265 
PHE HB3  H  N N 266 
PHE HD1  H  N N 267 
PHE HD2  H  N N 268 
PHE HE1  H  N N 269 
PHE HE2  H  N N 270 
PHE HZ   H  N N 271 
PHE HXT  H  N N 272 
PRO N    N  N N 273 
PRO CA   C  N S 274 
PRO C    C  N N 275 
PRO O    O  N N 276 
PRO CB   C  N N 277 
PRO CG   C  N N 278 
PRO CD   C  N N 279 
PRO OXT  O  N N 280 
PRO H    H  N N 281 
PRO HA   H  N N 282 
PRO HB2  H  N N 283 
PRO HB3  H  N N 284 
PRO HG2  H  N N 285 
PRO HG3  H  N N 286 
PRO HD2  H  N N 287 
PRO HD3  H  N N 288 
PRO HXT  H  N N 289 
SER N    N  N N 290 
SER CA   C  N S 291 
SER C    C  N N 292 
SER O    O  N N 293 
SER CB   C  N N 294 
SER OG   O  N N 295 
SER OXT  O  N N 296 
SER H    H  N N 297 
SER H2   H  N N 298 
SER HA   H  N N 299 
SER HB2  H  N N 300 
SER HB3  H  N N 301 
SER HG   H  N N 302 
SER HXT  H  N N 303 
THR N    N  N N 304 
THR CA   C  N S 305 
THR C    C  N N 306 
THR O    O  N N 307 
THR CB   C  N R 308 
THR OG1  O  N N 309 
THR CG2  C  N N 310 
THR OXT  O  N N 311 
THR H    H  N N 312 
THR H2   H  N N 313 
THR HA   H  N N 314 
THR HB   H  N N 315 
THR HG1  H  N N 316 
THR HG21 H  N N 317 
THR HG22 H  N N 318 
THR HG23 H  N N 319 
THR HXT  H  N N 320 
TYR N    N  N N 321 
TYR CA   C  N S 322 
TYR C    C  N N 323 
TYR O    O  N N 324 
TYR CB   C  N N 325 
TYR CG   C  Y N 326 
TYR CD1  C  Y N 327 
TYR CD2  C  Y N 328 
TYR CE1  C  Y N 329 
TYR CE2  C  Y N 330 
TYR CZ   C  Y N 331 
TYR OH   O  N N 332 
TYR OXT  O  N N 333 
TYR H    H  N N 334 
TYR H2   H  N N 335 
TYR HA   H  N N 336 
TYR HB2  H  N N 337 
TYR HB3  H  N N 338 
TYR HD1  H  N N 339 
TYR HD2  H  N N 340 
TYR HE1  H  N N 341 
TYR HE2  H  N N 342 
TYR HH   H  N N 343 
TYR HXT  H  N N 344 
VAL N    N  N N 345 
VAL CA   C  N S 346 
VAL C    C  N N 347 
VAL O    O  N N 348 
VAL CB   C  N N 349 
VAL CG1  C  N N 350 
VAL CG2  C  N N 351 
VAL OXT  O  N N 352 
VAL H    H  N N 353 
VAL H2   H  N N 354 
VAL HA   H  N N 355 
VAL HB   H  N N 356 
VAL HG11 H  N N 357 
VAL HG12 H  N N 358 
VAL HG13 H  N N 359 
VAL HG21 H  N N 360 
VAL HG22 H  N N 361 
VAL HG23 H  N N 362 
VAL HXT  H  N N 363 
# 
loop_
_chem_comp_bond.comp_id 
_chem_comp_bond.atom_id_1 
_chem_comp_bond.atom_id_2 
_chem_comp_bond.value_order 
_chem_comp_bond.pdbx_aromatic_flag 
_chem_comp_bond.pdbx_stereo_config 
_chem_comp_bond.pdbx_ordinal 
ALA N   CA   sing N N 1   
ALA N   H    sing N N 2   
ALA N   H2   sing N N 3   
ALA CA  C    sing N N 4   
ALA CA  CB   sing N N 5   
ALA CA  HA   sing N N 6   
ALA C   O    doub N N 7   
ALA C   OXT  sing N N 8   
ALA CB  HB1  sing N N 9   
ALA CB  HB2  sing N N 10  
ALA CB  HB3  sing N N 11  
ALA OXT HXT  sing N N 12  
ARG N   CA   sing N N 13  
ARG N   H    sing N N 14  
ARG N   H2   sing N N 15  
ARG CA  C    sing N N 16  
ARG CA  CB   sing N N 17  
ARG CA  HA   sing N N 18  
ARG C   O    doub N N 19  
ARG C   OXT  sing N N 20  
ARG CB  CG   sing N N 21  
ARG CB  HB2  sing N N 22  
ARG CB  HB3  sing N N 23  
ARG CG  CD   sing N N 24  
ARG CG  HG2  sing N N 25  
ARG CG  HG3  sing N N 26  
ARG CD  NE   sing N N 27  
ARG CD  HD2  sing N N 28  
ARG CD  HD3  sing N N 29  
ARG NE  CZ   sing N N 30  
ARG NE  HE   sing N N 31  
ARG CZ  NH1  sing N N 32  
ARG CZ  NH2  doub N N 33  
ARG NH1 HH11 sing N N 34  
ARG NH1 HH12 sing N N 35  
ARG NH2 HH21 sing N N 36  
ARG NH2 HH22 sing N N 37  
ARG OXT HXT  sing N N 38  
ASN N   CA   sing N N 39  
ASN N   H    sing N N 40  
ASN N   H2   sing N N 41  
ASN CA  C    sing N N 42  
ASN CA  CB   sing N N 43  
ASN CA  HA   sing N N 44  
ASN C   O    doub N N 45  
ASN C   OXT  sing N N 46  
ASN CB  CG   sing N N 47  
ASN CB  HB2  sing N N 48  
ASN CB  HB3  sing N N 49  
ASN CG  OD1  doub N N 50  
ASN CG  ND2  sing N N 51  
ASN ND2 HD21 sing N N 52  
ASN ND2 HD22 sing N N 53  
ASN OXT HXT  sing N N 54  
ASP N   CA   sing N N 55  
ASP N   H    sing N N 56  
ASP N   H2   sing N N 57  
ASP CA  C    sing N N 58  
ASP CA  CB   sing N N 59  
ASP CA  HA   sing N N 60  
ASP C   O    doub N N 61  
ASP C   OXT  sing N N 62  
ASP CB  CG   sing N N 63  
ASP CB  HB2  sing N N 64  
ASP CB  HB3  sing N N 65  
ASP CG  OD1  doub N N 66  
ASP CG  OD2  sing N N 67  
ASP OD2 HD2  sing N N 68  
ASP OXT HXT  sing N N 69  
CYS N   CA   sing N N 70  
CYS N   H    sing N N 71  
CYS N   H2   sing N N 72  
CYS CA  C    sing N N 73  
CYS CA  CB   sing N N 74  
CYS CA  HA   sing N N 75  
CYS C   O    doub N N 76  
CYS C   OXT  sing N N 77  
CYS CB  SG   sing N N 78  
CYS CB  HB2  sing N N 79  
CYS CB  HB3  sing N N 80  
CYS SG  HG   sing N N 81  
CYS OXT HXT  sing N N 82  
GLN N   CA   sing N N 83  
GLN N   H    sing N N 84  
GLN N   H2   sing N N 85  
GLN CA  C    sing N N 86  
GLN CA  CB   sing N N 87  
GLN CA  HA   sing N N 88  
GLN C   O    doub N N 89  
GLN C   OXT  sing N N 90  
GLN CB  CG   sing N N 91  
GLN CB  HB2  sing N N 92  
GLN CB  HB3  sing N N 93  
GLN CG  CD   sing N N 94  
GLN CG  HG2  sing N N 95  
GLN CG  HG3  sing N N 96  
GLN CD  OE1  doub N N 97  
GLN CD  NE2  sing N N 98  
GLN NE2 HE21 sing N N 99  
GLN NE2 HE22 sing N N 100 
GLN OXT HXT  sing N N 101 
GLU N   CA   sing N N 102 
GLU N   H    sing N N 103 
GLU N   H2   sing N N 104 
GLU CA  C    sing N N 105 
GLU CA  CB   sing N N 106 
GLU CA  HA   sing N N 107 
GLU C   O    doub N N 108 
GLU C   OXT  sing N N 109 
GLU CB  CG   sing N N 110 
GLU CB  HB2  sing N N 111 
GLU CB  HB3  sing N N 112 
GLU CG  CD   sing N N 113 
GLU CG  HG2  sing N N 114 
GLU CG  HG3  sing N N 115 
GLU CD  OE1  doub N N 116 
GLU CD  OE2  sing N N 117 
GLU OE2 HE2  sing N N 118 
GLU OXT HXT  sing N N 119 
GLY N   CA   sing N N 120 
GLY N   H    sing N N 121 
GLY N   H2   sing N N 122 
GLY CA  C    sing N N 123 
GLY CA  HA2  sing N N 124 
GLY CA  HA3  sing N N 125 
GLY C   O    doub N N 126 
GLY C   OXT  sing N N 127 
GLY OXT HXT  sing N N 128 
HIS N   CA   sing N N 129 
HIS N   H    sing N N 130 
HIS N   H2   sing N N 131 
HIS CA  C    sing N N 132 
HIS CA  CB   sing N N 133 
HIS CA  HA   sing N N 134 
HIS C   O    doub N N 135 
HIS C   OXT  sing N N 136 
HIS CB  CG   sing N N 137 
HIS CB  HB2  sing N N 138 
HIS CB  HB3  sing N N 139 
HIS CG  ND1  sing Y N 140 
HIS CG  CD2  doub Y N 141 
HIS ND1 CE1  doub Y N 142 
HIS ND1 HD1  sing N N 143 
HIS CD2 NE2  sing Y N 144 
HIS CD2 HD2  sing N N 145 
HIS CE1 NE2  sing Y N 146 
HIS CE1 HE1  sing N N 147 
HIS NE2 HE2  sing N N 148 
HIS OXT HXT  sing N N 149 
HOH O   H1   sing N N 150 
HOH O   H2   sing N N 151 
ILE N   CA   sing N N 152 
ILE N   H    sing N N 153 
ILE N   H2   sing N N 154 
ILE CA  C    sing N N 155 
ILE CA  CB   sing N N 156 
ILE CA  HA   sing N N 157 
ILE C   O    doub N N 158 
ILE C   OXT  sing N N 159 
ILE CB  CG1  sing N N 160 
ILE CB  CG2  sing N N 161 
ILE CB  HB   sing N N 162 
ILE CG1 CD1  sing N N 163 
ILE CG1 HG12 sing N N 164 
ILE CG1 HG13 sing N N 165 
ILE CG2 HG21 sing N N 166 
ILE CG2 HG22 sing N N 167 
ILE CG2 HG23 sing N N 168 
ILE CD1 HD11 sing N N 169 
ILE CD1 HD12 sing N N 170 
ILE CD1 HD13 sing N N 171 
ILE OXT HXT  sing N N 172 
LEU N   CA   sing N N 173 
LEU N   H    sing N N 174 
LEU N   H2   sing N N 175 
LEU CA  C    sing N N 176 
LEU CA  CB   sing N N 177 
LEU CA  HA   sing N N 178 
LEU C   O    doub N N 179 
LEU C   OXT  sing N N 180 
LEU CB  CG   sing N N 181 
LEU CB  HB2  sing N N 182 
LEU CB  HB3  sing N N 183 
LEU CG  CD1  sing N N 184 
LEU CG  CD2  sing N N 185 
LEU CG  HG   sing N N 186 
LEU CD1 HD11 sing N N 187 
LEU CD1 HD12 sing N N 188 
LEU CD1 HD13 sing N N 189 
LEU CD2 HD21 sing N N 190 
LEU CD2 HD22 sing N N 191 
LEU CD2 HD23 sing N N 192 
LEU OXT HXT  sing N N 193 
LYS N   CA   sing N N 194 
LYS N   H    sing N N 195 
LYS N   H2   sing N N 196 
LYS CA  C    sing N N 197 
LYS CA  CB   sing N N 198 
LYS CA  HA   sing N N 199 
LYS C   O    doub N N 200 
LYS C   OXT  sing N N 201 
LYS CB  CG   sing N N 202 
LYS CB  HB2  sing N N 203 
LYS CB  HB3  sing N N 204 
LYS CG  CD   sing N N 205 
LYS CG  HG2  sing N N 206 
LYS CG  HG3  sing N N 207 
LYS CD  CE   sing N N 208 
LYS CD  HD2  sing N N 209 
LYS CD  HD3  sing N N 210 
LYS CE  NZ   sing N N 211 
LYS CE  HE2  sing N N 212 
LYS CE  HE3  sing N N 213 
LYS NZ  HZ1  sing N N 214 
LYS NZ  HZ2  sing N N 215 
LYS NZ  HZ3  sing N N 216 
LYS OXT HXT  sing N N 217 
MSE N   CA   sing N N 218 
MSE N   H    sing N N 219 
MSE N   H2   sing N N 220 
MSE CA  C    sing N N 221 
MSE CA  CB   sing N N 222 
MSE CA  HA   sing N N 223 
MSE C   O    doub N N 224 
MSE C   OXT  sing N N 225 
MSE OXT HXT  sing N N 226 
MSE CB  CG   sing N N 227 
MSE CB  HB2  sing N N 228 
MSE CB  HB3  sing N N 229 
MSE CG  SE   sing N N 230 
MSE CG  HG2  sing N N 231 
MSE CG  HG3  sing N N 232 
MSE SE  CE   sing N N 233 
MSE CE  HE1  sing N N 234 
MSE CE  HE2  sing N N 235 
MSE CE  HE3  sing N N 236 
PHE N   CA   sing N N 237 
PHE N   H    sing N N 238 
PHE N   H2   sing N N 239 
PHE CA  C    sing N N 240 
PHE CA  CB   sing N N 241 
PHE CA  HA   sing N N 242 
PHE C   O    doub N N 243 
PHE C   OXT  sing N N 244 
PHE CB  CG   sing N N 245 
PHE CB  HB2  sing N N 246 
PHE CB  HB3  sing N N 247 
PHE CG  CD1  doub Y N 248 
PHE CG  CD2  sing Y N 249 
PHE CD1 CE1  sing Y N 250 
PHE CD1 HD1  sing N N 251 
PHE CD2 CE2  doub Y N 252 
PHE CD2 HD2  sing N N 253 
PHE CE1 CZ   doub Y N 254 
PHE CE1 HE1  sing N N 255 
PHE CE2 CZ   sing Y N 256 
PHE CE2 HE2  sing N N 257 
PHE CZ  HZ   sing N N 258 
PHE OXT HXT  sing N N 259 
PRO N   CA   sing N N 260 
PRO N   CD   sing N N 261 
PRO N   H    sing N N 262 
PRO CA  C    sing N N 263 
PRO CA  CB   sing N N 264 
PRO CA  HA   sing N N 265 
PRO C   O    doub N N 266 
PRO C   OXT  sing N N 267 
PRO CB  CG   sing N N 268 
PRO CB  HB2  sing N N 269 
PRO CB  HB3  sing N N 270 
PRO CG  CD   sing N N 271 
PRO CG  HG2  sing N N 272 
PRO CG  HG3  sing N N 273 
PRO CD  HD2  sing N N 274 
PRO CD  HD3  sing N N 275 
PRO OXT HXT  sing N N 276 
SER N   CA   sing N N 277 
SER N   H    sing N N 278 
SER N   H2   sing N N 279 
SER CA  C    sing N N 280 
SER CA  CB   sing N N 281 
SER CA  HA   sing N N 282 
SER C   O    doub N N 283 
SER C   OXT  sing N N 284 
SER CB  OG   sing N N 285 
SER CB  HB2  sing N N 286 
SER CB  HB3  sing N N 287 
SER OG  HG   sing N N 288 
SER OXT HXT  sing N N 289 
THR N   CA   sing N N 290 
THR N   H    sing N N 291 
THR N   H2   sing N N 292 
THR CA  C    sing N N 293 
THR CA  CB   sing N N 294 
THR CA  HA   sing N N 295 
THR C   O    doub N N 296 
THR C   OXT  sing N N 297 
THR CB  OG1  sing N N 298 
THR CB  CG2  sing N N 299 
THR CB  HB   sing N N 300 
THR OG1 HG1  sing N N 301 
THR CG2 HG21 sing N N 302 
THR CG2 HG22 sing N N 303 
THR CG2 HG23 sing N N 304 
THR OXT HXT  sing N N 305 
TYR N   CA   sing N N 306 
TYR N   H    sing N N 307 
TYR N   H2   sing N N 308 
TYR CA  C    sing N N 309 
TYR CA  CB   sing N N 310 
TYR CA  HA   sing N N 311 
TYR C   O    doub N N 312 
TYR C   OXT  sing N N 313 
TYR CB  CG   sing N N 314 
TYR CB  HB2  sing N N 315 
TYR CB  HB3  sing N N 316 
TYR CG  CD1  doub Y N 317 
TYR CG  CD2  sing Y N 318 
TYR CD1 CE1  sing Y N 319 
TYR CD1 HD1  sing N N 320 
TYR CD2 CE2  doub Y N 321 
TYR CD2 HD2  sing N N 322 
TYR CE1 CZ   doub Y N 323 
TYR CE1 HE1  sing N N 324 
TYR CE2 CZ   sing Y N 325 
TYR CE2 HE2  sing N N 326 
TYR CZ  OH   sing N N 327 
TYR OH  HH   sing N N 328 
TYR OXT HXT  sing N N 329 
VAL N   CA   sing N N 330 
VAL N   H    sing N N 331 
VAL N   H2   sing N N 332 
VAL CA  C    sing N N 333 
VAL CA  CB   sing N N 334 
VAL CA  HA   sing N N 335 
VAL C   O    doub N N 336 
VAL C   OXT  sing N N 337 
VAL CB  CG1  sing N N 338 
VAL CB  CG2  sing N N 339 
VAL CB  HB   sing N N 340 
VAL CG1 HG11 sing N N 341 
VAL CG1 HG12 sing N N 342 
VAL CG1 HG13 sing N N 343 
VAL CG2 HG21 sing N N 344 
VAL CG2 HG22 sing N N 345 
VAL CG2 HG23 sing N N 346 
VAL OXT HXT  sing N N 347 
# 
_atom_sites.entry_id                    6A8W 
_atom_sites.fract_transf_matrix[1][1]   -0.01860620 
_atom_sites.fract_transf_matrix[1][2]   -0.00545192 
_atom_sites.fract_transf_matrix[1][3]   -0.02451960 
_atom_sites.fract_transf_matrix[2][1]   0.00121562 
_atom_sites.fract_transf_matrix[2][2]   -0.01655871 
_atom_sites.fract_transf_matrix[2][3]   0.00275937 
_atom_sites.fract_transf_matrix[3][1]   -0.01231509 
_atom_sites.fract_transf_matrix[3][2]   0.00062985 
_atom_sites.fract_transf_matrix[3][3]   0.00920501 
_atom_sites.fract_transf_vector[1]      0.930990 
_atom_sites.fract_transf_vector[2]      0.245379 
_atom_sites.fract_transf_vector[3]      0.270638 
# 
loop_
_atom_type.symbol 
C  
N  
O  
S  
SE 
# 
loop_
_atom_site.group_PDB 
_atom_site.id 
_atom_site.type_symbol 
_atom_site.label_atom_id 
_atom_site.label_alt_id 
_atom_site.label_comp_id 
_atom_site.label_asym_id 
_atom_site.label_entity_id 
_atom_site.label_seq_id 
_atom_site.pdbx_PDB_ins_code 
_atom_site.Cartn_x 
_atom_site.Cartn_y 
_atom_site.Cartn_z 
_atom_site.occupancy 
_atom_site.B_iso_or_equiv 
_atom_site.pdbx_formal_charge 
_atom_site.auth_seq_id 
_atom_site.auth_comp_id 
_atom_site.auth_asym_id 
_atom_site.auth_atom_id 
_atom_site.pdbx_PDB_model_num 
HETATM 1    N  N   . MSE A 1 3   ? 16.156  -13.252 -1.337  1.00 41.78 ? 158 MSE A N   1 
HETATM 2    C  CA  . MSE A 1 3   ? 14.847  -13.675 -0.843  1.00 39.89 ? 158 MSE A CA  1 
HETATM 3    C  C   . MSE A 1 3   ? 13.784  -12.604 -1.088  1.00 38.71 ? 158 MSE A C   1 
HETATM 4    O  O   . MSE A 1 3   ? 14.064  -11.403 -1.031  1.00 34.47 ? 158 MSE A O   1 
HETATM 5    C  CB  . MSE A 1 3   ? 14.914  -14.006 0.650   1.00 44.55 ? 158 MSE A CB  1 
HETATM 6    C  CG  . MSE A 1 3   ? 15.964  -15.037 1.025   1.00 58.00 ? 158 MSE A CG  1 
HETATM 7    SE SE  . MSE A 1 3   ? 15.517  -16.857 0.476   1.00 97.61 ? 158 MSE A SE  1 
HETATM 8    C  CE  . MSE A 1 3   ? 13.894  -17.097 1.521   1.00 51.06 ? 158 MSE A CE  1 
ATOM   9    N  N   . ALA A 1 4   ? 12.560  -13.048 -1.363  1.00 32.86 ? 159 ALA A N   1 
ATOM   10   C  CA  . ALA A 1 4   ? 11.427  -12.161 -1.596  1.00 35.32 ? 159 ALA A CA  1 
ATOM   11   C  C   . ALA A 1 4   ? 10.577  -12.107 -0.329  1.00 31.39 ? 159 ALA A C   1 
ATOM   12   O  O   . ALA A 1 4   ? 9.918   -13.088 0.029   1.00 32.56 ? 159 ALA A O   1 
ATOM   13   C  CB  . ALA A 1 4   ? 10.610  -12.638 -2.795  1.00 37.58 ? 159 ALA A CB  1 
ATOM   14   N  N   . HIS A 1 5   ? 10.609  -10.969 0.359   1.00 28.69 ? 160 HIS A N   1 
ATOM   15   C  CA  . HIS A 1 5   ? 9.785   -10.765 1.542   1.00 25.38 ? 160 HIS A CA  1 
ATOM   16   C  C   . HIS A 1 5   ? 8.446   -10.223 1.080   1.00 23.49 ? 160 HIS A C   1 
ATOM   17   O  O   . HIS A 1 5   ? 8.385   -9.138  0.495   1.00 23.13 ? 160 HIS A O   1 
ATOM   18   C  CB  . HIS A 1 5   ? 10.460  -9.809  2.520   1.00 26.27 ? 160 HIS A CB  1 
ATOM   19   C  CG  . HIS A 1 5   ? 11.811  -10.271 2.967   1.00 29.98 ? 160 HIS A CG  1 
ATOM   20   N  ND1 . HIS A 1 5   ? 12.090  -10.608 4.273   1.00 35.22 ? 160 HIS A ND1 1 
ATOM   21   C  CD2 . HIS A 1 5   ? 12.958  -10.467 2.274   1.00 31.48 ? 160 HIS A CD2 1 
ATOM   22   C  CE1 . HIS A 1 5   ? 13.353  -10.982 4.367   1.00 32.59 ? 160 HIS A CE1 1 
ATOM   23   N  NE2 . HIS A 1 5   ? 13.903  -10.904 3.168   1.00 34.46 ? 160 HIS A NE2 1 
ATOM   24   N  N   . ILE A 1 6   ? 7.387   -10.989 1.319   1.00 19.88 ? 161 ILE A N   1 
ATOM   25   C  CA  . ILE A 1 6   ? 6.074   -10.741 0.741   1.00 22.23 ? 161 ILE A CA  1 
ATOM   26   C  C   . ILE A 1 6   ? 5.113   -10.311 1.838   1.00 22.72 ? 161 ILE A C   1 
ATOM   27   O  O   . ILE A 1 6   ? 5.181   -10.811 2.969   1.00 22.66 ? 161 ILE A O   1 
ATOM   28   C  CB  . ILE A 1 6   ? 5.540   -11.994 0.028   1.00 25.98 ? 161 ILE A CB  1 
ATOM   29   C  CG1 . ILE A 1 6   ? 6.600   -12.563 -0.902  1.00 30.19 ? 161 ILE A CG1 1 
ATOM   30   C  CG2 . ILE A 1 6   ? 4.284   -11.680 -0.757  1.00 27.65 ? 161 ILE A CG2 1 
ATOM   31   C  CD1 . ILE A 1 6   ? 6.939   -11.643 -1.988  1.00 29.28 ? 161 ILE A CD1 1 
ATOM   32   N  N   . ILE A 1 7   ? 4.222   -9.379  1.507   1.00 19.05 ? 162 ILE A N   1 
ATOM   33   C  CA  . ILE A 1 7   ? 3.078   -9.062  2.354   1.00 18.69 ? 162 ILE A CA  1 
ATOM   34   C  C   . ILE A 1 7   ? 1.811   -9.279  1.535   1.00 17.35 ? 162 ILE A C   1 
ATOM   35   O  O   . ILE A 1 7   ? 1.757   -8.930  0.351   1.00 21.37 ? 162 ILE A O   1 
ATOM   36   C  CB  . ILE A 1 7   ? 3.174   -7.628  2.928   1.00 17.08 ? 162 ILE A CB  1 
ATOM   37   C  CG1 . ILE A 1 7   ? 2.028   -7.346  3.899   1.00 16.37 ? 162 ILE A CG1 1 
ATOM   38   C  CG2 . ILE A 1 7   ? 3.255   -6.569  1.814   1.00 15.74 ? 162 ILE A CG2 1 
ATOM   39   C  CD1 . ILE A 1 7   ? 2.315   -6.164  4.847   1.00 16.21 ? 162 ILE A CD1 1 
ATOM   40   N  N   . ILE A 1 8   ? 0.806   -9.896  2.150   1.00 17.59 ? 163 ILE A N   1 
ATOM   41   C  CA  . ILE A 1 8   ? -0.479  -10.156 1.507   1.00 16.94 ? 163 ILE A CA  1 
ATOM   42   C  C   . ILE A 1 8   ? -1.494  -9.199  2.106   1.00 13.82 ? 163 ILE A C   1 
ATOM   43   O  O   . ILE A 1 8   ? -1.727  -9.222  3.318   1.00 16.54 ? 163 ILE A O   1 
ATOM   44   C  CB  . ILE A 1 8   ? -0.957  -11.605 1.709   1.00 18.59 ? 163 ILE A CB  1 
ATOM   45   C  CG1 . ILE A 1 8   ? 0.134   -12.626 1.360   1.00 23.08 ? 163 ILE A CG1 1 
ATOM   46   C  CG2 . ILE A 1 8   ? -2.285  -11.822 0.955   1.00 17.89 ? 163 ILE A CG2 1 
ATOM   47   C  CD1 . ILE A 1 8   ? 0.841   -12.375 0.083   1.00 25.05 ? 163 ILE A CD1 1 
ATOM   48   N  N   . LEU A 1 9   ? -2.125  -8.389  1.267   1.00 16.10 ? 164 LEU A N   1 
ATOM   49   C  CA  . LEU A 1 9   ? -3.111  -7.420  1.731   1.00 16.46 ? 164 LEU A CA  1 
ATOM   50   C  C   . LEU A 1 9   ? -4.481  -7.844  1.232   1.00 15.10 ? 164 LEU A C   1 
ATOM   51   O  O   . LEU A 1 9   ? -4.699  -7.940  0.018   1.00 16.24 ? 164 LEU A O   1 
ATOM   52   C  CB  . LEU A 1 9   ? -2.776  -6.010  1.237   1.00 16.47 ? 164 LEU A CB  1 
ATOM   53   C  CG  . LEU A 1 9   ? -1.419  -5.451  1.676   1.00 15.07 ? 164 LEU A CG  1 
ATOM   54   C  CD1 . LEU A 1 9   ? -1.210  -4.080  1.036   1.00 16.04 ? 164 LEU A CD1 1 
ATOM   55   C  CD2 . LEU A 1 9   ? -1.330  -5.372  3.197   1.00 14.48 ? 164 LEU A CD2 1 
ATOM   56   N  N   . LYS A 1 10  ? -5.401  -8.080  2.161   1.00 13.90 ? 165 LYS A N   1 
ATOM   57   C  CA  . LYS A 1 10  ? -6.768  -8.458  1.829   1.00 14.73 ? 165 LYS A CA  1 
ATOM   58   C  C   . LYS A 1 10  ? -7.709  -7.304  2.145   1.00 13.62 ? 165 LYS A C   1 
ATOM   59   O  O   . LYS A 1 10  ? -7.656  -6.740  3.245   1.00 14.69 ? 165 LYS A O   1 
ATOM   60   C  CB  . LYS A 1 10  ? -7.196  -9.707  2.595   1.00 17.84 ? 165 LYS A CB  1 
ATOM   61   C  CG  . LYS A 1 10  ? -8.570  -10.202 2.191   1.00 21.80 ? 165 LYS A CG  1 
ATOM   62   C  CD  . LYS A 1 10  ? -9.007  -11.399 3.019   1.00 30.45 ? 165 LYS A CD  1 
ATOM   63   C  CE  . LYS A 1 10  ? -10.310 -11.999 2.468   1.00 34.28 ? 165 LYS A CE  1 
ATOM   64   N  NZ  . LYS A 1 10  ? -10.113 -12.645 1.141   1.00 38.77 ? 165 LYS A NZ  1 
ATOM   65   N  N   . SER A 1 11  ? -8.579  -6.975  1.191   1.00 12.70 ? 166 SER A N   1 
ATOM   66   C  CA  . SER A 1 11  ? -9.513  -5.869  1.370   1.00 13.01 ? 166 SER A CA  1 
ATOM   67   C  C   . SER A 1 11  ? -10.619 -6.243  2.346   1.00 13.46 ? 166 SER A C   1 
ATOM   68   O  O   . SER A 1 11  ? -11.246 -7.301  2.212   1.00 14.26 ? 166 SER A O   1 
ATOM   69   C  CB  . SER A 1 11  ? -10.119 -5.467  0.029   1.00 14.97 ? 166 SER A CB  1 
ATOM   70   O  OG  . SER A 1 11  ? -10.942 -4.333  0.199   1.00 13.49 ? 166 SER A OG  1 
HETATM 71   N  N   . MSE A 1 12  ? -10.869 -5.372  3.317   1.00 14.23 ? 167 MSE A N   1 
HETATM 72   C  CA  . MSE A 1 12  ? -11.937 -5.597  4.294   1.00 19.77 ? 167 MSE A CA  1 
HETATM 73   C  C   . MSE A 1 12  ? -13.211 -4.824  3.962   1.00 16.33 ? 167 MSE A C   1 
HETATM 74   O  O   . MSE A 1 12  ? -14.219 -4.959  4.655   1.00 16.50 ? 167 MSE A O   1 
HETATM 75   C  CB  . MSE A 1 12  ? -11.489 -5.202  5.710   1.00 14.71 ? 167 MSE A CB  1 
HETATM 76   C  CG  . MSE A 1 12  ? -10.426 -6.074  6.335   1.00 22.56 ? 167 MSE A CG  1 
HETATM 77   SE SE  . MSE A 1 12  ? -10.975 -7.938  6.546   0.74 28.47 ? 167 MSE A SE  1 
HETATM 78   C  CE  . MSE A 1 12  ? -10.060 -8.645  5.039   1.00 20.10 ? 167 MSE A CE  1 
ATOM   79   N  N   . ASN A 1 13  ? -13.171 -4.006  2.914   1.00 15.41 ? 168 ASN A N   1 
ATOM   80   C  CA  . ASN A 1 13  ? -14.333 -3.184  2.603   1.00 14.51 ? 168 ASN A CA  1 
ATOM   81   C  C   . ASN A 1 13  ? -14.635 -3.198  1.111   1.00 13.92 ? 168 ASN A C   1 
ATOM   82   O  O   . ASN A 1 13  ? -15.205 -2.239  0.580   1.00 12.65 ? 168 ASN A O   1 
ATOM   83   C  CB  . ASN A 1 13  ? -14.148 -1.748  3.115   1.00 15.49 ? 168 ASN A CB  1 
ATOM   84   C  CG  . ASN A 1 13  ? -13.032 -1.008  2.408   1.00 15.38 ? 168 ASN A CG  1 
ATOM   85   O  OD1 . ASN A 1 13  ? -12.159 -1.613  1.790   1.00 11.77 ? 168 ASN A OD1 1 
ATOM   86   N  ND2 . ASN A 1 13  ? -13.058 0.322   2.492   1.00 13.60 ? 168 ASN A ND2 1 
ATOM   87   N  N   . ALA A 1 14  ? -14.253 -4.283  0.424   1.00 15.47 ? 169 ALA A N   1 
ATOM   88   C  CA  . ALA A 1 14  ? -14.610 -4.522  -0.978  1.00 19.85 ? 169 ALA A CA  1 
ATOM   89   C  C   . ALA A 1 14  ? -14.066 -3.446  -1.924  1.00 17.66 ? 169 ALA A C   1 
ATOM   90   O  O   . ALA A 1 14  ? -14.745 -3.021  -2.861  1.00 16.09 ? 169 ALA A O   1 
ATOM   91   C  CB  . ALA A 1 14  ? -16.129 -4.659  -1.129  1.00 21.17 ? 169 ALA A CB  1 
ATOM   92   N  N   . THR A 1 15  ? -12.811 -3.035  -1.727  1.00 14.17 ? 170 THR A N   1 
ATOM   93   C  CA  . THR A 1 15  ? -12.237 -1.980  -2.554  1.00 14.23 ? 170 THR A CA  1 
ATOM   94   C  C   . THR A 1 15  ? -11.085 -2.411  -3.449  1.00 17.90 ? 170 THR A C   1 
ATOM   95   O  O   . THR A 1 15  ? -10.633 -1.599  -4.269  1.00 17.73 ? 170 THR A O   1 
ATOM   96   C  CB  . THR A 1 15  ? -11.756 -0.817  -1.674  1.00 15.05 ? 170 THR A CB  1 
ATOM   97   O  OG1 . THR A 1 15  ? -11.040 -1.335  -0.539  1.00 14.18 ? 170 THR A OG1 1 
ATOM   98   C  CG2 . THR A 1 15  ? -12.945 0.028   -1.216  1.00 15.02 ? 170 THR A CG2 1 
ATOM   99   N  N   . PHE A 1 16  ? -10.570 -3.633  -3.312  1.00 16.17 ? 171 PHE A N   1 
ATOM   100  C  CA  . PHE A 1 16  ? -9.470  -4.007  -4.191  1.00 15.56 ? 171 PHE A CA  1 
ATOM   101  C  C   . PHE A 1 16  ? -9.291  -5.512  -4.183  1.00 16.30 ? 171 PHE A C   1 
ATOM   102  O  O   . PHE A 1 16  ? -9.634  -6.186  -3.214  1.00 17.08 ? 171 PHE A O   1 
ATOM   103  C  CB  . PHE A 1 16  ? -8.151  -3.319  -3.795  1.00 14.67 ? 171 PHE A CB  1 
ATOM   104  C  CG  . PHE A 1 16  ? -7.625  -3.707  -2.433  1.00 16.55 ? 171 PHE A CG  1 
ATOM   105  C  CD1 . PHE A 1 16  ? -7.990  -2.990  -1.296  1.00 15.26 ? 171 PHE A CD1 1 
ATOM   106  C  CD2 . PHE A 1 16  ? -6.723  -4.745  -2.300  1.00 13.74 ? 171 PHE A CD2 1 
ATOM   107  C  CE1 . PHE A 1 16  ? -7.488  -3.336  -0.043  1.00 12.49 ? 171 PHE A CE1 1 
ATOM   108  C  CE2 . PHE A 1 16  ? -6.212  -5.095  -1.049  1.00 16.24 ? 171 PHE A CE2 1 
ATOM   109  C  CZ  . PHE A 1 16  ? -6.594  -4.400  0.077   1.00 12.17 ? 171 PHE A CZ  1 
ATOM   110  N  N   . GLU A 1 17  ? -8.749  -6.019  -5.286  1.00 15.98 ? 172 GLU A N   1 
ATOM   111  C  CA  . GLU A 1 17  ? -8.366  -7.420  -5.370  1.00 18.75 ? 172 GLU A CA  1 
ATOM   112  C  C   . GLU A 1 17  ? -7.112  -7.669  -4.542  1.00 18.00 ? 172 GLU A C   1 
ATOM   113  O  O   . GLU A 1 17  ? -6.151  -6.897  -4.597  1.00 17.91 ? 172 GLU A O   1 
ATOM   114  C  CB  . GLU A 1 17  ? -8.119  -7.815  -6.822  1.00 22.91 ? 172 GLU A CB  1 
ATOM   115  N  N   . THR A 1 18  ? -7.126  -8.769  -3.793  1.00 16.39 ? 173 THR A N   1 
ATOM   116  C  CA  . THR A 1 18  ? -6.055  -9.090  -2.851  1.00 16.75 ? 173 THR A CA  1 
ATOM   117  C  C   . THR A 1 18  ? -4.680  -8.934  -3.492  1.00 19.15 ? 173 THR A C   1 
ATOM   118  O  O   . THR A 1 18  ? -4.448  -9.401  -4.611  1.00 16.23 ? 173 THR A O   1 
ATOM   119  C  CB  . THR A 1 18  ? -6.257  -10.518 -2.335  1.00 18.38 ? 173 THR A CB  1 
ATOM   120  O  OG1 . THR A 1 18  ? -7.547  -10.605 -1.711  1.00 22.03 ? 173 THR A OG1 1 
ATOM   121  C  CG2 . THR A 1 18  ? -5.176  -10.906 -1.328  1.00 18.83 ? 173 THR A CG2 1 
ATOM   122  N  N   . LYS A 1 19  ? -3.774  -8.252  -2.779  1.00 15.92 ? 174 LYS A N   1 
ATOM   123  C  CA  . LYS A 1 19  ? -2.434  -7.959  -3.268  1.00 16.00 ? 174 LYS A CA  1 
ATOM   124  C  C   . LYS A 1 19  ? -1.382  -8.889  -2.661  1.00 17.69 ? 174 LYS A C   1 
ATOM   125  O  O   . LYS A 1 19  ? -1.460  -9.265  -1.491  1.00 17.47 ? 174 LYS A O   1 
ATOM   126  C  CB  . LYS A 1 19  ? -2.083  -6.498  -2.977  1.00 15.07 ? 174 LYS A CB  1 
ATOM   127  C  CG  . LYS A 1 19  ? -2.966  -5.550  -3.769  1.00 14.42 ? 174 LYS A CG  1 
ATOM   128  C  CD  . LYS A 1 19  ? -2.593  -4.098  -3.555  1.00 17.81 ? 174 LYS A CD  1 
ATOM   129  C  CE  . LYS A 1 19  ? -3.425  -3.219  -4.468  1.00 15.25 ? 174 LYS A CE  1 
ATOM   130  N  NZ  . LYS A 1 19  ? -3.075  -3.391  -5.897  1.00 15.73 ? 174 LYS A NZ  1 
ATOM   131  N  N   . PHE A 1 20  ? -0.384  -9.239  -3.472  1.00 17.52 ? 175 PHE A N   1 
ATOM   132  C  CA  . PHE A 1 20  ? 0.743   -10.090 -3.092  1.00 20.18 ? 175 PHE A CA  1 
ATOM   133  C  C   . PHE A 1 20  ? 2.003   -9.304  -3.448  1.00 18.27 ? 175 PHE A C   1 
ATOM   134  O  O   . PHE A 1 20  ? 2.459   -9.336  -4.592  1.00 21.91 ? 175 PHE A O   1 
ATOM   135  C  CB  . PHE A 1 20  ? 0.679   -11.436 -3.823  1.00 25.28 ? 175 PHE A CB  1 
ATOM   136  C  CG  . PHE A 1 20  ? -0.625  -12.180 -3.638  1.00 24.58 ? 175 PHE A CG  1 
ATOM   137  C  CD1 . PHE A 1 20  ? -1.755  -11.840 -4.373  1.00 25.94 ? 175 PHE A CD1 1 
ATOM   138  C  CD2 . PHE A 1 20  ? -0.714  -13.236 -2.743  1.00 28.13 ? 175 PHE A CD2 1 
ATOM   139  C  CE1 . PHE A 1 20  ? -2.948  -12.522 -4.205  1.00 25.70 ? 175 PHE A CE1 1 
ATOM   140  C  CE2 . PHE A 1 20  ? -1.912  -13.938 -2.570  1.00 25.89 ? 175 PHE A CE2 1 
ATOM   141  C  CZ  . PHE A 1 20  ? -3.027  -13.580 -3.296  1.00 25.56 ? 175 PHE A CZ  1 
ATOM   142  N  N   . LEU A 1 21  ? 2.545   -8.563  -2.489  1.00 19.06 ? 176 LEU A N   1 
ATOM   143  C  CA  . LEU A 1 21  ? 3.550   -7.546  -2.770  1.00 17.52 ? 176 LEU A CA  1 
ATOM   144  C  C   . LEU A 1 21  ? 4.932   -7.994  -2.311  1.00 20.39 ? 176 LEU A C   1 
ATOM   145  O  O   . LEU A 1 21  ? 5.115   -8.357  -1.145  1.00 19.50 ? 176 LEU A O   1 
ATOM   146  C  CB  . LEU A 1 21  ? 3.192   -6.223  -2.086  1.00 20.46 ? 176 LEU A CB  1 
ATOM   147  C  CG  . LEU A 1 21  ? 1.818   -5.648  -2.431  1.00 17.64 ? 176 LEU A CG  1 
ATOM   148  C  CD1 . LEU A 1 21  ? 1.569   -4.368  -1.675  1.00 19.43 ? 176 LEU A CD1 1 
ATOM   149  C  CD2 . LEU A 1 21  ? 1.712   -5.419  -3.948  1.00 18.86 ? 176 LEU A CD2 1 
ATOM   150  N  N   . VAL A 1 22  ? 5.902   -7.933  -3.221  1.00 20.95 ? 177 VAL A N   1 
ATOM   151  C  CA  . VAL A 1 22  ? 7.308   -8.080  -2.856  1.00 21.37 ? 177 VAL A CA  1 
ATOM   152  C  C   . VAL A 1 22  ? 7.795   -6.734  -2.338  1.00 18.80 ? 177 VAL A C   1 
ATOM   153  O  O   . VAL A 1 22  ? 7.841   -5.756  -3.088  1.00 20.26 ? 177 VAL A O   1 
ATOM   154  C  CB  . VAL A 1 22  ? 8.152   -8.536  -4.054  1.00 22.50 ? 177 VAL A CB  1 
ATOM   155  C  CG1 . VAL A 1 22  ? 9.579   -8.848  -3.606  1.00 26.63 ? 177 VAL A CG1 1 
ATOM   156  C  CG2 . VAL A 1 22  ? 7.525   -9.730  -4.751  1.00 26.71 ? 177 VAL A CG2 1 
ATOM   157  N  N   . VAL A 1 23  ? 8.161   -6.675  -1.064  1.00 16.56 ? 178 VAL A N   1 
ATOM   158  C  CA  . VAL A 1 23  ? 8.535   -5.418  -0.424  1.00 20.18 ? 178 VAL A CA  1 
ATOM   159  C  C   . VAL A 1 23  ? 10.042  -5.240  -0.565  1.00 19.42 ? 178 VAL A C   1 
ATOM   160  O  O   . VAL A 1 23  ? 10.804  -6.090  -0.071  1.00 22.79 ? 178 VAL A O   1 
ATOM   161  C  CB  . VAL A 1 23  ? 8.113   -5.376  1.047   1.00 17.36 ? 178 VAL A CB  1 
ATOM   162  C  CG1 . VAL A 1 23  ? 8.490   -4.046  1.645   1.00 18.44 ? 178 VAL A CG1 1 
ATOM   163  C  CG2 . VAL A 1 23  ? 6.620   -5.575  1.153   1.00 21.83 ? 178 VAL A CG2 1 
ATOM   164  N  N   . PRO A 1 24  ? 10.509  -4.175  -1.210  1.00 22.29 ? 179 PRO A N   1 
ATOM   165  C  CA  . PRO A 1 24  ? 11.952  -3.980  -1.364  1.00 21.84 ? 179 PRO A CA  1 
ATOM   166  C  C   . PRO A 1 24  ? 12.608  -3.612  -0.044  1.00 25.02 ? 179 PRO A C   1 
ATOM   167  O  O   . PRO A 1 24  ? 11.993  -3.011  0.844   1.00 21.70 ? 179 PRO A O   1 
ATOM   168  C  CB  . PRO A 1 24  ? 12.055  -2.828  -2.372  1.00 26.51 ? 179 PRO A CB  1 
ATOM   169  C  CG  . PRO A 1 24  ? 10.660  -2.623  -2.906  1.00 26.00 ? 179 PRO A CG  1 
ATOM   170  C  CD  . PRO A 1 24  ? 9.741   -3.083  -1.833  1.00 21.49 ? 179 PRO A CD  1 
ATOM   171  N  N   . PHE A 1 25  ? 13.883  -3.979  0.070   1.00 26.28 ? 180 PHE A N   1 
ATOM   172  C  CA  . PHE A 1 25  ? 14.685  -3.578  1.219   1.00 23.12 ? 180 PHE A CA  1 
ATOM   173  C  C   . PHE A 1 25  ? 14.920  -2.076  1.223   1.00 24.65 ? 180 PHE A C   1 
ATOM   174  O  O   . PHE A 1 25  ? 15.140  -1.467  0.175   1.00 25.24 ? 180 PHE A O   1 
ATOM   175  C  CB  . PHE A 1 25  ? 16.041  -4.281  1.199   1.00 26.01 ? 180 PHE A CB  1 
ATOM   176  C  CG  . PHE A 1 25  ? 15.967  -5.761  1.396   1.00 27.23 ? 180 PHE A CG  1 
ATOM   177  C  CD1 . PHE A 1 25  ? 15.234  -6.304  2.436   1.00 28.18 ? 180 PHE A CD1 1 
ATOM   178  C  CD2 . PHE A 1 25  ? 16.657  -6.616  0.548   1.00 30.31 ? 180 PHE A CD2 1 
ATOM   179  C  CE1 . PHE A 1 25  ? 15.175  -7.674  2.618   1.00 25.08 ? 180 PHE A CE1 1 
ATOM   180  C  CE2 . PHE A 1 25  ? 16.605  -7.987  0.728   1.00 27.62 ? 180 PHE A CE2 1 
ATOM   181  C  CZ  . PHE A 1 25  ? 15.863  -8.517  1.767   1.00 28.83 ? 180 PHE A CZ  1 
ATOM   182  N  N   . LYS A 1 26  ? 14.910  -1.485  2.419   1.00 27.51 ? 181 LYS A N   1 
ATOM   183  C  CA  . LYS A 1 26  ? 15.355  -0.101  2.556   1.00 26.60 ? 181 LYS A CA  1 
ATOM   184  C  C   . LYS A 1 26  ? 16.768  0.041   1.984   1.00 28.73 ? 181 LYS A C   1 
ATOM   185  O  O   . LYS A 1 26  ? 17.580  -0.882  2.091   1.00 28.69 ? 181 LYS A O   1 
ATOM   186  C  CB  . LYS A 1 26  ? 15.327  0.327   4.024   1.00 28.06 ? 181 LYS A CB  1 
ATOM   187  C  CG  . LYS A 1 26  ? 13.936  0.259   4.662   1.00 24.61 ? 181 LYS A CG  1 
ATOM   188  C  CD  . LYS A 1 26  ? 13.943  0.701   6.117   1.00 34.14 ? 181 LYS A CD  1 
ATOM   189  C  CE  . LYS A 1 26  ? 13.714  2.199   6.226   1.00 35.31 ? 181 LYS A CE  1 
ATOM   190  N  NZ  . LYS A 1 26  ? 12.322  2.558   5.840   1.00 33.57 ? 181 LYS A NZ  1 
ATOM   191  N  N   . PRO A 1 27  ? 17.096  1.191   1.366   1.00 29.15 ? 182 PRO A N   1 
ATOM   192  C  CA  . PRO A 1 27  ? 16.339  2.445   1.298   1.00 29.84 ? 182 PRO A CA  1 
ATOM   193  C  C   . PRO A 1 27  ? 15.308  2.523   0.169   1.00 26.38 ? 182 PRO A C   1 
ATOM   194  O  O   . PRO A 1 27  ? 14.713  3.588   -0.034  1.00 26.67 ? 182 PRO A O   1 
ATOM   195  C  CB  . PRO A 1 27  ? 17.440  3.483   1.081   1.00 29.83 ? 182 PRO A CB  1 
ATOM   196  C  CG  . PRO A 1 27  ? 18.442  2.755   0.241   1.00 29.03 ? 182 PRO A CG  1 
ATOM   197  C  CD  . PRO A 1 27  ? 18.386  1.299   0.661   1.00 31.82 ? 182 PRO A CD  1 
ATOM   198  N  N   . ASP A 1 28  ? 15.127  1.434   -0.577  1.00 24.83 ? 183 ASP A N   1 
ATOM   199  C  CA  . ASP A 1 28  ? 14.070  1.382   -1.574  1.00 26.78 ? 183 ASP A CA  1 
ATOM   200  C  C   . ASP A 1 28  ? 12.720  1.200   -0.879  1.00 24.46 ? 183 ASP A C   1 
ATOM   201  O  O   . ASP A 1 28  ? 12.624  1.092   0.344   1.00 21.56 ? 183 ASP A O   1 
ATOM   202  C  CB  . ASP A 1 28  ? 14.344  0.259   -2.575  1.00 30.55 ? 183 ASP A CB  1 
ATOM   203  C  CG  . ASP A 1 28  ? 13.440  0.323   -3.801  1.00 36.87 ? 183 ASP A CG  1 
ATOM   204  O  OD1 . ASP A 1 28  ? 12.756  1.352   -3.986  1.00 45.29 ? 183 ASP A OD1 1 
ATOM   205  O  OD2 . ASP A 1 28  ? 13.407  -0.659  -4.579  1.00 41.62 ? 183 ASP A OD2 1 
ATOM   206  N  N   . GLY A 1 29  ? 11.657  1.166   -1.667  1.00 24.73 ? 184 GLY A N   1 
ATOM   207  C  CA  . GLY A 1 29  ? 10.333  1.014   -1.092  1.00 25.42 ? 184 GLY A CA  1 
ATOM   208  C  C   . GLY A 1 29  ? 9.310   0.849   -2.187  1.00 24.35 ? 184 GLY A C   1 
ATOM   209  O  O   . GLY A 1 29  ? 9.574   1.130   -3.360  1.00 24.32 ? 184 GLY A O   1 
ATOM   210  N  N   . LEU A 1 30  ? 8.129   0.386   -1.775  1.00 21.46 ? 185 LEU A N   1 
ATOM   211  C  CA  . LEU A 1 30  ? 7.000   0.141   -2.665  1.00 21.31 ? 185 LEU A CA  1 
ATOM   212  C  C   . LEU A 1 30  ? 5.924   1.183   -2.388  1.00 18.72 ? 185 LEU A C   1 
ATOM   213  O  O   . LEU A 1 30  ? 5.392   1.242   -1.275  1.00 17.57 ? 185 LEU A O   1 
ATOM   214  C  CB  . LEU A 1 30  ? 6.454   -1.274  -2.448  1.00 19.05 ? 185 LEU A CB  1 
ATOM   215  C  CG  . LEU A 1 30  ? 5.446   -1.893  -3.423  1.00 25.51 ? 185 LEU A CG  1 
ATOM   216  C  CD1 . LEU A 1 30  ? 4.029   -1.419  -3.158  1.00 23.73 ? 185 LEU A CD1 1 
ATOM   217  C  CD2 . LEU A 1 30  ? 5.848   -1.594  -4.844  1.00 28.67 ? 185 LEU A CD2 1 
ATOM   218  N  N   . LYS A 1 31  ? 5.562   1.964   -3.407  1.00 15.13 ? 186 LYS A N   1 
ATOM   219  C  CA  . LYS A 1 31  ? 4.608   3.049   -3.202  1.00 17.68 ? 186 LYS A CA  1 
ATOM   220  C  C   . LYS A 1 31  ? 3.182   2.515   -3.215  1.00 15.98 ? 186 LYS A C   1 
ATOM   221  O  O   . LYS A 1 31  ? 2.817   1.728   -4.087  1.00 20.15 ? 186 LYS A O   1 
ATOM   222  C  CB  . LYS A 1 31  ? 4.780   4.134   -4.271  1.00 21.26 ? 186 LYS A CB  1 
ATOM   223  N  N   . LEU A 1 32  ? 2.380   2.955   -2.249  1.00 17.11 ? 187 LEU A N   1 
ATOM   224  C  CA  . LEU A 1 32  ? 0.934   2.755   -2.252  1.00 17.11 ? 187 LEU A CA  1 
ATOM   225  C  C   . LEU A 1 32  ? 0.248   4.048   -2.669  1.00 15.48 ? 187 LEU A C   1 
ATOM   226  O  O   . LEU A 1 32  ? 0.604   5.127   -2.180  1.00 14.87 ? 187 LEU A O   1 
ATOM   227  C  CB  . LEU A 1 32  ? 0.428   2.336   -0.871  1.00 13.67 ? 187 LEU A CB  1 
ATOM   228  C  CG  . LEU A 1 32  ? 1.151   1.142   -0.250  1.00 16.83 ? 187 LEU A CG  1 
ATOM   229  C  CD1 . LEU A 1 32  ? 0.586   0.849   1.120   1.00 18.04 ? 187 LEU A CD1 1 
ATOM   230  C  CD2 . LEU A 1 32  ? 1.044   -0.077  -1.167  1.00 19.04 ? 187 LEU A CD2 1 
ATOM   231  N  N   . GLY A 1 33  ? -0.732  3.944   -3.562  1.00 14.04 ? 188 GLY A N   1 
ATOM   232  C  CA  . GLY A 1 33  ? -1.428  5.142   -3.997  1.00 17.35 ? 188 GLY A CA  1 
ATOM   233  C  C   . GLY A 1 33  ? -2.379  4.847   -5.143  1.00 16.47 ? 188 GLY A C   1 
ATOM   234  O  O   . GLY A 1 33  ? -2.745  3.703   -5.390  1.00 16.07 ? 188 GLY A O   1 
ATOM   235  N  N   . ARG A 1 34  ? -2.801  5.907   -5.796  1.00 17.67 ? 189 ARG A N   1 
ATOM   236  C  CA  . ARG A 1 34  ? -3.662  5.907   -6.966  1.00 21.32 ? 189 ARG A CA  1 
ATOM   237  C  C   . ARG A 1 34  ? -2.816  6.114   -8.216  1.00 27.84 ? 189 ARG A C   1 
ATOM   238  O  O   . ARG A 1 34  ? -1.925  6.967   -8.218  1.00 33.55 ? 189 ARG A O   1 
ATOM   239  C  CB  . ARG A 1 34  ? -4.701  7.024   -6.842  1.00 23.35 ? 189 ARG A CB  1 
ATOM   240  C  CG  . ARG A 1 34  ? -5.581  7.249   -8.057  1.00 27.69 ? 189 ARG A CG  1 
ATOM   241  C  CD  . ARG A 1 34  ? -6.779  8.119   -7.682  1.00 22.26 ? 189 ARG A CD  1 
ATOM   242  N  NE  . ARG A 1 34  ? -6.386  9.295   -6.901  1.00 20.79 ? 189 ARG A NE  1 
ATOM   243  C  CZ  . ARG A 1 34  ? -6.435  10.536  -7.377  1.00 24.19 ? 189 ARG A CZ  1 
ATOM   244  N  NH1 . ARG A 1 34  ? -6.858  10.739  -8.613  1.00 19.67 ? 189 ARG A NH1 1 
ATOM   245  N  NH2 . ARG A 1 34  ? -6.074  11.565  -6.629  1.00 24.90 ? 189 ARG A NH2 1 
ATOM   246  N  N   . PRO A 1 35  ? -3.039  5.348   -9.297  1.00 26.39 ? 190 PRO A N   1 
ATOM   247  C  CA  . PRO A 1 35  ? -2.206  5.422   -10.505 1.00 31.06 ? 190 PRO A CA  1 
ATOM   248  C  C   . PRO A 1 35  ? -2.136  6.819   -11.104 1.00 32.33 ? 190 PRO A C   1 
ATOM   249  O  O   . PRO A 1 35  ? -3.181  7.470   -11.166 1.00 35.93 ? 190 PRO A O   1 
ATOM   250  C  CB  . PRO A 1 35  ? -2.910  4.464   -11.474 1.00 30.15 ? 190 PRO A CB  1 
ATOM   251  C  CG  . PRO A 1 35  ? -3.662  3.540   -10.616 1.00 26.49 ? 190 PRO A CG  1 
ATOM   252  C  CD  . PRO A 1 35  ? -4.097  4.338   -9.421  1.00 25.99 ? 190 PRO A CD  1 
ATOM   253  N  N   . ASN A 1 43  ? 5.018   5.340   -28.098 1.00 46.44 ? 198 ASN A N   1 
ATOM   254  C  CA  . ASN A 1 43  ? 6.261   6.004   -28.482 1.00 42.39 ? 198 ASN A CA  1 
ATOM   255  C  C   . ASN A 1 43  ? 6.920   6.659   -27.277 1.00 40.88 ? 198 ASN A C   1 
ATOM   256  O  O   . ASN A 1 43  ? 7.019   7.882   -27.206 1.00 51.95 ? 198 ASN A O   1 
ATOM   257  C  CB  . ASN A 1 43  ? 5.999   7.046   -29.574 1.00 43.97 ? 198 ASN A CB  1 
ATOM   258  N  N   . ASN A 1 44  ? 7.370   5.840   -26.329 1.00 39.66 ? 199 ASN A N   1 
ATOM   259  C  CA  . ASN A 1 44  ? 7.952   6.348   -25.096 1.00 39.19 ? 199 ASN A CA  1 
ATOM   260  C  C   . ASN A 1 44  ? 8.889   5.290   -24.520 1.00 35.79 ? 199 ASN A C   1 
ATOM   261  O  O   . ASN A 1 44  ? 8.544   4.105   -24.474 1.00 35.36 ? 199 ASN A O   1 
ATOM   262  C  CB  . ASN A 1 44  ? 6.847   6.721   -24.096 1.00 42.09 ? 199 ASN A CB  1 
ATOM   263  C  CG  . ASN A 1 44  ? 7.369   6.932   -22.694 1.00 41.72 ? 199 ASN A CG  1 
ATOM   264  O  OD1 . ASN A 1 44  ? 8.436   7.512   -22.494 1.00 48.62 ? 199 ASN A OD1 1 
ATOM   265  N  ND2 . ASN A 1 44  ? 6.612   6.468   -21.708 1.00 44.82 ? 199 ASN A ND2 1 
ATOM   266  N  N   . SER A 1 45  ? 10.075  5.725   -24.085 1.00 31.94 ? 200 SER A N   1 
ATOM   267  C  CA  . SER A 1 45  ? 11.066  4.779   -23.581 1.00 29.31 ? 200 SER A CA  1 
ATOM   268  C  C   . SER A 1 45  ? 10.643  4.137   -22.264 1.00 30.78 ? 200 SER A C   1 
ATOM   269  O  O   . SER A 1 45  ? 11.194  3.092   -21.896 1.00 30.31 ? 200 SER A O   1 
ATOM   270  C  CB  . SER A 1 45  ? 12.426  5.465   -23.433 1.00 30.83 ? 200 SER A CB  1 
ATOM   271  O  OG  . SER A 1 45  ? 13.053  5.620   -24.697 1.00 23.22 ? 200 SER A OG  1 
ATOM   272  N  N   . GLY A 1 46  ? 9.674   4.720   -21.557 1.00 30.34 ? 201 GLY A N   1 
ATOM   273  C  CA  . GLY A 1 46  ? 9.124   4.089   -20.371 1.00 34.69 ? 201 GLY A CA  1 
ATOM   274  C  C   . GLY A 1 46  ? 7.766   3.437   -20.567 1.00 41.74 ? 201 GLY A C   1 
ATOM   275  O  O   . GLY A 1 46  ? 7.069   3.170   -19.585 1.00 41.33 ? 201 GLY A O   1 
ATOM   276  N  N   . SER A 1 47  ? 7.393   3.147   -21.818 1.00 35.16 ? 202 SER A N   1 
ATOM   277  C  CA  . SER A 1 47  ? 6.045   2.664   -22.121 1.00 39.31 ? 202 SER A CA  1 
ATOM   278  C  C   . SER A 1 47  ? 5.742   1.343   -21.424 1.00 44.79 ? 202 SER A C   1 
ATOM   279  O  O   . SER A 1 47  ? 4.744   1.225   -20.706 1.00 44.59 ? 202 SER A O   1 
ATOM   280  C  CB  . SER A 1 47  ? 5.866   2.518   -23.630 1.00 41.32 ? 202 SER A CB  1 
ATOM   281  O  OG  . SER A 1 47  ? 5.720   3.785   -24.238 1.00 41.83 ? 202 SER A OG  1 
ATOM   282  N  N   . LYS A 1 48  ? 6.575   0.323   -21.650 1.00 42.70 ? 203 LYS A N   1 
ATOM   283  C  CA  . LYS A 1 48  ? 6.325   -0.972  -21.021 1.00 51.20 ? 203 LYS A CA  1 
ATOM   284  C  C   . LYS A 1 48  ? 6.331   -0.874  -19.502 1.00 48.39 ? 203 LYS A C   1 
ATOM   285  O  O   . LYS A 1 48  ? 5.666   -1.665  -18.827 1.00 61.12 ? 203 LYS A O   1 
ATOM   286  C  CB  . LYS A 1 48  ? 7.354   -2.000  -21.490 1.00 48.13 ? 203 LYS A CB  1 
ATOM   287  N  N   . ARG A 1 49  ? 7.068   0.085   -18.943 1.00 50.62 ? 204 ARG A N   1 
ATOM   288  C  CA  . ARG A 1 49  ? 7.064   0.281   -17.498 1.00 50.70 ? 204 ARG A CA  1 
ATOM   289  C  C   . ARG A 1 49  ? 5.931   1.189   -17.041 1.00 53.23 ? 204 ARG A C   1 
ATOM   290  O  O   . ARG A 1 49  ? 5.340   0.945   -15.987 1.00 56.91 ? 204 ARG A O   1 
ATOM   291  C  CB  . ARG A 1 49  ? 8.401   0.856   -17.025 1.00 51.52 ? 204 ARG A CB  1 
ATOM   292  N  N   . ASP A 1 50  ? 5.612   2.238   -17.807 1.00 48.32 ? 205 ASP A N   1 
ATOM   293  C  CA  . ASP A 1 50  ? 4.505   3.110   -17.425 1.00 47.40 ? 205 ASP A CA  1 
ATOM   294  C  C   . ASP A 1 50  ? 3.162   2.409   -17.577 1.00 48.63 ? 205 ASP A C   1 
ATOM   295  O  O   . ASP A 1 50  ? 2.226   2.701   -16.825 1.00 52.47 ? 205 ASP A O   1 
ATOM   296  C  CB  . ASP A 1 50  ? 4.519   4.393   -18.256 1.00 44.16 ? 205 ASP A CB  1 
ATOM   297  C  CG  . ASP A 1 50  ? 5.667   5.316   -17.888 1.00 53.56 ? 205 ASP A CG  1 
ATOM   298  O  OD1 . ASP A 1 50  ? 6.216   5.162   -16.775 1.00 57.34 ? 205 ASP A OD1 1 
ATOM   299  O  OD2 . ASP A 1 50  ? 6.018   6.197   -18.707 1.00 50.13 ? 205 ASP A OD2 1 
ATOM   300  N  N   . LEU A 1 51  ? 3.047   1.497   -18.540 1.00 46.47 ? 206 LEU A N   1 
ATOM   301  C  CA  . LEU A 1 51  ? 1.800   0.780   -18.762 1.00 50.65 ? 206 LEU A CA  1 
ATOM   302  C  C   . LEU A 1 51  ? 1.411   -0.001  -17.515 1.00 53.71 ? 206 LEU A C   1 
ATOM   303  O  O   . LEU A 1 51  ? 0.387   0.291   -16.884 1.00 50.05 ? 206 LEU A O   1 
ATOM   304  C  CB  . LEU A 1 51  ? 1.924   -0.164  -19.960 1.00 47.77 ? 206 LEU A CB  1 
ATOM   305  N  N   . PHE A 1 52  ? 2.238   -0.985  -17.150 1.00 52.39 ? 207 PHE A N   1 
ATOM   306  C  CA  . PHE A 1 52  ? 1.923   -1.836  -16.010 1.00 46.69 ? 207 PHE A CA  1 
ATOM   307  C  C   . PHE A 1 52  ? 1.909   -1.049  -14.707 1.00 45.46 ? 207 PHE A C   1 
ATOM   308  O  O   . PHE A 1 52  ? 1.169   -1.400  -13.782 1.00 44.91 ? 207 PHE A O   1 
ATOM   309  C  CB  . PHE A 1 52  ? 2.924   -2.988  -15.928 1.00 55.06 ? 207 PHE A CB  1 
ATOM   310  N  N   . SER A 1 53  ? 2.697   0.023   -14.618 1.00 47.64 ? 208 SER A N   1 
ATOM   311  C  CA  . SER A 1 53  ? 2.753   0.805   -13.389 1.00 41.85 ? 208 SER A CA  1 
ATOM   312  C  C   . SER A 1 53  ? 1.540   1.700   -13.196 1.00 42.71 ? 208 SER A C   1 
ATOM   313  O  O   . SER A 1 53  ? 1.280   2.124   -12.065 1.00 46.94 ? 208 SER A O   1 
ATOM   314  C  CB  . SER A 1 53  ? 4.018   1.663   -13.360 1.00 48.77 ? 208 SER A CB  1 
ATOM   315  O  OG  . SER A 1 53  ? 5.168   0.863   -13.571 1.00 53.31 ? 208 SER A OG  1 
ATOM   316  N  N   . GLN A 1 54  ? 0.811   2.016   -14.262 1.00 41.24 ? 209 GLN A N   1 
ATOM   317  C  CA  . GLN A 1 54  ? -0.402  2.813   -14.167 1.00 36.04 ? 209 GLN A CA  1 
ATOM   318  C  C   . GLN A 1 54  ? -1.649  1.949   -14.025 1.00 38.48 ? 209 GLN A C   1 
ATOM   319  O  O   . GLN A 1 54  ? -2.766  2.474   -14.086 1.00 39.01 ? 209 GLN A O   1 
ATOM   320  C  CB  . GLN A 1 54  ? -0.535  3.721   -15.392 1.00 42.90 ? 209 GLN A CB  1 
ATOM   321  N  N   . GLN A 1 55  ? -1.478  0.642   -13.856 1.00 29.32 ? 210 GLN A N   1 
ATOM   322  C  CA  . GLN A 1 55  ? -2.578  -0.291  -13.688 1.00 33.67 ? 210 GLN A CA  1 
ATOM   323  C  C   . GLN A 1 55  ? -2.738  -0.651  -12.217 1.00 29.04 ? 210 GLN A C   1 
ATOM   324  O  O   . GLN A 1 55  ? -1.788  -0.578  -11.434 1.00 28.20 ? 210 GLN A O   1 
ATOM   325  C  CB  . GLN A 1 55  ? -2.347  -1.562  -14.505 1.00 33.45 ? 210 GLN A CB  1 
ATOM   326  C  CG  . GLN A 1 55  ? -2.672  -1.419  -15.985 1.00 40.12 ? 210 GLN A CG  1 
ATOM   327  C  CD  . GLN A 1 55  ? -2.413  -2.692  -16.765 1.00 46.22 ? 210 GLN A CD  1 
ATOM   328  O  OE1 . GLN A 1 55  ? -2.681  -3.797  -16.286 1.00 47.02 ? 210 GLN A OE1 1 
ATOM   329  N  NE2 . GLN A 1 55  ? -1.886  -2.545  -17.975 1.00 47.37 ? 210 GLN A NE2 1 
ATOM   330  N  N   . VAL A 1 56  ? -3.951  -1.046  -11.849 1.00 26.79 ? 211 VAL A N   1 
ATOM   331  C  CA  . VAL A 1 56  ? -4.229  -1.579  -10.521 1.00 19.97 ? 211 VAL A CA  1 
ATOM   332  C  C   . VAL A 1 56  ? -4.038  -3.092  -10.603 1.00 23.59 ? 211 VAL A C   1 
ATOM   333  O  O   . VAL A 1 56  ? -4.888  -3.813  -11.125 1.00 25.11 ? 211 VAL A O   1 
ATOM   334  C  CB  . VAL A 1 56  ? -5.629  -1.192  -10.041 1.00 20.31 ? 211 VAL A CB  1 
ATOM   335  C  CG1 . VAL A 1 56  ? -5.948  -1.879  -8.722  1.00 23.66 ? 211 VAL A CG1 1 
ATOM   336  C  CG2 . VAL A 1 56  ? -5.734  0.317   -9.911  1.00 26.46 ? 211 VAL A CG2 1 
ATOM   337  N  N   . ARG A 1 57  ? -2.926  -3.582  -10.071 1.00 21.38 ? 212 ARG A N   1 
ATOM   338  C  CA  . ARG A 1 57  ? -2.577  -4.991  -10.191 1.00 23.40 ? 212 ARG A CA  1 
ATOM   339  C  C   . ARG A 1 57  ? -2.353  -5.612  -8.819  1.00 20.86 ? 212 ARG A C   1 
ATOM   340  O  O   . ARG A 1 57  ? -1.919  -4.928  -7.889  1.00 18.51 ? 212 ARG A O   1 
ATOM   341  C  CB  . ARG A 1 57  ? -1.300  -5.172  -11.032 1.00 25.48 ? 212 ARG A CB  1 
ATOM   342  C  CG  . ARG A 1 57  ? -1.385  -4.599  -12.438 1.00 31.83 ? 212 ARG A CG  1 
ATOM   343  C  CD  . ARG A 1 57  ? -0.031  -4.629  -13.139 1.00 33.62 ? 212 ARG A CD  1 
ATOM   344  N  NE  . ARG A 1 57  ? 0.564   -5.963  -13.140 1.00 32.32 ? 212 ARG A NE  1 
ATOM   345  C  CZ  . ARG A 1 57  ? 0.191   -6.950  -13.953 1.00 40.80 ? 212 ARG A CZ  1 
ATOM   346  N  NH1 . ARG A 1 57  ? -0.780  -6.762  -14.837 1.00 43.10 ? 212 ARG A NH1 1 
ATOM   347  N  NH2 . ARG A 1 57  ? 0.788   -8.130  -13.881 1.00 44.02 ? 212 ARG A NH2 1 
ATOM   348  N  N   . PRO A 1 58  ? -2.590  -6.921  -8.682  1.00 22.17 ? 213 PRO A N   1 
ATOM   349  C  CA  . PRO A 1 58  ? -2.291  -7.592  -7.402  1.00 20.96 ? 213 PRO A CA  1 
ATOM   350  C  C   . PRO A 1 58  ? -0.828  -7.517  -7.002  1.00 19.79 ? 213 PRO A C   1 
ATOM   351  O  O   . PRO A 1 58  ? -0.524  -7.645  -5.812  1.00 18.84 ? 213 PRO A O   1 
ATOM   352  C  CB  . PRO A 1 58  ? -2.724  -9.046  -7.651  1.00 24.05 ? 213 PRO A CB  1 
ATOM   353  C  CG  . PRO A 1 58  ? -3.704  -8.961  -8.778  1.00 27.83 ? 213 PRO A CG  1 
ATOM   354  C  CD  . PRO A 1 58  ? -3.260  -7.822  -9.637  1.00 28.30 ? 213 PRO A CD  1 
ATOM   355  N  N   . ASP A 1 59  ? 0.090   -7.301  -7.944  1.00 21.53 ? 214 ASP A N   1 
ATOM   356  C  CA  . ASP A 1 59  ? 1.509   -7.236  -7.625  1.00 20.57 ? 214 ASP A CA  1 
ATOM   357  C  C   . ASP A 1 59  ? 2.040   -5.803  -7.488  1.00 21.29 ? 214 ASP A C   1 
ATOM   358  O  O   . ASP A 1 59  ? 3.256   -5.622  -7.350  1.00 22.23 ? 214 ASP A O   1 
ATOM   359  C  CB  . ASP A 1 59  ? 2.326   -8.007  -8.677  1.00 23.22 ? 214 ASP A CB  1 
ATOM   360  C  CG  . ASP A 1 59  ? 2.189   -7.424  -10.092 1.00 30.36 ? 214 ASP A CG  1 
ATOM   361  O  OD1 . ASP A 1 59  ? 1.469   -6.427  -10.274 1.00 27.08 ? 214 ASP A OD1 1 
ATOM   362  O  OD2 . ASP A 1 59  ? 2.808   -7.966  -11.036 1.00 35.31 ? 214 ASP A OD2 1 
ATOM   363  N  N   . ASN A 1 60  ? 1.177   -4.783  -7.488  1.00 18.30 ? 215 ASN A N   1 
ATOM   364  C  CA  . ASN A 1 60  ? 1.679   -3.423  -7.253  1.00 17.83 ? 215 ASN A CA  1 
ATOM   365  C  C   . ASN A 1 60  ? 0.813   -2.705  -6.217  1.00 17.97 ? 215 ASN A C   1 
ATOM   366  O  O   . ASN A 1 60  ? -0.181  -3.242  -5.720  1.00 17.48 ? 215 ASN A O   1 
ATOM   367  C  CB  . ASN A 1 60  ? 1.819   -2.638  -8.574  1.00 18.06 ? 215 ASN A CB  1 
ATOM   368  C  CG  . ASN A 1 60  ? 0.483   -2.223  -9.211  1.00 21.51 ? 215 ASN A CG  1 
ATOM   369  O  OD1 . ASN A 1 60  ? -0.542  -2.088  -8.554  1.00 20.46 ? 215 ASN A OD1 1 
ATOM   370  N  ND2 . ASN A 1 60  ? 0.520   -1.978  -10.519 1.00 24.29 ? 215 ASN A ND2 1 
ATOM   371  N  N   . GLY A 1 61  ? 1.223   -1.492  -5.859  1.00 16.80 ? 216 GLY A N   1 
ATOM   372  C  CA  . GLY A 1 61  ? 0.602   -0.788  -4.756  1.00 15.49 ? 216 GLY A CA  1 
ATOM   373  C  C   . GLY A 1 61  ? -0.497  0.167   -5.169  1.00 14.73 ? 216 GLY A C   1 
ATOM   374  O  O   . GLY A 1 61  ? -0.886  1.028   -4.378  1.00 14.57 ? 216 GLY A O   1 
ATOM   375  N  N   . ASN A 1 62  ? -1.015  0.025   -6.388  1.00 14.25 ? 217 ASN A N   1 
ATOM   376  C  CA  . ASN A 1 62  ? -2.051  0.921   -6.898  1.00 17.19 ? 217 ASN A CA  1 
ATOM   377  C  C   . ASN A 1 62  ? -3.446  0.467   -6.483  1.00 18.96 ? 217 ASN A C   1 
ATOM   378  O  O   . ASN A 1 62  ? -3.763  -0.723  -6.517  1.00 16.98 ? 217 ASN A O   1 
ATOM   379  C  CB  . ASN A 1 62  ? -1.994  1.015   -8.425  1.00 18.73 ? 217 ASN A CB  1 
ATOM   380  C  CG  . ASN A 1 62  ? -0.791  1.789   -8.919  1.00 24.52 ? 217 ASN A CG  1 
ATOM   381  O  OD1 . ASN A 1 62  ? -0.340  2.736   -8.280  1.00 27.87 ? 217 ASN A OD1 1 
ATOM   382  N  ND2 . ASN A 1 62  ? -0.267  1.388   -10.067 1.00 28.32 ? 217 ASN A ND2 1 
ATOM   383  N  N   . PHE A 1 63  ? -4.289  1.437   -6.124  1.00 13.16 ? 218 PHE A N   1 
ATOM   384  C  CA  . PHE A 1 63  ? -5.682  1.194   -5.775  1.00 15.75 ? 218 PHE A CA  1 
ATOM   385  C  C   . PHE A 1 63  ? -6.555  2.164   -6.552  1.00 16.31 ? 218 PHE A C   1 
ATOM   386  O  O   . PHE A 1 63  ? -6.155  3.301   -6.820  1.00 16.21 ? 218 PHE A O   1 
ATOM   387  C  CB  . PHE A 1 63  ? -5.971  1.382   -4.273  1.00 15.44 ? 218 PHE A CB  1 
ATOM   388  C  CG  . PHE A 1 63  ? -5.123  0.545   -3.375  1.00 17.10 ? 218 PHE A CG  1 
ATOM   389  C  CD1 . PHE A 1 63  ? -3.858  0.962   -3.013  1.00 16.08 ? 218 PHE A CD1 1 
ATOM   390  C  CD2 . PHE A 1 63  ? -5.607  -0.653  -2.865  1.00 14.16 ? 218 PHE A CD2 1 
ATOM   391  C  CE1 . PHE A 1 63  ? -3.084  0.198   -2.161  1.00 14.09 ? 218 PHE A CE1 1 
ATOM   392  C  CE2 . PHE A 1 63  ? -4.839  -1.427  -2.016  1.00 15.79 ? 218 PHE A CE2 1 
ATOM   393  C  CZ  . PHE A 1 63  ? -3.570  -1.006  -1.664  1.00 16.08 ? 218 PHE A CZ  1 
ATOM   394  N  N   . ASP A 1 64  ? -7.768  1.718   -6.883  1.00 15.99 ? 219 ASP A N   1 
ATOM   395  C  CA  . ASP A 1 64  ? -8.726  2.543   -7.633  1.00 16.91 ? 219 ASP A CA  1 
ATOM   396  C  C   . ASP A 1 64  ? -9.659  3.235   -6.635  1.00 20.98 ? 219 ASP A C   1 
ATOM   397  O  O   . ASP A 1 64  ? -10.813 2.855   -6.440  1.00 22.27 ? 219 ASP A O   1 
ATOM   398  C  CB  . ASP A 1 64  ? -9.475  1.664   -8.630  1.00 23.28 ? 219 ASP A CB  1 
ATOM   399  C  CG  . ASP A 1 64  ? -10.481 2.419   -9.464  1.00 28.79 ? 219 ASP A CG  1 
ATOM   400  O  OD1 . ASP A 1 64  ? -10.370 3.654   -9.603  1.00 22.68 ? 219 ASP A OD1 1 
ATOM   401  O  OD2 . ASP A 1 64  ? -11.399 1.746   -9.981  1.00 25.83 ? 219 ASP A OD2 1 
ATOM   402  N  N   . SER A 1 65  ? -9.131  4.267   -5.978  1.00 13.53 ? 220 SER A N   1 
ATOM   403  C  CA  . SER A 1 65  ? -9.901  5.084   -5.040  1.00 16.14 ? 220 SER A CA  1 
ATOM   404  C  C   . SER A 1 65  ? -9.481  6.540   -5.190  1.00 15.07 ? 220 SER A C   1 
ATOM   405  O  O   . SER A 1 65  ? -8.310  6.865   -4.989  1.00 14.00 ? 220 SER A O   1 
ATOM   406  C  CB  . SER A 1 65  ? -9.688  4.635   -3.586  1.00 19.93 ? 220 SER A CB  1 
ATOM   407  O  OG  . SER A 1 65  ? -10.309 5.558   -2.685  1.00 19.82 ? 220 SER A OG  1 
ATOM   408  N  N   . ARG A 1 66  ? -10.436 7.411   -5.525  1.00 17.19 ? 221 ARG A N   1 
ATOM   409  C  CA  . ARG A 1 66  ? -10.143 8.829   -5.713  1.00 17.08 ? 221 ARG A CA  1 
ATOM   410  C  C   . ARG A 1 66  ? -9.680  9.497   -4.420  1.00 15.88 ? 221 ARG A C   1 
ATOM   411  O  O   . ARG A 1 66  ? -8.975  10.511  -4.467  1.00 18.30 ? 221 ARG A O   1 
ATOM   412  C  CB  . ARG A 1 66  ? -11.390 9.534   -6.276  1.00 17.12 ? 221 ARG A CB  1 
ATOM   413  C  CG  . ARG A 1 66  ? -11.262 11.055  -6.400  1.00 26.44 ? 221 ARG A CG  1 
ATOM   414  C  CD  . ARG A 1 66  ? -10.059 11.434  -7.265  1.00 23.78 ? 221 ARG A CD  1 
ATOM   415  N  NE  . ARG A 1 66  ? -10.217 10.986  -8.647  1.00 31.05 ? 221 ARG A NE  1 
ATOM   416  C  CZ  . ARG A 1 66  ? -10.860 11.673  -9.587  1.00 33.06 ? 221 ARG A CZ  1 
ATOM   417  N  NH1 . ARG A 1 66  ? -11.414 12.846  -9.294  1.00 36.10 ? 221 ARG A NH1 1 
ATOM   418  N  NH2 . ARG A 1 66  ? -10.945 11.189  -10.821 1.00 31.74 ? 221 ARG A NH2 1 
ATOM   419  N  N   . VAL A 1 67  ? -10.052 8.938   -3.272  1.00 13.14 ? 222 VAL A N   1 
ATOM   420  C  CA  . VAL A 1 67  ? -9.653  9.466   -1.968  1.00 17.28 ? 222 VAL A CA  1 
ATOM   421  C  C   . VAL A 1 67  ? -8.138  9.442   -1.789  1.00 17.35 ? 222 VAL A C   1 
ATOM   422  O  O   . VAL A 1 67  ? -7.580  10.256  -1.045  1.00 16.64 ? 222 VAL A O   1 
ATOM   423  C  CB  . VAL A 1 67  ? -10.396 8.647   -0.889  1.00 25.34 ? 222 VAL A CB  1 
ATOM   424  C  CG1 . VAL A 1 67  ? -9.691  8.678   0.446   1.00 28.08 ? 222 VAL A CG1 1 
ATOM   425  C  CG2 . VAL A 1 67  ? -11.820 9.160   -0.762  1.00 29.87 ? 222 VAL A CG2 1 
ATOM   426  N  N   . LEU A 1 68  ? -7.450  8.524   -2.461  1.00 15.86 ? 223 LEU A N   1 
ATOM   427  C  CA  . LEU A 1 68  ? -6.025  8.330   -2.239  1.00 15.48 ? 223 LEU A CA  1 
ATOM   428  C  C   . LEU A 1 68  ? -5.213  9.371   -2.998  1.00 16.63 ? 223 LEU A C   1 
ATOM   429  O  O   . LEU A 1 68  ? -5.625  9.867   -4.045  1.00 15.98 ? 223 LEU A O   1 
ATOM   430  C  CB  . LEU A 1 68  ? -5.585  6.932   -2.683  1.00 15.39 ? 223 LEU A CB  1 
ATOM   431  C  CG  . LEU A 1 68  ? -5.605  5.794   -1.655  1.00 18.30 ? 223 LEU A CG  1 
ATOM   432  C  CD1 . LEU A 1 68  ? -6.898  5.760   -0.873  1.00 18.64 ? 223 LEU A CD1 1 
ATOM   433  C  CD2 . LEU A 1 68  ? -5.386  4.455   -2.373  1.00 19.48 ? 223 LEU A CD2 1 
ATOM   434  N  N   . SER A 1 69  ? -4.049  9.698   -2.448  1.00 15.46 ? 224 SER A N   1 
ATOM   435  C  CA  . SER A 1 69  ? -3.059  10.490  -3.158  1.00 17.44 ? 224 SER A CA  1 
ATOM   436  C  C   . SER A 1 69  ? -2.299  9.613   -4.150  1.00 18.06 ? 224 SER A C   1 
ATOM   437  O  O   . SER A 1 69  ? -2.230  8.389   -4.004  1.00 17.08 ? 224 SER A O   1 
ATOM   438  C  CB  . SER A 1 69  ? -2.078  11.130  -2.167  1.00 14.94 ? 224 SER A CB  1 
ATOM   439  O  OG  . SER A 1 69  ? -2.752  12.025  -1.304  1.00 18.93 ? 224 SER A OG  1 
ATOM   440  N  N   . ARG A 1 70  ? -1.718  10.262  -5.167  1.00 17.49 ? 225 ARG A N   1 
ATOM   441  C  CA  . ARG A 1 70  ? -0.874  9.544   -6.118  1.00 19.13 ? 225 ARG A CA  1 
ATOM   442  C  C   . ARG A 1 70  ? 0.275   8.845   -5.404  1.00 22.48 ? 225 ARG A C   1 
ATOM   443  O  O   . ARG A 1 70  ? 0.544   7.662   -5.639  1.00 19.88 ? 225 ARG A O   1 
ATOM   444  C  CB  . ARG A 1 70  ? -0.317  10.501  -7.171  1.00 24.04 ? 225 ARG A CB  1 
ATOM   445  C  CG  . ARG A 1 70  ? -1.353  11.285  -7.953  1.00 33.13 ? 225 ARG A CG  1 
ATOM   446  C  CD  . ARG A 1 70  ? -2.402  10.389  -8.558  1.00 29.76 ? 225 ARG A CD  1 
ATOM   447  N  NE  . ARG A 1 70  ? -3.068  11.026  -9.695  1.00 39.61 ? 225 ARG A NE  1 
ATOM   448  N  N   . ASN A 1 71  ? 0.985   9.582   -4.556  1.00 20.33 ? 226 ASN A N   1 
ATOM   449  C  CA  . ASN A 1 71  ? 2.029   9.046   -3.686  1.00 24.57 ? 226 ASN A CA  1 
ATOM   450  C  C   . ASN A 1 71  ? 1.476   9.137   -2.273  1.00 19.41 ? 226 ASN A C   1 
ATOM   451  O  O   . ASN A 1 71  ? 1.530   10.199  -1.640  1.00 21.15 ? 226 ASN A O   1 
ATOM   452  C  CB  . ASN A 1 71  ? 3.332   9.829   -3.834  1.00 28.20 ? 226 ASN A CB  1 
ATOM   453  C  CG  . ASN A 1 71  ? 3.851   9.836   -5.253  1.00 32.37 ? 226 ASN A CG  1 
ATOM   454  O  OD1 . ASN A 1 71  ? 3.984   10.895  -5.873  1.00 41.53 ? 226 ASN A OD1 1 
ATOM   455  N  ND2 . ASN A 1 71  ? 4.144   8.658   -5.781  1.00 28.53 ? 226 ASN A ND2 1 
ATOM   456  N  N   . HIS A 1 72  ? 0.910   8.035   -1.790  1.00 16.96 ? 227 HIS A N   1 
ATOM   457  C  CA  . HIS A 1 72  ? 0.162   8.065   -0.542  1.00 14.45 ? 227 HIS A CA  1 
ATOM   458  C  C   . HIS A 1 72  ? 0.936   7.509   0.648   1.00 14.39 ? 227 HIS A C   1 
ATOM   459  O  O   . HIS A 1 72  ? 1.002   8.151   1.700   1.00 13.42 ? 227 HIS A O   1 
ATOM   460  C  CB  . HIS A 1 72  ? -1.148  7.298   -0.717  1.00 15.06 ? 227 HIS A CB  1 
ATOM   461  C  CG  . HIS A 1 72  ? -2.151  7.583   0.354   1.00 13.72 ? 227 HIS A CG  1 
ATOM   462  N  ND1 . HIS A 1 72  ? -3.256  8.375   0.140   1.00 14.31 ? 227 HIS A ND1 1 
ATOM   463  C  CD2 . HIS A 1 72  ? -2.192  7.219   1.657   1.00 12.23 ? 227 HIS A CD2 1 
ATOM   464  C  CE1 . HIS A 1 72  ? -3.958  8.455   1.255   1.00 15.86 ? 227 HIS A CE1 1 
ATOM   465  N  NE2 . HIS A 1 72  ? -3.327  7.772   2.195   1.00 15.12 ? 227 HIS A NE2 1 
ATOM   466  N  N   . ALA A 1 73  ? 1.504   6.315   0.513   1.00 13.92 ? 228 ALA A N   1 
ATOM   467  C  CA  . ALA A 1 73  ? 2.272   5.706   1.582   1.00 12.37 ? 228 ALA A CA  1 
ATOM   468  C  C   . ALA A 1 73  ? 3.370   4.850   0.961   1.00 15.37 ? 228 ALA A C   1 
ATOM   469  O  O   . ALA A 1 73  ? 3.399   4.619   -0.251  1.00 17.01 ? 228 ALA A O   1 
ATOM   470  C  CB  . ALA A 1 73  ? 1.368   4.875   2.507   1.00 14.90 ? 228 ALA A CB  1 
ATOM   471  N  N   . CYS A 1 74  ? 4.267   4.356   1.809   1.00 17.08 ? 229 CYS A N   1 
ATOM   472  C  CA  . CYS A 1 74  ? 5.424   3.606   1.330   1.00 17.70 ? 229 CYS A CA  1 
ATOM   473  C  C   . CYS A 1 74  ? 5.652   2.396   2.221   1.00 16.97 ? 229 CYS A C   1 
ATOM   474  O  O   . CYS A 1 74  ? 5.696   2.532   3.446   1.00 15.78 ? 229 CYS A O   1 
ATOM   475  C  CB  . CYS A 1 74  ? 6.676   4.501   1.316   1.00 19.01 ? 229 CYS A CB  1 
ATOM   476  S  SG  . CYS A 1 74  ? 8.105   3.758   0.488   1.00 27.78 ? 229 CYS A SG  1 
ATOM   477  N  N   . LEU A 1 75  ? 5.781   1.219   1.610   1.00 16.94 ? 230 LEU A N   1 
ATOM   478  C  CA  . LEU A 1 75  ? 6.172   0.004   2.313   1.00 15.93 ? 230 LEU A CA  1 
ATOM   479  C  C   . LEU A 1 75  ? 7.643   -0.280  2.048   1.00 16.01 ? 230 LEU A C   1 
ATOM   480  O  O   . LEU A 1 75  ? 8.099   -0.199  0.906   1.00 17.09 ? 230 LEU A O   1 
ATOM   481  C  CB  . LEU A 1 75  ? 5.343   -1.202  1.853   1.00 17.75 ? 230 LEU A CB  1 
ATOM   482  C  CG  . LEU A 1 75  ? 3.831   -1.139  2.031   1.00 18.92 ? 230 LEU A CG  1 
ATOM   483  C  CD1 . LEU A 1 75  ? 3.174   -2.331  1.312   1.00 18.09 ? 230 LEU A CD1 1 
ATOM   484  C  CD2 . LEU A 1 75  ? 3.505   -1.151  3.518   1.00 18.66 ? 230 LEU A CD2 1 
ATOM   485  N  N   . SER A 1 76  ? 8.374   -0.640  3.101   1.00 19.48 ? 231 SER A N   1 
ATOM   486  C  CA  . SER A 1 76  ? 9.774   -1.001  2.948   1.00 18.38 ? 231 SER A CA  1 
ATOM   487  C  C   . SER A 1 76  ? 10.109  -2.137  3.904   1.00 20.20 ? 231 SER A C   1 
ATOM   488  O  O   . SER A 1 76  ? 9.403   -2.384  4.887   1.00 17.05 ? 231 SER A O   1 
ATOM   489  C  CB  . SER A 1 76  ? 10.698  0.203   3.184   1.00 21.72 ? 231 SER A CB  1 
ATOM   490  O  OG  . SER A 1 76  ? 10.501  0.733   4.481   1.00 25.97 ? 231 SER A OG  1 
ATOM   491  N  N   . CYS A 1 77  ? 11.194  -2.847  3.591   1.00 17.94 ? 232 CYS A N   1 
ATOM   492  C  CA  . CYS A 1 77  ? 11.601  -4.022  4.352   1.00 19.63 ? 232 CYS A CA  1 
ATOM   493  C  C   . CYS A 1 77  ? 12.997  -3.804  4.923   1.00 22.74 ? 232 CYS A C   1 
ATOM   494  O  O   . CYS A 1 77  ? 13.903  -3.352  4.214   1.00 23.44 ? 232 CYS A O   1 
ATOM   495  C  CB  . CYS A 1 77  ? 11.573  -5.283  3.485   1.00 20.86 ? 232 CYS A CB  1 
ATOM   496  S  SG  . CYS A 1 77  ? 12.191  -6.735  4.368   1.00 25.76 ? 232 CYS A SG  1 
ATOM   497  N  N   . ASP A 1 78  ? 13.170  -4.108  6.198   1.00 24.93 ? 233 ASP A N   1 
ATOM   498  C  CA  . ASP A 1 78  ? 14.483  -3.949  6.808   1.00 26.59 ? 233 ASP A CA  1 
ATOM   499  C  C   . ASP A 1 78  ? 15.295  -5.211  6.545   1.00 30.15 ? 233 ASP A C   1 
ATOM   500  O  O   . ASP A 1 78  ? 14.888  -6.297  6.973   1.00 33.97 ? 233 ASP A O   1 
ATOM   501  C  CB  . ASP A 1 78  ? 14.362  -3.681  8.301   1.00 27.73 ? 233 ASP A CB  1 
ATOM   502  C  CG  . ASP A 1 78  ? 15.697  -3.787  9.027   1.00 37.52 ? 233 ASP A CG  1 
ATOM   503  O  OD1 . ASP A 1 78  ? 16.703  -3.244  8.526   1.00 35.65 ? 233 ASP A OD1 1 
ATOM   504  O  OD2 . ASP A 1 78  ? 15.735  -4.413  10.103  1.00 42.71 ? 233 ASP A OD2 1 
ATOM   505  N  N   . PRO A 1 79  ? 16.415  -5.127  5.828   1.00 29.29 ? 234 PRO A N   1 
ATOM   506  C  CA  . PRO A 1 79  ? 17.136  -6.354  5.456   1.00 32.48 ? 234 PRO A CA  1 
ATOM   507  C  C   . PRO A 1 79  ? 17.811  -7.038  6.632   1.00 37.03 ? 234 PRO A C   1 
ATOM   508  O  O   . PRO A 1 79  ? 18.171  -8.215  6.513   1.00 36.71 ? 234 PRO A O   1 
ATOM   509  C  CB  . PRO A 1 79  ? 18.156  -5.860  4.423   1.00 32.38 ? 234 PRO A CB  1 
ATOM   510  C  CG  . PRO A 1 79  ? 18.348  -4.416  4.735   1.00 30.88 ? 234 PRO A CG  1 
ATOM   511  C  CD  . PRO A 1 79  ? 17.055  -3.910  5.300   1.00 29.97 ? 234 PRO A CD  1 
ATOM   512  N  N   . THR A 1 80  ? 17.969  -6.347  7.763   1.00 39.20 ? 235 THR A N   1 
ATOM   513  C  CA  . THR A 1 80  ? 18.558  -6.967  8.947   1.00 41.19 ? 235 THR A CA  1 
ATOM   514  C  C   . THR A 1 80  ? 17.579  -7.936  9.604   1.00 41.61 ? 235 THR A C   1 
ATOM   515  O  O   . THR A 1 80  ? 17.917  -9.095  9.871   1.00 45.13 ? 235 THR A O   1 
ATOM   516  C  CB  . THR A 1 80  ? 18.991  -5.881  9.934   1.00 40.26 ? 235 THR A CB  1 
ATOM   517  O  OG1 . THR A 1 80  ? 20.046  -5.102  9.356   1.00 43.11 ? 235 THR A OG1 1 
ATOM   518  C  CG2 . THR A 1 80  ? 19.473  -6.489  11.236  1.00 48.66 ? 235 THR A CG2 1 
ATOM   519  N  N   . SER A 1 81  ? 16.352  -7.482  9.856   1.00 40.04 ? 236 SER A N   1 
ATOM   520  C  CA  . SER A 1 81  ? 15.362  -8.273  10.576  1.00 33.44 ? 236 SER A CA  1 
ATOM   521  C  C   . SER A 1 81  ? 14.283  -8.860  9.682   1.00 34.36 ? 236 SER A C   1 
ATOM   522  O  O   . SER A 1 81  ? 13.582  -9.778  10.114  1.00 35.94 ? 236 SER A O   1 
ATOM   523  C  CB  . SER A 1 81  ? 14.683  -7.416  11.648  1.00 35.08 ? 236 SER A CB  1 
ATOM   524  O  OG  . SER A 1 81  ? 14.202  -6.205  11.079  1.00 37.07 ? 236 SER A OG  1 
ATOM   525  N  N   . GLY A 1 82  ? 14.121  -8.350  8.464   1.00 32.30 ? 237 GLY A N   1 
ATOM   526  C  CA  . GLY A 1 82  ? 13.026  -8.771  7.615   1.00 32.85 ? 237 GLY A CA  1 
ATOM   527  C  C   . GLY A 1 82  ? 11.686  -8.164  7.963   1.00 31.12 ? 237 GLY A C   1 
ATOM   528  O  O   . GLY A 1 82  ? 10.668  -8.576  7.391   1.00 27.98 ? 237 GLY A O   1 
ATOM   529  N  N   . LYS A 1 83  ? 11.650  -7.208  8.887   1.00 24.47 ? 238 LYS A N   1 
ATOM   530  C  CA  . LYS A 1 83  ? 10.396  -6.586  9.288   1.00 26.67 ? 238 LYS A CA  1 
ATOM   531  C  C   . LYS A 1 83  ? 9.917   -5.630  8.207   1.00 16.80 ? 238 LYS A C   1 
ATOM   532  O  O   . LYS A 1 83  ? 10.715  -5.030  7.485   1.00 20.05 ? 238 LYS A O   1 
ATOM   533  C  CB  . LYS A 1 83  ? 10.571  -5.831  10.613  1.00 24.14 ? 238 LYS A CB  1 
ATOM   534  C  CG  . LYS A 1 83  ? 10.779  -6.746  11.827  1.00 35.40 ? 238 LYS A CG  1 
ATOM   535  C  CD  . LYS A 1 83  ? 11.185  -5.948  13.060  1.00 35.32 ? 238 LYS A CD  1 
ATOM   536  C  CE  . LYS A 1 83  ? 11.532  -6.861  14.230  1.00 40.27 ? 238 LYS A CE  1 
ATOM   537  N  NZ  . LYS A 1 83  ? 10.415  -7.784  14.574  1.00 36.82 ? 238 LYS A NZ  1 
ATOM   538  N  N   . ILE A 1 84  ? 8.596   -5.468  8.127   1.00 20.40 ? 239 ILE A N   1 
ATOM   539  C  CA  . ILE A 1 84  ? 7.943   -4.646  7.112   1.00 17.54 ? 239 ILE A CA  1 
ATOM   540  C  C   . ILE A 1 84  ? 7.422   -3.374  7.771   1.00 16.62 ? 239 ILE A C   1 
ATOM   541  O  O   . ILE A 1 84  ? 6.773   -3.441  8.822   1.00 17.89 ? 239 ILE A O   1 
ATOM   542  C  CB  . ILE A 1 84  ? 6.783   -5.400  6.440   1.00 15.55 ? 239 ILE A CB  1 
ATOM   543  C  CG1 . ILE A 1 84  ? 7.234   -6.769  5.916   1.00 18.82 ? 239 ILE A CG1 1 
ATOM   544  C  CG2 . ILE A 1 84  ? 6.169   -4.545  5.348   1.00 15.37 ? 239 ILE A CG2 1 
ATOM   545  C  CD1 . ILE A 1 84  ? 8.219   -6.695  4.791   1.00 21.17 ? 239 ILE A CD1 1 
ATOM   546  N  N   . TYR A 1 85  ? 7.682   -2.226  7.142   1.00 14.54 ? 240 TYR A N   1 
ATOM   547  C  CA  . TYR A 1 85  ? 7.292   -0.923  7.667   1.00 14.92 ? 240 TYR A CA  1 
ATOM   548  C  C   . TYR A 1 85  ? 6.440   -0.186  6.648   1.00 15.25 ? 240 TYR A C   1 
ATOM   549  O  O   . TYR A 1 85  ? 6.583   -0.392  5.446   1.00 16.10 ? 240 TYR A O   1 
ATOM   550  C  CB  . TYR A 1 85  ? 8.521   -0.073  8.011   1.00 13.89 ? 240 TYR A CB  1 
ATOM   551  C  CG  . TYR A 1 85  ? 9.311   -0.727  9.116   1.00 21.56 ? 240 TYR A CG  1 
ATOM   552  C  CD1 . TYR A 1 85  ? 10.311  -1.647  8.827   1.00 27.04 ? 240 TYR A CD1 1 
ATOM   553  C  CD2 . TYR A 1 85  ? 9.009   -0.474  10.446  1.00 21.74 ? 240 TYR A CD2 1 
ATOM   554  C  CE1 . TYR A 1 85  ? 11.015  -2.276  9.841   1.00 24.68 ? 240 TYR A CE1 1 
ATOM   555  C  CE2 . TYR A 1 85  ? 9.705   -1.096  11.465  1.00 25.73 ? 240 TYR A CE2 1 
ATOM   556  C  CZ  . TYR A 1 85  ? 10.704  -1.997  11.151  1.00 28.29 ? 240 TYR A CZ  1 
ATOM   557  O  OH  . TYR A 1 85  ? 11.392  -2.617  12.162  1.00 34.48 ? 240 TYR A OH  1 
ATOM   558  N  N   . ILE A 1 86  ? 5.557   0.679   7.146   1.00 14.82 ? 241 ILE A N   1 
ATOM   559  C  CA  . ILE A 1 86  ? 4.783   1.601   6.321   1.00 12.72 ? 241 ILE A CA  1 
ATOM   560  C  C   . ILE A 1 86  ? 4.997   3.008   6.865   1.00 13.13 ? 241 ILE A C   1 
ATOM   561  O  O   . ILE A 1 86  ? 5.121   3.199   8.076   1.00 12.93 ? 241 ILE A O   1 
ATOM   562  C  CB  . ILE A 1 86  ? 3.278   1.243   6.308   1.00 13.31 ? 241 ILE A CB  1 
ATOM   563  C  CG1 . ILE A 1 86  ? 2.500   2.141   5.327   1.00 12.85 ? 241 ILE A CG1 1 
ATOM   564  C  CG2 . ILE A 1 86  ? 2.674   1.365   7.708   1.00 14.66 ? 241 ILE A CG2 1 
ATOM   565  C  CD1 . ILE A 1 86  ? 1.086   1.611   5.025   1.00 13.61 ? 241 ILE A CD1 1 
ATOM   566  N  N   . ARG A 1 87  ? 5.058   3.993   5.974   1.00 14.72 ? 242 ARG A N   1 
ATOM   567  C  CA  . ARG A 1 87  ? 5.048   5.389   6.396   1.00 17.45 ? 242 ARG A CA  1 
ATOM   568  C  C   . ARG A 1 87  ? 4.159   6.175   5.447   1.00 14.71 ? 242 ARG A C   1 
ATOM   569  O  O   . ARG A 1 87  ? 3.977   5.792   4.292   1.00 14.38 ? 242 ARG A O   1 
ATOM   570  C  CB  . ARG A 1 87  ? 6.462   6.008   6.435   1.00 18.50 ? 242 ARG A CB  1 
ATOM   571  C  CG  . ARG A 1 87  ? 7.110   6.224   5.068   1.00 17.50 ? 242 ARG A CG  1 
ATOM   572  C  CD  . ARG A 1 87  ? 8.622   6.447   5.193   1.00 22.78 ? 242 ARG A CD  1 
ATOM   573  N  NE  . ARG A 1 87  ? 9.229   6.804   3.912   1.00 32.77 ? 242 ARG A NE  1 
ATOM   574  C  CZ  . ARG A 1 87  ? 9.836   5.941   3.099   1.00 32.49 ? 242 ARG A CZ  1 
ATOM   575  N  NH1 . ARG A 1 87  ? 9.925   4.656   3.426   1.00 32.44 ? 242 ARG A NH1 1 
ATOM   576  N  NH2 . ARG A 1 87  ? 10.360  6.363   1.954   1.00 33.45 ? 242 ARG A NH2 1 
ATOM   577  N  N   . ASP A 1 88  ? 3.599   7.274   5.946   1.00 14.11 ? 243 ASP A N   1 
ATOM   578  C  CA  . ASP A 1 88  ? 2.814   8.164   5.099   1.00 14.36 ? 243 ASP A CA  1 
ATOM   579  C  C   . ASP A 1 88  ? 3.742   9.054   4.279   1.00 17.27 ? 243 ASP A C   1 
ATOM   580  O  O   . ASP A 1 88  ? 4.834   9.414   4.720   1.00 18.96 ? 243 ASP A O   1 
ATOM   581  C  CB  . ASP A 1 88  ? 1.865   9.002   5.957   1.00 12.37 ? 243 ASP A CB  1 
ATOM   582  C  CG  . ASP A 1 88  ? 0.918   9.863   5.132   1.00 17.33 ? 243 ASP A CG  1 
ATOM   583  O  OD1 . ASP A 1 88  ? -0.017  9.321   4.526   1.00 16.38 ? 243 ASP A OD1 1 
ATOM   584  O  OD2 . ASP A 1 88  ? 1.106   11.093  5.120   1.00 20.61 ? 243 ASP A OD2 1 
ATOM   585  N  N   . LEU A 1 89  ? 3.318   9.380   3.060   1.00 14.94 ? 244 LEU A N   1 
ATOM   586  C  CA  . LEU A 1 89  ? 4.077   10.288  2.198   1.00 18.27 ? 244 LEU A CA  1 
ATOM   587  C  C   . LEU A 1 89  ? 3.436   11.667  2.132   1.00 17.73 ? 244 LEU A C   1 
ATOM   588  O  O   . LEU A 1 89  ? 3.328   12.260  1.056   1.00 19.34 ? 244 LEU A O   1 
ATOM   589  C  CB  . LEU A 1 89  ? 4.230   9.698   0.795   1.00 18.54 ? 244 LEU A CB  1 
ATOM   590  C  CG  . LEU A 1 89  ? 4.920   8.330   0.707   1.00 20.21 ? 244 LEU A CG  1 
ATOM   591  C  CD1 . LEU A 1 89  ? 4.932   7.789   -0.727  1.00 18.43 ? 244 LEU A CD1 1 
ATOM   592  C  CD2 . LEU A 1 89  ? 6.342   8.365   1.290   1.00 19.28 ? 244 LEU A CD2 1 
ATOM   593  N  N   . LYS A 1 90  ? 3.002   12.197  3.274   1.00 14.65 ? 245 LYS A N   1 
ATOM   594  C  CA  . LYS A 1 90  ? 2.275   13.463  3.338   1.00 18.39 ? 245 LYS A CA  1 
ATOM   595  C  C   . LYS A 1 90  ? 1.049   13.432  2.424   1.00 19.22 ? 245 LYS A C   1 
ATOM   596  O  O   . LYS A 1 90  ? 0.779   14.362  1.655   1.00 18.25 ? 245 LYS A O   1 
ATOM   597  C  CB  . LYS A 1 90  ? 3.189   14.641  3.003   1.00 18.20 ? 245 LYS A CB  1 
ATOM   598  C  CG  . LYS A 1 90  ? 4.440   14.721  3.878   1.00 27.83 ? 245 LYS A CG  1 
ATOM   599  C  CD  . LYS A 1 90  ? 5.283   15.949  3.545   1.00 31.40 ? 245 LYS A CD  1 
ATOM   600  C  CE  . LYS A 1 90  ? 6.678   15.823  4.160   1.00 36.67 ? 245 LYS A CE  1 
ATOM   601  N  NZ  . LYS A 1 90  ? 7.474   17.080  4.052   1.00 42.93 ? 245 LYS A NZ  1 
ATOM   602  N  N   . SER A 1 91  ? 0.299   12.339  2.512   1.00 16.03 ? 246 SER A N   1 
ATOM   603  C  CA  . SER A 1 91  ? -0.924  12.223  1.735   1.00 17.51 ? 246 SER A CA  1 
ATOM   604  C  C   . SER A 1 91  ? -1.933  13.270  2.193   1.00 15.86 ? 246 SER A C   1 
ATOM   605  O  O   . SER A 1 91  ? -1.874  13.768  3.320   1.00 17.31 ? 246 SER A O   1 
ATOM   606  C  CB  . SER A 1 91  ? -1.519  10.825  1.891   1.00 17.57 ? 246 SER A CB  1 
ATOM   607  O  OG  . SER A 1 91  ? -2.000  10.660  3.216   1.00 17.25 ? 246 SER A OG  1 
ATOM   608  N  N   . SER A 1 92  ? -2.879  13.596  1.307   1.00 15.94 ? 247 SER A N   1 
ATOM   609  C  CA  . SER A 1 92  ? -3.922  14.554  1.672   1.00 17.83 ? 247 SER A CA  1 
ATOM   610  C  C   . SER A 1 92  ? -4.855  13.994  2.741   1.00 17.29 ? 247 SER A C   1 
ATOM   611  O  O   . SER A 1 92  ? -5.219  14.704  3.687   1.00 17.86 ? 247 SER A O   1 
ATOM   612  C  CB  . SER A 1 92  ? -4.734  14.957  0.434   1.00 18.18 ? 247 SER A CB  1 
ATOM   613  O  OG  . SER A 1 92  ? -3.966  15.725  -0.484  1.00 18.99 ? 247 SER A OG  1 
ATOM   614  N  N   . ASN A 1 93  ? -5.273  12.734  2.608   1.00 13.13 ? 248 ASN A N   1 
ATOM   615  C  CA  . ASN A 1 93  ? -6.316  12.202  3.472   1.00 11.61 ? 248 ASN A CA  1 
ATOM   616  C  C   . ASN A 1 93  ? -5.817  11.160  4.471   1.00 12.28 ? 248 ASN A C   1 
ATOM   617  O  O   . ASN A 1 93  ? -6.628  10.603  5.214   1.00 15.89 ? 248 ASN A O   1 
ATOM   618  C  CB  . ASN A 1 93  ? -7.457  11.647  2.610   1.00 15.68 ? 248 ASN A CB  1 
ATOM   619  C  CG  . ASN A 1 93  ? -8.161  12.763  1.820   1.00 17.32 ? 248 ASN A CG  1 
ATOM   620  O  OD1 . ASN A 1 93  ? -8.276  13.886  2.309   1.00 21.71 ? 248 ASN A OD1 1 
ATOM   621  N  ND2 . ASN A 1 93  ? -8.578  12.473  0.601   1.00 17.13 ? 248 ASN A ND2 1 
ATOM   622  N  N   . GLY A 1 94  ? -4.528  10.889  4.512   1.00 11.34 ? 249 GLY A N   1 
ATOM   623  C  CA  . GLY A 1 94  ? -4.009  10.234  5.703   1.00 14.32 ? 249 GLY A CA  1 
ATOM   624  C  C   . GLY A 1 94  ? -3.820  8.730   5.551   1.00 16.14 ? 249 GLY A C   1 
ATOM   625  O  O   . GLY A 1 94  ? -4.505  8.057   4.766   1.00 11.79 ? 249 GLY A O   1 
ATOM   626  N  N   . THR A 1 95  ? -2.867  8.198   6.328   1.00 14.73 ? 250 THR A N   1 
ATOM   627  C  CA  . THR A 1 95  ? -2.571  6.774   6.447   1.00 14.21 ? 250 THR A CA  1 
ATOM   628  C  C   . THR A 1 95  ? -2.787  6.366   7.895   1.00 14.79 ? 250 THR A C   1 
ATOM   629  O  O   . THR A 1 95  ? -2.360  7.074   8.811   1.00 12.82 ? 250 THR A O   1 
ATOM   630  C  CB  . THR A 1 95  ? -1.116  6.456   6.036   1.00 14.39 ? 250 THR A CB  1 
ATOM   631  O  OG1 . THR A 1 95  ? -0.902  6.861   4.682   1.00 15.45 ? 250 THR A OG1 1 
ATOM   632  C  CG2 . THR A 1 95  ? -0.827  4.947   6.153   1.00 15.12 ? 250 THR A CG2 1 
ATOM   633  N  N   . PHE A 1 96  ? -3.449  5.229   8.103   1.00 11.63 ? 251 PHE A N   1 
ATOM   634  C  CA  . PHE A 1 96  ? -3.836  4.777   9.430   1.00 10.50 ? 251 PHE A CA  1 
ATOM   635  C  C   . PHE A 1 96  ? -3.400  3.332   9.630   1.00 14.42 ? 251 PHE A C   1 
ATOM   636  O  O   . PHE A 1 96  ? -3.560  2.499   8.737   1.00 13.13 ? 251 PHE A O   1 
ATOM   637  C  CB  . PHE A 1 96  ? -5.369  4.880   9.648   1.00 11.89 ? 251 PHE A CB  1 
ATOM   638  C  CG  . PHE A 1 96  ? -5.935  6.262   9.403   1.00 11.86 ? 251 PHE A CG  1 
ATOM   639  C  CD1 . PHE A 1 96  ? -6.176  6.714   8.107   1.00 13.95 ? 251 PHE A CD1 1 
ATOM   640  C  CD2 . PHE A 1 96  ? -6.220  7.106   10.471  1.00 14.39 ? 251 PHE A CD2 1 
ATOM   641  C  CE1 . PHE A 1 96  ? -6.680  7.990   7.879   1.00 14.47 ? 251 PHE A CE1 1 
ATOM   642  C  CE2 . PHE A 1 96  ? -6.732  8.375   10.257  1.00 14.55 ? 251 PHE A CE2 1 
ATOM   643  C  CZ  . PHE A 1 96  ? -6.968  8.817   8.960   1.00 17.85 ? 251 PHE A CZ  1 
ATOM   644  N  N   . VAL A 1 97  ? -2.885  3.022   10.814  1.00 10.81 ? 252 VAL A N   1 
ATOM   645  C  CA  . VAL A 1 97  ? -2.495  1.656   11.139  1.00 13.27 ? 252 VAL A CA  1 
ATOM   646  C  C   . VAL A 1 97  ? -3.245  1.251   12.400  1.00 13.02 ? 252 VAL A C   1 
ATOM   647  O  O   . VAL A 1 97  ? -3.082  1.884   13.451  1.00 14.28 ? 252 VAL A O   1 
ATOM   648  C  CB  . VAL A 1 97  ? -0.976  1.515   11.336  1.00 15.08 ? 252 VAL A CB  1 
ATOM   649  C  CG1 . VAL A 1 97  ? -0.620  0.051   11.654  1.00 15.69 ? 252 VAL A CG1 1 
ATOM   650  C  CG2 . VAL A 1 97  ? -0.238  2.019   10.093  1.00 13.08 ? 252 VAL A CG2 1 
ATOM   651  N  N   . ASN A 1 98  ? -4.088  0.220   12.285  1.00 11.78 ? 253 ASN A N   1 
ATOM   652  C  CA  . ASN A 1 98  ? -4.955  -0.195  13.382  1.00 15.89 ? 253 ASN A CA  1 
ATOM   653  C  C   . ASN A 1 98  ? -5.797  0.964   13.885  1.00 15.61 ? 253 ASN A C   1 
ATOM   654  O  O   . ASN A 1 98  ? -6.050  1.091   15.084  1.00 11.40 ? 253 ASN A O   1 
ATOM   655  C  CB  . ASN A 1 98  ? -4.147  -0.800  14.527  1.00 13.29 ? 253 ASN A CB  1 
ATOM   656  C  CG  . ASN A 1 98  ? -3.420  -2.037  14.109  1.00 16.52 ? 253 ASN A CG  1 
ATOM   657  O  OD1 . ASN A 1 98  ? -3.810  -2.681  13.151  1.00 16.17 ? 253 ASN A OD1 1 
ATOM   658  N  ND2 . ASN A 1 98  ? -2.356  -2.374  14.818  1.00 16.58 ? 253 ASN A ND2 1 
ATOM   659  N  N   . GLY A 1 99  ? -6.237  1.819   12.957  1.00 12.74 ? 254 GLY A N   1 
ATOM   660  C  CA  . GLY A 1 99  ? -7.076  2.951   13.271  1.00 13.13 ? 254 GLY A CA  1 
ATOM   661  C  C   . GLY A 1 99  ? -6.334  4.218   13.630  1.00 13.78 ? 254 GLY A C   1 
ATOM   662  O  O   . GLY A 1 99  ? -6.947  5.289   13.624  1.00 16.63 ? 254 GLY A O   1 
ATOM   663  N  N   . VAL A 1 100 ? -5.039  4.133   13.920  1.00 12.52 ? 255 VAL A N   1 
ATOM   664  C  CA  . VAL A 1 100 ? -4.263  5.263   14.418  1.00 13.36 ? 255 VAL A CA  1 
ATOM   665  C  C   . VAL A 1 100 ? -3.648  6.017   13.244  1.00 12.08 ? 255 VAL A C   1 
ATOM   666  O  O   . VAL A 1 100 ? -2.969  5.429   12.392  1.00 13.35 ? 255 VAL A O   1 
ATOM   667  C  CB  . VAL A 1 100 ? -3.174  4.788   15.395  1.00 17.56 ? 255 VAL A CB  1 
ATOM   668  C  CG1 . VAL A 1 100 ? -2.336  5.980   15.876  1.00 16.84 ? 255 VAL A CG1 1 
ATOM   669  C  CG2 . VAL A 1 100 ? -3.808  4.066   16.574  1.00 14.52 ? 255 VAL A CG2 1 
ATOM   670  N  N   . LYS A 1 101 ? -3.851  7.330   13.222  1.00 13.53 ? 256 LYS A N   1 
ATOM   671  C  CA  . LYS A 1 101 ? -3.300  8.158   12.156  1.00 14.13 ? 256 LYS A CA  1 
ATOM   672  C  C   . LYS A 1 101 ? -1.790  8.271   12.321  1.00 14.37 ? 256 LYS A C   1 
ATOM   673  O  O   . LYS A 1 101 ? -1.302  8.665   13.387  1.00 17.35 ? 256 LYS A O   1 
ATOM   674  C  CB  . LYS A 1 101 ? -3.962  9.533   12.174  1.00 12.69 ? 256 LYS A CB  1 
ATOM   675  C  CG  . LYS A 1 101 ? -3.455  10.471  11.079  1.00 17.36 ? 256 LYS A CG  1 
ATOM   676  C  CD  . LYS A 1 101 ? -4.396  11.661  10.869  1.00 21.88 ? 256 LYS A CD  1 
ATOM   677  C  CE  . LYS A 1 101 ? -4.410  12.083  9.406   1.00 24.98 ? 256 LYS A CE  1 
ATOM   678  N  NZ  . LYS A 1 101 ? -5.180  13.343  9.133   1.00 36.64 ? 256 LYS A NZ  1 
ATOM   679  N  N   . ILE A 1 102 ? -1.035  7.902   11.282  1.00 13.75 ? 257 ILE A N   1 
ATOM   680  C  CA  . ILE A 1 102 ? 0.417   7.944   11.413  1.00 15.72 ? 257 ILE A CA  1 
ATOM   681  C  C   . ILE A 1 102 ? 0.992   9.119   10.632  1.00 16.77 ? 257 ILE A C   1 
ATOM   682  O  O   . ILE A 1 102 ? 0.257   9.886   10.001  1.00 17.23 ? 257 ILE A O   1 
ATOM   683  C  CB  . ILE A 1 102 ? 1.059   6.613   10.978  1.00 13.23 ? 257 ILE A CB  1 
ATOM   684  C  CG1 . ILE A 1 102 ? 0.958   6.425   9.464   1.00 15.05 ? 257 ILE A CG1 1 
ATOM   685  C  CG2 . ILE A 1 102 ? 0.402   5.444   11.719  1.00 14.59 ? 257 ILE A CG2 1 
ATOM   686  C  CD1 . ILE A 1 102 ? 1.979   5.421   8.907   1.00 18.19 ? 257 ILE A CD1 1 
ATOM   687  N  N   . ARG A 1 103 ? 2.310   9.283   10.687  1.00 17.99 ? 258 ARG A N   1 
ATOM   688  C  CA  . ARG A 1 103 ? 2.957   10.364  9.956   1.00 20.74 ? 258 ARG A CA  1 
ATOM   689  C  C   . ARG A 1 103 ? 4.024   9.819   9.014   1.00 16.62 ? 258 ARG A C   1 
ATOM   690  O  O   . ARG A 1 103 ? 3.873   8.730   8.459   1.00 16.76 ? 258 ARG A O   1 
ATOM   691  C  CB  . ARG A 1 103 ? 3.549   11.381  10.938  1.00 21.41 ? 258 ARG A CB  1 
ATOM   692  C  CG  . ARG A 1 103 ? 2.529   11.961  11.925  1.00 22.36 ? 258 ARG A CG  1 
ATOM   693  C  CD  . ARG A 1 103 ? 3.123   13.132  12.735  1.00 23.08 ? 258 ARG A CD  1 
ATOM   694  N  NE  . ARG A 1 103 ? 2.109   13.768  13.579  1.00 24.55 ? 258 ARG A NE  1 
ATOM   695  C  CZ  . ARG A 1 103 ? 1.684   13.269  14.737  1.00 27.38 ? 258 ARG A CZ  1 
ATOM   696  N  NH1 . ARG A 1 103 ? 2.177   12.123  15.201  1.00 26.84 ? 258 ARG A NH1 1 
ATOM   697  N  NH2 . ARG A 1 103 ? 0.763   13.912  15.437  1.00 28.71 ? 258 ARG A NH2 1 
ATOM   698  N  N   . GLN A 1 104 ? 5.128   10.543  8.867   1.00 17.72 ? 259 GLN A N   1 
ATOM   699  C  CA  . GLN A 1 104 ? 6.152   10.213  7.884   1.00 15.77 ? 259 GLN A CA  1 
ATOM   700  C  C   . GLN A 1 104 ? 7.245   9.293   8.420   1.00 18.17 ? 259 GLN A C   1 
ATOM   701  O  O   . GLN A 1 104 ? 8.210   9.021   7.700   1.00 21.60 ? 259 GLN A O   1 
ATOM   702  C  CB  . GLN A 1 104 ? 6.787   11.506  7.350   1.00 22.50 ? 259 GLN A CB  1 
ATOM   703  C  CG  . GLN A 1 104 ? 5.882   12.305  6.401   1.00 31.15 ? 259 GLN A CG  1 
ATOM   704  C  CD  . GLN A 1 104 ? 4.665   12.900  7.095   1.00 35.54 ? 259 GLN A CD  1 
ATOM   705  O  OE1 . GLN A 1 104 ? 4.790   13.809  7.921   1.00 35.30 ? 259 GLN A OE1 1 
ATOM   706  N  NE2 . GLN A 1 104 ? 3.476   12.386  6.766   1.00 26.05 ? 259 GLN A NE2 1 
ATOM   707  N  N   . ASN A 1 105 ? 7.128   8.805   9.649   1.00 17.64 ? 260 ASN A N   1 
ATOM   708  C  CA  . ASN A 1 105 ? 8.087   7.860   10.201  1.00 20.26 ? 260 ASN A CA  1 
ATOM   709  C  C   . ASN A 1 105 ? 7.558   6.434   10.108  1.00 18.37 ? 260 ASN A C   1 
ATOM   710  O  O   . ASN A 1 105 ? 6.357   6.192   10.262  1.00 15.98 ? 260 ASN A O   1 
ATOM   711  C  CB  . ASN A 1 105 ? 8.403   8.203   11.649  1.00 20.18 ? 260 ASN A CB  1 
ATOM   712  C  CG  . ASN A 1 105 ? 9.019   9.581   11.776  1.00 26.61 ? 260 ASN A CG  1 
ATOM   713  O  OD1 . ASN A 1 105 ? 9.924   9.932   11.021  1.00 30.50 ? 260 ASN A OD1 1 
ATOM   714  N  ND2 . ASN A 1 105 ? 8.505   10.379  12.699  1.00 28.29 ? 260 ASN A ND2 1 
ATOM   715  N  N   . ASP A 1 106 ? 8.475   5.499   9.877   1.00 17.83 ? 261 ASP A N   1 
ATOM   716  C  CA  . ASP A 1 106 ? 8.133   4.087   9.744   1.00 14.77 ? 261 ASP A CA  1 
ATOM   717  C  C   . ASP A 1 106 ? 7.357   3.562   10.945  1.00 18.85 ? 261 ASP A C   1 
ATOM   718  O  O   . ASP A 1 106 ? 7.696   3.829   12.106  1.00 19.95 ? 261 ASP A O   1 
ATOM   719  C  CB  . ASP A 1 106 ? 9.409   3.267   9.556   1.00 21.15 ? 261 ASP A CB  1 
ATOM   720  C  CG  . ASP A 1 106 ? 9.807   3.155   8.110   1.00 24.30 ? 261 ASP A CG  1 
ATOM   721  O  OD1 . ASP A 1 106 ? 9.022   3.615   7.250   1.00 24.98 ? 261 ASP A OD1 1 
ATOM   722  O  OD2 . ASP A 1 106 ? 10.888  2.599   7.829   1.00 24.27 ? 261 ASP A OD2 1 
ATOM   723  N  N   . VAL A 1 107 ? 6.303   2.810   10.647  1.00 15.52 ? 262 VAL A N   1 
ATOM   724  C  CA  . VAL A 1 107 ? 5.528   2.063   11.630  1.00 17.68 ? 262 VAL A CA  1 
ATOM   725  C  C   . VAL A 1 107 ? 5.549   0.604   11.202  1.00 18.98 ? 262 VAL A C   1 
ATOM   726  O  O   . VAL A 1 107 ? 5.326   0.300   10.028  1.00 14.26 ? 262 VAL A O   1 
ATOM   727  C  CB  . VAL A 1 107 ? 4.084   2.589   11.737  1.00 19.43 ? 262 VAL A CB  1 
ATOM   728  C  CG1 . VAL A 1 107 ? 3.244   1.673   12.624  1.00 20.64 ? 262 VAL A CG1 1 
ATOM   729  C  CG2 . VAL A 1 107 ? 4.093   4.026   12.293  1.00 16.35 ? 262 VAL A CG2 1 
ATOM   730  N  N   . GLU A 1 108 ? 5.840   -0.297  12.132  1.00 17.47 ? 263 GLU A N   1 
ATOM   731  C  CA  . GLU A 1 108 ? 5.957   -1.695  11.730  1.00 18.75 ? 263 GLU A CA  1 
ATOM   732  C  C   . GLU A 1 108 ? 4.584   -2.297  11.450  1.00 19.62 ? 263 GLU A C   1 
ATOM   733  O  O   . GLU A 1 108 ? 3.601   -1.982  12.123  1.00 20.93 ? 263 GLU A O   1 
ATOM   734  C  CB  . GLU A 1 108 ? 6.682   -2.518  12.795  1.00 21.74 ? 263 GLU A CB  1 
ATOM   735  C  CG  . GLU A 1 108 ? 7.079   -3.912  12.255  1.00 21.62 ? 263 GLU A CG  1 
ATOM   736  C  CD  . GLU A 1 108 ? 7.474   -4.889  13.340  1.00 32.52 ? 263 GLU A CD  1 
ATOM   737  O  OE1 . GLU A 1 108 ? 7.688   -4.444  14.488  1.00 29.08 ? 263 GLU A OE1 1 
ATOM   738  O  OE2 . GLU A 1 108 ? 7.569   -6.103  13.033  1.00 29.82 ? 263 GLU A OE2 1 
ATOM   739  N  N   . LEU A 1 109 ? 4.517   -3.167  10.445  1.00 15.61 ? 264 LEU A N   1 
ATOM   740  C  CA  . LEU A 1 109 ? 3.309   -3.919  10.135  1.00 17.74 ? 264 LEU A CA  1 
ATOM   741  C  C   . LEU A 1 109 ? 3.489   -5.380  10.520  1.00 21.39 ? 264 LEU A C   1 
ATOM   742  O  O   . LEU A 1 109 ? 4.534   -5.976  10.249  1.00 21.31 ? 264 LEU A O   1 
ATOM   743  C  CB  . LEU A 1 109 ? 2.967   -3.828  8.655   1.00 16.95 ? 264 LEU A CB  1 
ATOM   744  C  CG  . LEU A 1 109 ? 2.531   -2.453  8.160   1.00 16.97 ? 264 LEU A CG  1 
ATOM   745  C  CD1 . LEU A 1 109 ? 2.024   -2.588  6.740   1.00 15.81 ? 264 LEU A CD1 1 
ATOM   746  C  CD2 . LEU A 1 109 ? 1.463   -1.870  9.098   1.00 16.41 ? 264 LEU A CD2 1 
ATOM   747  N  N   . LYS A 1 110 ? 2.460   -5.964  11.131  1.00 18.59 ? 265 LYS A N   1 
ATOM   748  C  CA  . LYS A 1 110 ? 2.493   -7.370  11.510  1.00 21.43 ? 265 LYS A CA  1 
ATOM   749  C  C   . LYS A 1 110 ? 1.170   -8.013  11.132  1.00 18.47 ? 265 LYS A C   1 
ATOM   750  O  O   . LYS A 1 110 ? 0.151   -7.331  10.999  1.00 16.44 ? 265 LYS A O   1 
ATOM   751  C  CB  . LYS A 1 110 ? 2.759   -7.538  13.011  1.00 25.85 ? 265 LYS A CB  1 
ATOM   752  C  CG  . LYS A 1 110 ? 4.043   -6.871  13.481  1.00 24.21 ? 265 LYS A CG  1 
ATOM   753  C  CD  . LYS A 1 110 ? 4.424   -7.302  14.901  1.00 37.50 ? 265 LYS A CD  1 
ATOM   754  C  CE  . LYS A 1 110 ? 3.490   -6.712  15.953  1.00 35.09 ? 265 LYS A CE  1 
ATOM   755  N  NZ  . LYS A 1 110 ? 2.236   -7.512  16.122  1.00 45.11 ? 265 LYS A NZ  1 
ATOM   756  N  N   . VAL A 1 111 ? 1.200   -9.337  10.938  1.00 20.85 ? 266 VAL A N   1 
ATOM   757  C  CA  . VAL A 1 111 ? -0.015  -10.068 10.579  1.00 16.41 ? 266 VAL A CA  1 
ATOM   758  C  C   . VAL A 1 111 ? -1.101  -9.781  11.606  1.00 19.44 ? 266 VAL A C   1 
ATOM   759  O  O   . VAL A 1 111 ? -0.849  -9.823  12.815  1.00 17.87 ? 266 VAL A O   1 
ATOM   760  C  CB  . VAL A 1 111 ? 0.266   -11.578 10.481  1.00 20.98 ? 266 VAL A CB  1 
ATOM   761  C  CG1 . VAL A 1 111 ? -1.044  -12.344 10.353  1.00 16.49 ? 266 VAL A CG1 1 
ATOM   762  C  CG2 . VAL A 1 111 ? 1.218   -11.895 9.311   1.00 19.44 ? 266 VAL A CG2 1 
ATOM   763  N  N   . GLY A 1 112 ? -2.316  -9.490  11.129  1.00 16.05 ? 267 GLY A N   1 
ATOM   764  C  CA  . GLY A 1 112 ? -3.418  -9.083  11.981  1.00 14.64 ? 267 GLY A CA  1 
ATOM   765  C  C   . GLY A 1 112 ? -3.653  -7.579  12.039  1.00 19.57 ? 267 GLY A C   1 
ATOM   766  O  O   . GLY A 1 112 ? -4.704  -7.148  12.535  1.00 15.27 ? 267 GLY A O   1 
ATOM   767  N  N   . ASP A 1 113 ? -2.709  -6.776  11.546  1.00 14.71 ? 268 ASP A N   1 
ATOM   768  C  CA  . ASP A 1 113 ? -2.844  -5.331  11.509  1.00 15.92 ? 268 ASP A CA  1 
ATOM   769  C  C   . ASP A 1 113 ? -3.793  -4.911  10.386  1.00 14.02 ? 268 ASP A C   1 
ATOM   770  O  O   . ASP A 1 113 ? -3.993  -5.630  9.398   1.00 14.83 ? 268 ASP A O   1 
ATOM   771  C  CB  . ASP A 1 113 ? -1.483  -4.669  11.289  1.00 17.59 ? 268 ASP A CB  1 
ATOM   772  C  CG  . ASP A 1 113 ? -0.646  -4.588  12.557  1.00 20.38 ? 268 ASP A CG  1 
ATOM   773  O  OD1 . ASP A 1 113 ? -1.172  -4.863  13.670  1.00 22.87 ? 268 ASP A OD1 1 
ATOM   774  O  OD2 . ASP A 1 113 ? 0.548   -4.233  12.431  1.00 20.74 ? 268 ASP A OD2 1 
HETATM 775  N  N   . MSE A 1 114 ? -4.375  -3.725  10.556  1.00 11.56 ? 269 MSE A N   1 
HETATM 776  C  CA  . MSE A 1 114 ? -5.204  -3.081  9.537   1.00 15.29 ? 269 MSE A CA  1 
HETATM 777  C  C   . MSE A 1 114 ? -4.530  -1.800  9.051   1.00 13.01 ? 269 MSE A C   1 
HETATM 778  O  O   . MSE A 1 114 ? -4.032  -1.018  9.845   1.00 15.92 ? 269 MSE A O   1 
HETATM 779  C  CB  . MSE A 1 114 ? -6.585  -2.763  10.106  1.00 16.35 ? 269 MSE A CB  1 
HETATM 780  C  CG  . MSE A 1 114 ? -7.558  -2.235  9.096   1.00 19.00 ? 269 MSE A CG  1 
HETATM 781  SE SE  . MSE A 1 114 ? -8.305  -3.782  8.121   1.00 43.42 ? 269 MSE A SE  1 
HETATM 782  C  CE  . MSE A 1 114 ? -8.778  -4.864  9.621   1.00 21.60 ? 269 MSE A CE  1 
ATOM   783  N  N   . VAL A 1 115 ? -4.479  -1.601  7.744   1.00 15.90 ? 270 VAL A N   1 
ATOM   784  C  CA  . VAL A 1 115 ? -4.016  -0.349  7.160   1.00 11.51 ? 270 VAL A CA  1 
ATOM   785  C  C   . VAL A 1 115 ? -5.216  0.295   6.482   1.00 12.25 ? 270 VAL A C   1 
ATOM   786  O  O   . VAL A 1 115 ? -5.854  -0.338  5.634   1.00 14.31 ? 270 VAL A O   1 
ATOM   787  C  CB  . VAL A 1 115 ? -2.880  -0.582  6.154   1.00 14.39 ? 270 VAL A CB  1 
ATOM   788  C  CG1 . VAL A 1 115 ? -2.567  0.727   5.400   1.00 15.78 ? 270 VAL A CG1 1 
ATOM   789  C  CG2 . VAL A 1 115 ? -1.659  -1.113  6.863   1.00 18.38 ? 270 VAL A CG2 1 
ATOM   790  N  N   . ASP A 1 116 ? -5.543  1.529   6.861   1.00 12.20 ? 271 ASP A N   1 
ATOM   791  C  CA  . ASP A 1 116 ? -6.549  2.305   6.139   1.00 11.49 ? 271 ASP A CA  1 
ATOM   792  C  C   . ASP A 1 116 ? -5.864  3.461   5.418   1.00 11.85 ? 271 ASP A C   1 
ATOM   793  O  O   . ASP A 1 116 ? -5.012  4.143   5.996   1.00 13.71 ? 271 ASP A O   1 
ATOM   794  C  CB  . ASP A 1 116 ? -7.625  2.863   7.081   1.00 15.67 ? 271 ASP A CB  1 
ATOM   795  C  CG  . ASP A 1 116 ? -8.486  1.780   7.717   1.00 22.43 ? 271 ASP A CG  1 
ATOM   796  O  OD1 . ASP A 1 116 ? -9.193  1.071   6.979   1.00 22.60 ? 271 ASP A OD1 1 
ATOM   797  O  OD2 . ASP A 1 116 ? -8.464  1.648   8.968   1.00 25.19 ? 271 ASP A OD2 1 
ATOM   798  N  N   . LEU A 1 117 ? -6.245  3.693   4.165   1.00 13.61 ? 272 LEU A N   1 
ATOM   799  C  CA  . LEU A 1 117 ? -5.752  4.819   3.381   1.00 15.01 ? 272 LEU A CA  1 
ATOM   800  C  C   . LEU A 1 117 ? -6.930  5.740   3.097   1.00 13.21 ? 272 LEU A C   1 
ATOM   801  O  O   . LEU A 1 117 ? -7.898  5.328   2.448   1.00 14.63 ? 272 LEU A O   1 
ATOM   802  C  CB  . LEU A 1 117 ? -5.105  4.343   2.077   1.00 13.04 ? 272 LEU A CB  1 
ATOM   803  C  CG  . LEU A 1 117 ? -4.045  3.250   2.223   1.00 17.83 ? 272 LEU A CG  1 
ATOM   804  C  CD1 . LEU A 1 117 ? -3.594  2.786   0.841   1.00 19.65 ? 272 LEU A CD1 1 
ATOM   805  C  CD2 . LEU A 1 117 ? -2.852  3.728   3.063   1.00 13.00 ? 272 LEU A CD2 1 
ATOM   806  N  N   . GLY A 1 118 ? -6.863  6.969   3.611   1.00 14.54 ? 273 GLY A N   1 
ATOM   807  C  CA  . GLY A 1 118 ? -7.937  7.923   3.422   1.00 17.30 ? 273 GLY A CA  1 
ATOM   808  C  C   . GLY A 1 118 ? -9.068  7.749   4.416   1.00 18.93 ? 273 GLY A C   1 
ATOM   809  O  O   . GLY A 1 118 ? -9.063  6.878   5.285   1.00 20.83 ? 273 GLY A O   1 
ATOM   810  N  N   . THR A 1 119 ? -10.081 8.609   4.262   1.00 26.17 ? 274 THR A N   1 
ATOM   811  C  CA  . THR A 1 119 ? -11.207 8.656   5.192   1.00 28.90 ? 274 THR A CA  1 
ATOM   812  C  C   . THR A 1 119 ? -12.554 8.507   4.484   1.00 37.59 ? 274 THR A C   1 
ATOM   813  O  O   . THR A 1 119 ? -13.418 7.761   4.955   1.00 36.61 ? 274 THR A O   1 
ATOM   814  C  CB  . THR A 1 119 ? -11.194 9.970   5.984   1.00 34.08 ? 274 THR A CB  1 
ATOM   815  O  OG1 . THR A 1 119 ? -10.874 11.064  5.099   1.00 32.45 ? 274 THR A OG1 1 
ATOM   816  C  CG2 . THR A 1 119 ? -10.172 9.899   7.128   1.00 31.95 ? 274 THR A CG2 1 
ATOM   817  N  N   . ASP A 1 120 ? -12.725 9.253   3.383   1.00 32.41 ? 275 ASP A N   1 
ATOM   818  C  CA  . ASP A 1 120 ? -13.898 9.366   2.504   1.00 30.35 ? 275 ASP A CA  1 
ATOM   819  C  C   . ASP A 1 120 ? -15.131 10.005  3.153   1.00 35.02 ? 275 ASP A C   1 
ATOM   820  O  O   . ASP A 1 120 ? -15.510 9.705   4.290   1.00 41.71 ? 275 ASP A O   1 
ATOM   821  C  CB  . ASP A 1 120 ? -14.250 8.011   1.826   1.00 28.59 ? 275 ASP A CB  1 
ATOM   822  C  CG  . ASP A 1 120 ? -14.876 6.951   2.762   1.00 32.44 ? 275 ASP A CG  1 
ATOM   823  O  OD1 . ASP A 1 120 ? -15.661 7.267   3.682   1.00 38.62 ? 275 ASP A OD1 1 
ATOM   824  O  OD2 . ASP A 1 120 ? -14.597 5.753   2.540   1.00 29.57 ? 275 ASP A OD2 1 
ATOM   825  N  N   . ILE A 1 121 ? -15.724 10.951  2.419   1.00 29.03 ? 276 ILE A N   1 
ATOM   826  C  CA  . ILE A 1 121 ? -17.029 11.517  2.744   1.00 36.36 ? 276 ILE A CA  1 
ATOM   827  C  C   . ILE A 1 121 ? -18.164 10.700  2.164   1.00 36.10 ? 276 ILE A C   1 
ATOM   828  O  O   . ILE A 1 121 ? -19.340 11.050  2.354   1.00 31.91 ? 276 ILE A O   1 
ATOM   829  C  CB  . ILE A 1 121 ? -17.147 12.940  2.180   1.00 30.74 ? 276 ILE A CB  1 
ATOM   830  C  CG1 . ILE A 1 121 ? -16.690 12.939  0.715   1.00 37.76 ? 276 ILE A CG1 1 
ATOM   831  C  CG2 . ILE A 1 121 ? -16.324 13.914  3.006   1.00 40.85 ? 276 ILE A CG2 1 
ATOM   832  C  CD1 . ILE A 1 121 ? -17.458 13.886  -0.189  1.00 31.10 ? 276 ILE A CD1 1 
ATOM   833  N  N   . ASP A 1 122 ? -17.847 9.616   1.470   1.00 28.14 ? 277 ASP A N   1 
ATOM   834  C  CA  . ASP A 1 122 ? -18.714 9.097   0.425   1.00 28.18 ? 277 ASP A CA  1 
ATOM   835  C  C   . ASP A 1 122 ? -18.292 7.666   0.146   1.00 17.13 ? 277 ASP A C   1 
ATOM   836  O  O   . ASP A 1 122 ? -17.146 7.436   -0.239  1.00 21.83 ? 277 ASP A O   1 
ATOM   837  C  CB  . ASP A 1 122 ? -18.570 9.967   -0.822  1.00 32.45 ? 277 ASP A CB  1 
ATOM   838  C  CG  . ASP A 1 122 ? -19.602 9.663   -1.868  1.00 28.75 ? 277 ASP A CG  1 
ATOM   839  O  OD1 . ASP A 1 122 ? -20.352 10.585  -2.255  1.00 35.98 ? 277 ASP A OD1 1 
ATOM   840  O  OD2 . ASP A 1 122 ? -19.657 8.502   -2.308  1.00 22.42 ? 277 ASP A OD2 1 
ATOM   841  N  N   . SER A 1 123 ? -19.209 6.713   0.302   1.00 18.92 ? 278 SER A N   1 
ATOM   842  C  CA  . SER A 1 123 ? -18.856 5.298   0.190   1.00 17.09 ? 278 SER A CA  1 
ATOM   843  C  C   . SER A 1 123 ? -19.218 4.687   -1.165  1.00 17.07 ? 278 SER A C   1 
ATOM   844  O  O   . SER A 1 123 ? -19.226 3.454   -1.303  1.00 18.41 ? 278 SER A O   1 
ATOM   845  C  CB  . SER A 1 123 ? -19.518 4.512   1.322   1.00 20.30 ? 278 SER A CB  1 
ATOM   846  O  OG  . SER A 1 123 ? -18.719 3.415   1.706   1.00 24.27 ? 278 SER A OG  1 
ATOM   847  N  N   . LYS A 1 124 ? -19.498 5.512   -2.171  1.00 15.35 ? 279 LYS A N   1 
ATOM   848  C  CA  . LYS A 1 124 ? -19.879 5.012   -3.485  1.00 21.17 ? 279 LYS A CA  1 
ATOM   849  C  C   . LYS A 1 124 ? -18.664 4.459   -4.226  1.00 21.99 ? 279 LYS A C   1 
ATOM   850  O  O   . LYS A 1 124 ? -17.511 4.708   -3.858  1.00 17.91 ? 279 LYS A O   1 
ATOM   851  C  CB  . LYS A 1 124 ? -20.511 6.118   -4.339  1.00 19.68 ? 279 LYS A CB  1 
ATOM   852  C  CG  . LYS A 1 124 ? -21.855 6.634   -3.838  1.00 22.70 ? 279 LYS A CG  1 
ATOM   853  C  CD  . LYS A 1 124 ? -22.402 7.657   -4.823  1.00 27.45 ? 279 LYS A CD  1 
ATOM   854  C  CE  . LYS A 1 124 ? -23.571 8.424   -4.261  1.00 30.02 ? 279 LYS A CE  1 
ATOM   855  N  NZ  . LYS A 1 124 ? -23.833 9.646   -5.083  1.00 41.39 ? 279 LYS A NZ  1 
ATOM   856  N  N   . PHE A 1 125 ? -18.948 3.737   -5.313  1.00 18.71 ? 280 PHE A N   1 
ATOM   857  C  CA  . PHE A 1 125 ? -17.948 3.197   -6.232  1.00 19.91 ? 280 PHE A CA  1 
ATOM   858  C  C   . PHE A 1 125 ? -16.806 4.181   -6.493  1.00 18.75 ? 280 PHE A C   1 
ATOM   859  O  O   . PHE A 1 125 ? -17.032 5.298   -6.970  1.00 17.68 ? 280 PHE A O   1 
ATOM   860  C  CB  . PHE A 1 125 ? -18.639 2.828   -7.552  1.00 18.16 ? 280 PHE A CB  1 
ATOM   861  C  CG  . PHE A 1 125 ? -17.707 2.294   -8.607  1.00 21.81 ? 280 PHE A CG  1 
ATOM   862  C  CD1 . PHE A 1 125 ? -17.121 1.043   -8.464  1.00 22.73 ? 280 PHE A CD1 1 
ATOM   863  C  CD2 . PHE A 1 125 ? -17.426 3.037   -9.744  1.00 17.63 ? 280 PHE A CD2 1 
ATOM   864  C  CE1 . PHE A 1 125 ? -16.268 0.541   -9.442  1.00 20.95 ? 280 PHE A CE1 1 
ATOM   865  C  CE2 . PHE A 1 125 ? -16.575 2.546   -10.719 1.00 19.76 ? 280 PHE A CE2 1 
ATOM   866  C  CZ  . PHE A 1 125 ? -15.997 1.290   -10.561 1.00 19.62 ? 280 PHE A CZ  1 
ATOM   867  N  N   . GLU A 1 126 ? -15.578 3.761   -6.159  1.00 15.95 ? 281 GLU A N   1 
ATOM   868  C  CA  . GLU A 1 126 ? -14.312 4.482   -6.337  1.00 17.38 ? 281 GLU A CA  1 
ATOM   869  C  C   . GLU A 1 126 ? -14.172 5.731   -5.464  1.00 15.76 ? 281 GLU A C   1 
ATOM   870  O  O   . GLU A 1 126 ? -13.189 6.469   -5.615  1.00 17.57 ? 281 GLU A O   1 
ATOM   871  C  CB  . GLU A 1 126 ? -14.062 4.855   -7.808  1.00 18.08 ? 281 GLU A CB  1 
ATOM   872  C  CG  . GLU A 1 126 ? -13.852 3.621   -8.713  1.00 19.80 ? 281 GLU A CG  1 
ATOM   873  C  CD  . GLU A 1 126 ? -13.747 3.974   -10.199 1.00 26.29 ? 281 GLU A CD  1 
ATOM   874  O  OE1 . GLU A 1 126 ? -14.274 5.030   -10.610 1.00 24.89 ? 281 GLU A OE1 1 
ATOM   875  O  OE2 . GLU A 1 126 ? -13.136 3.198   -10.961 1.00 22.14 ? 281 GLU A OE2 1 
ATOM   876  N  N   . HIS A 1 127 ? -15.111 5.993   -4.554  1.00 19.23 ? 282 HIS A N   1 
ATOM   877  C  CA  . HIS A 1 127 ? -15.006 7.087   -3.587  1.00 18.69 ? 282 HIS A CA  1 
ATOM   878  C  C   . HIS A 1 127 ? -14.687 6.598   -2.187  1.00 16.42 ? 282 HIS A C   1 
ATOM   879  O  O   . HIS A 1 127 ? -14.384 7.413   -1.312  1.00 17.47 ? 282 HIS A O   1 
ATOM   880  C  CB  . HIS A 1 127 ? -16.313 7.891   -3.531  1.00 18.51 ? 282 HIS A CB  1 
ATOM   881  C  CG  . HIS A 1 127 ? -16.618 8.637   -4.794  1.00 21.25 ? 282 HIS A CG  1 
ATOM   882  N  ND1 . HIS A 1 127 ? -17.815 9.285   -5.009  1.00 27.78 ? 282 HIS A ND1 1 
ATOM   883  C  CD2 . HIS A 1 127 ? -15.879 8.829   -5.911  1.00 22.93 ? 282 HIS A CD2 1 
ATOM   884  C  CE1 . HIS A 1 127 ? -17.804 9.840   -6.208  1.00 27.30 ? 282 HIS A CE1 1 
ATOM   885  N  NE2 . HIS A 1 127 ? -16.640 9.577   -6.778  1.00 27.27 ? 282 HIS A NE2 1 
ATOM   886  N  N   . ARG A 1 128 ? -14.767 5.296   -1.962  1.00 14.54 ? 283 ARG A N   1 
ATOM   887  C  CA  . ARG A 1 128 ? -14.576 4.692   -0.655  1.00 15.84 ? 283 ARG A CA  1 
ATOM   888  C  C   . ARG A 1 128 ? -13.092 4.595   -0.320  1.00 16.74 ? 283 ARG A C   1 
ATOM   889  O  O   . ARG A 1 128 ? -12.268 4.266   -1.180  1.00 16.55 ? 283 ARG A O   1 
ATOM   890  C  CB  . ARG A 1 128 ? -15.213 3.295   -0.660  1.00 12.89 ? 283 ARG A CB  1 
ATOM   891  C  CG  . ARG A 1 128 ? -15.169 2.554   0.647   1.00 14.90 ? 283 ARG A CG  1 
ATOM   892  C  CD  . ARG A 1 128 ? -15.916 1.209   0.527   1.00 15.23 ? 283 ARG A CD  1 
ATOM   893  N  NE  . ARG A 1 128 ? -17.299 1.398   0.086   1.00 17.46 ? 283 ARG A NE  1 
ATOM   894  C  CZ  . ARG A 1 128 ? -18.137 0.407   -0.194  1.00 18.38 ? 283 ARG A CZ  1 
ATOM   895  N  NH1 . ARG A 1 128 ? -17.726 -0.858  -0.093  1.00 16.02 ? 283 ARG A NH1 1 
ATOM   896  N  NH2 . ARG A 1 128 ? -19.387 0.679   -0.570  1.00 18.40 ? 283 ARG A NH2 1 
ATOM   897  N  N   . LYS A 1 129 ? -12.754 4.897   0.935   1.00 16.96 ? 284 LYS A N   1 
ATOM   898  C  CA  . LYS A 1 129 ? -11.397 4.713   1.435   1.00 17.11 ? 284 LYS A CA  1 
ATOM   899  C  C   . LYS A 1 129 ? -10.954 3.256   1.288   1.00 14.86 ? 284 LYS A C   1 
ATOM   900  O  O   . LYS A 1 129 ? -11.768 2.337   1.143   1.00 12.55 ? 284 LYS A O   1 
ATOM   901  C  CB  . LYS A 1 129 ? -11.316 5.126   2.905   1.00 17.06 ? 284 LYS A CB  1 
ATOM   902  C  CG  . LYS A 1 129 ? -12.010 4.143   3.854   1.00 24.03 ? 284 LYS A CG  1 
ATOM   903  C  CD  . LYS A 1 129 ? -12.204 4.745   5.247   1.00 26.24 ? 284 LYS A CD  1 
ATOM   904  C  CE  . LYS A 1 129 ? -12.617 3.689   6.268   1.00 29.84 ? 284 LYS A CE  1 
ATOM   905  N  NZ  . LYS A 1 129 ? -11.515 2.740   6.572   1.00 27.65 ? 284 LYS A NZ  1 
ATOM   906  N  N   . ILE A 1 130 ? -9.639  3.041   1.358   1.00 15.52 ? 285 ILE A N   1 
ATOM   907  C  CA  . ILE A 1 130 ? -9.059  1.704   1.219   1.00 11.85 ? 285 ILE A CA  1 
ATOM   908  C  C   . ILE A 1 130 ? -8.851  1.119   2.609   1.00 14.35 ? 285 ILE A C   1 
ATOM   909  O  O   . ILE A 1 130 ? -8.224  1.750   3.467   1.00 14.81 ? 285 ILE A O   1 
ATOM   910  C  CB  . ILE A 1 130 ? -7.735  1.737   0.434   1.00 10.85 ? 285 ILE A CB  1 
ATOM   911  C  CG1 . ILE A 1 130 ? -7.963  2.226   -1.010  1.00 16.04 ? 285 ILE A CG1 1 
ATOM   912  C  CG2 . ILE A 1 130 ? -7.065  0.346   0.464   1.00 16.56 ? 285 ILE A CG2 1 
ATOM   913  C  CD1 . ILE A 1 130 ? -9.014  1.445   -1.782  1.00 13.44 ? 285 ILE A CD1 1 
ATOM   914  N  N   . SER A 1 131 ? -9.390  -0.076  2.846   1.00 11.30 ? 286 SER A N   1 
ATOM   915  C  CA  . SER A 1 131 ? -9.168  -0.783  4.102   1.00 14.93 ? 286 SER A CA  1 
ATOM   916  C  C   . SER A 1 131 ? -8.521  -2.130  3.811   1.00 13.86 ? 286 SER A C   1 
ATOM   917  O  O   . SER A 1 131 ? -9.134  -2.989  3.172   1.00 13.90 ? 286 SER A O   1 
ATOM   918  C  CB  . SER A 1 131 ? -10.480 -0.952  4.868   1.00 19.63 ? 286 SER A CB  1 
ATOM   919  O  OG  . SER A 1 131 ? -10.255 -1.565  6.117   1.00 29.35 ? 286 SER A OG  1 
ATOM   920  N  N   . ALA A 1 132 ? -7.283  -2.306  4.279   1.00 14.77 ? 287 ALA A N   1 
ATOM   921  C  CA  . ALA A 1 132 ? -6.432  -3.436  3.919   1.00 12.79 ? 287 ALA A CA  1 
ATOM   922  C  C   . ALA A 1 132 ? -6.012  -4.184  5.180   1.00 14.24 ? 287 ALA A C   1 
ATOM   923  O  O   . ALA A 1 132 ? -5.464  -3.581  6.113   1.00 15.64 ? 287 ALA A O   1 
ATOM   924  C  CB  . ALA A 1 132 ? -5.186  -2.966  3.153   1.00 12.19 ? 287 ALA A CB  1 
ATOM   925  N  N   . TYR A 1 133 ? -6.271  -5.487  5.206   1.00 15.53 ? 288 TYR A N   1 
ATOM   926  C  CA  . TYR A 1 133 ? -5.925  -6.348  6.331   1.00 12.58 ? 288 TYR A CA  1 
ATOM   927  C  C   . TYR A 1 133 ? -4.613  -7.042  6.010   1.00 14.29 ? 288 TYR A C   1 
ATOM   928  O  O   . TYR A 1 133 ? -4.454  -7.571  4.905   1.00 14.89 ? 288 TYR A O   1 
ATOM   929  C  CB  . TYR A 1 133 ? -7.021  -7.390  6.568   1.00 15.13 ? 288 TYR A CB  1 
ATOM   930  C  CG  . TYR A 1 133 ? -6.728  -8.376  7.676   1.00 17.89 ? 288 TYR A CG  1 
ATOM   931  C  CD1 . TYR A 1 133 ? -6.541  -9.731  7.399   1.00 15.91 ? 288 TYR A CD1 1 
ATOM   932  C  CD2 . TYR A 1 133 ? -6.672  -7.961  9.001   1.00 16.73 ? 288 TYR A CD2 1 
ATOM   933  C  CE1 . TYR A 1 133 ? -6.300  -10.636 8.410   1.00 21.69 ? 288 TYR A CE1 1 
ATOM   934  C  CE2 . TYR A 1 133 ? -6.420  -8.866  10.025  1.00 21.88 ? 288 TYR A CE2 1 
ATOM   935  C  CZ  . TYR A 1 133 ? -6.228  -10.196 9.720   1.00 20.32 ? 288 TYR A CZ  1 
ATOM   936  O  OH  . TYR A 1 133 ? -6.001  -11.091 10.731  1.00 26.65 ? 288 TYR A OH  1 
ATOM   937  N  N   . VAL A 1 134 ? -3.675  -7.024  6.962   1.00 12.50 ? 289 VAL A N   1 
ATOM   938  C  CA  . VAL A 1 134 ? -2.378  -7.662  6.781   1.00 15.41 ? 289 VAL A CA  1 
ATOM   939  C  C   . VAL A 1 134 ? -2.559  -9.147  7.066   1.00 17.03 ? 289 VAL A C   1 
ATOM   940  O  O   . VAL A 1 134 ? -2.502  -9.596  8.216   1.00 16.57 ? 289 VAL A O   1 
ATOM   941  C  CB  . VAL A 1 134 ? -1.288  -7.035  7.669   1.00 16.38 ? 289 VAL A CB  1 
ATOM   942  C  CG1 . VAL A 1 134 ? 0.039   -7.716  7.400   1.00 18.59 ? 289 VAL A CG1 1 
ATOM   943  C  CG2 . VAL A 1 134 ? -1.170  -5.535  7.393   1.00 13.98 ? 289 VAL A CG2 1 
ATOM   944  N  N   . GLU A 1 135 ? -2.828  -9.905  6.014   1.00 14.14 ? 290 GLU A N   1 
ATOM   945  C  CA  . GLU A 1 135 ? -3.201  -11.303 6.173   1.00 17.58 ? 290 GLU A CA  1 
ATOM   946  C  C   . GLU A 1 135 ? -1.989  -12.202 6.385   1.00 20.65 ? 290 GLU A C   1 
ATOM   947  O  O   . GLU A 1 135 ? -2.052  -13.141 7.184   1.00 18.13 ? 290 GLU A O   1 
ATOM   948  C  CB  . GLU A 1 135 ? -3.992  -11.754 4.948   1.00 17.41 ? 290 GLU A CB  1 
ATOM   949  C  CG  . GLU A 1 135 ? -4.865  -12.965 5.180   1.00 23.42 ? 290 GLU A CG  1 
ATOM   950  C  CD  . GLU A 1 135 ? -5.603  -13.344 3.932   1.00 24.34 ? 290 GLU A CD  1 
ATOM   951  O  OE1 . GLU A 1 135 ? -4.948  -13.424 2.873   1.00 28.28 ? 290 GLU A OE1 1 
ATOM   952  O  OE2 . GLU A 1 135 ? -6.833  -13.536 4.006   1.00 31.25 ? 290 GLU A OE2 1 
ATOM   953  N  N   . GLU A 1 136 ? -0.891  -11.959 5.667   1.00 17.45 ? 291 GLU A N   1 
ATOM   954  C  CA  . GLU A 1 136 ? 0.318   -12.765 5.825   1.00 20.57 ? 291 GLU A CA  1 
ATOM   955  C  C   . GLU A 1 136 ? 1.547   -11.925 5.513   1.00 23.73 ? 291 GLU A C   1 
ATOM   956  O  O   . GLU A 1 136 ? 1.499   -11.013 4.678   1.00 21.28 ? 291 GLU A O   1 
ATOM   957  C  CB  . GLU A 1 136 ? 0.344   -13.998 4.907   1.00 22.24 ? 291 GLU A CB  1 
ATOM   958  C  CG  . GLU A 1 136 ? -0.832  -14.965 5.041   1.00 21.96 ? 291 GLU A CG  1 
ATOM   959  C  CD  . GLU A 1 136 ? -0.867  -15.687 6.373   0.55 21.82 ? 291 GLU A CD  1 
ATOM   960  O  OE1 . GLU A 1 136 ? -1.910  -16.299 6.686   1.00 26.20 ? 291 GLU A OE1 1 
ATOM   961  O  OE2 . GLU A 1 136 ? 0.140   -15.639 7.109   0.86 23.15 ? 291 GLU A OE2 1 
ATOM   962  N  N   . ILE A 1 137 ? 2.649   -12.251 6.197   1.00 19.90 ? 292 ILE A N   1 
ATOM   963  C  CA  . ILE A 1 137 ? 3.985   -11.745 5.885   1.00 24.17 ? 292 ILE A CA  1 
ATOM   964  C  C   . ILE A 1 137 ? 4.944   -12.929 5.925   1.00 29.63 ? 292 ILE A C   1 
ATOM   965  O  O   . ILE A 1 137 ? 5.000   -13.645 6.928   1.00 29.01 ? 292 ILE A O   1 
ATOM   966  C  CB  . ILE A 1 137 ? 4.460   -10.672 6.880   0.97 22.85 ? 292 ILE A CB  1 
ATOM   967  C  CG1 . ILE A 1 137 ? 3.532   -9.457  6.887   1.00 17.98 ? 292 ILE A CG1 1 
ATOM   968  C  CG2 . ILE A 1 137 ? 5.898   -10.254 6.557   1.00 26.67 ? 292 ILE A CG2 1 
ATOM   969  C  CD1 . ILE A 1 137 ? 3.945   -8.405  7.906   1.00 21.74 ? 292 ILE A CD1 1 
ATOM   970  N  N   . SER A 1 138 ? 5.708   -13.127 4.854   1.00 27.62 ? 293 SER A N   1 
ATOM   971  C  CA  . SER A 1 138 ? 6.647   -14.243 4.851   1.00 32.97 ? 293 SER A CA  1 
ATOM   972  C  C   . SER A 1 138 ? 7.684   -14.042 3.758   1.00 34.31 ? 293 SER A C   1 
ATOM   973  O  O   . SER A 1 138 ? 7.561   -13.162 2.903   1.00 30.83 ? 293 SER A O   1 
ATOM   974  C  CB  . SER A 1 138 ? 5.923   -15.579 4.663   1.00 34.85 ? 293 SER A CB  1 
ATOM   975  O  OG  . SER A 1 138 ? 5.457   -15.723 3.335   1.00 42.20 ? 293 SER A OG  1 
ATOM   976  N  N   . VAL A 1 139 ? 8.712   -14.883 3.796   1.00 34.32 ? 294 VAL A N   1 
ATOM   977  C  CA  . VAL A 1 139 ? 9.754   -14.880 2.781   1.00 35.82 ? 294 VAL A CA  1 
ATOM   978  C  C   . VAL A 1 139 ? 9.432   -15.940 1.740   1.00 43.72 ? 294 VAL A C   1 
ATOM   979  O  O   . VAL A 1 139 ? 8.839   -16.985 2.042   1.00 49.04 ? 294 VAL A O   1 
ATOM   980  C  CB  . VAL A 1 139 ? 11.149  -15.102 3.400   1.00 39.03 ? 294 VAL A CB  1 
ATOM   981  C  CG1 . VAL A 1 139 ? 11.475  -13.965 4.354   1.00 39.38 ? 294 VAL A CG1 1 
ATOM   982  C  CG2 . VAL A 1 139 ? 11.205  -16.437 4.112   1.00 45.91 ? 294 VAL A CG2 1 
ATOM   983  N  N   . ILE A 1 140 ? 9.816   -15.657 0.498   1.00 40.22 ? 295 ILE A N   1 
ATOM   984  C  CA  . ILE A 1 140 ? 9.590   -16.542 -0.644  1.00 48.76 ? 295 ILE A CA  1 
ATOM   985  C  C   . ILE A 1 140 ? 8.143   -17.031 -0.703  1.00 48.35 ? 295 ILE A C   1 
ATOM   986  O  O   . ILE A 1 140 ? 7.216   -16.311 -0.326  1.00 47.49 ? 295 ILE A O   1 
ATOM   987  C  CB  . ILE A 1 140 ? 10.566  -17.728 -0.621  1.00 49.78 ? 295 ILE A CB  1 
HETATM 988  O  O   . HOH B 2 .   ? -16.570 8.609   5.781   1.00 35.63 ? 301 HOH A O   1 
HETATM 989  O  O   . HOH B 2 .   ? -11.034 10.560  2.632   1.00 45.86 ? 302 HOH A O   1 
HETATM 990  O  O   . HOH B 2 .   ? 10.230  -10.577 5.707   1.00 36.12 ? 303 HOH A O   1 
HETATM 991  O  O   . HOH B 2 .   ? 14.029  -4.005  11.882  1.00 34.92 ? 304 HOH A O   1 
HETATM 992  O  O   . HOH B 2 .   ? -11.183 1.051   -4.931  1.00 23.70 ? 305 HOH A O   1 
HETATM 993  O  O   . HOH B 2 .   ? -8.436  -12.905 -1.491  1.00 27.97 ? 306 HOH A O   1 
HETATM 994  O  O   . HOH B 2 .   ? 2.342   -14.748 7.844   1.00 24.49 ? 307 HOH A O   1 
HETATM 995  O  O   . HOH B 2 .   ? -4.261  -5.428  -15.066 1.00 39.86 ? 308 HOH A O   1 
HETATM 996  O  O   . HOH B 2 .   ? -6.191  1.440   10.219  1.00 14.89 ? 309 HOH A O   1 
HETATM 997  O  O   . HOH B 2 .   ? -1.136  10.854  14.790  1.00 27.85 ? 310 HOH A O   1 
HETATM 998  O  O   . HOH B 2 .   ? 8.483   2.381   4.760   1.00 18.23 ? 311 HOH A O   1 
HETATM 999  O  O   . HOH B 2 .   ? -16.346 6.195   5.997   1.00 36.94 ? 312 HOH A O   1 
HETATM 1000 O  O   . HOH B 2 .   ? -12.780 -1.768  6.869   1.00 34.21 ? 313 HOH A O   1 
HETATM 1001 O  O   . HOH B 2 .   ? 0.449   -11.477 14.428  1.00 32.66 ? 314 HOH A O   1 
HETATM 1002 O  O   . HOH B 2 .   ? -15.968 4.129   4.122   1.00 30.24 ? 315 HOH A O   1 
HETATM 1003 O  O   . HOH B 2 .   ? -10.127 -0.074  10.158  1.00 32.78 ? 316 HOH A O   1 
HETATM 1004 O  O   . HOH B 2 .   ? -13.692 -6.970  1.173   1.00 22.37 ? 317 HOH A O   1 
HETATM 1005 O  O   . HOH B 2 .   ? 9.247   0.526   -21.736 1.00 42.34 ? 318 HOH A O   1 
HETATM 1006 O  O   . HOH B 2 .   ? -8.343  -15.242 2.593   1.00 28.04 ? 319 HOH A O   1 
HETATM 1007 O  O   . HOH B 2 .   ? -5.624  -11.098 -6.332  1.00 28.73 ? 320 HOH A O   1 
HETATM 1008 O  O   . HOH B 2 .   ? 7.061   -6.916  10.305  1.00 22.75 ? 321 HOH A O   1 
HETATM 1009 O  O   . HOH B 2 .   ? -14.770 12.176  5.080   1.00 48.50 ? 322 HOH A O   1 
HETATM 1010 O  O   . HOH B 2 .   ? 1.665   -3.826  14.865  1.00 34.31 ? 323 HOH A O   1 
HETATM 1011 O  O   . HOH B 2 .   ? -5.072  11.412  0.002   1.00 12.94 ? 324 HOH A O   1 
HETATM 1012 O  O   . HOH B 2 .   ? -5.255  9.257   -11.214 1.00 39.66 ? 325 HOH A O   1 
HETATM 1013 O  O   . HOH B 2 .   ? -8.208  -4.536  -7.524  1.00 29.01 ? 326 HOH A O   1 
HETATM 1014 O  O   . HOH B 2 .   ? -5.141  -5.191  -6.489  1.00 17.43 ? 327 HOH A O   1 
HETATM 1015 O  O   . HOH B 2 .   ? 2.479   -1.259  14.522  1.00 39.37 ? 328 HOH A O   1 
HETATM 1016 O  O   . HOH B 2 .   ? -1.497  10.263  7.916   1.00 15.22 ? 329 HOH A O   1 
HETATM 1017 O  O   . HOH B 2 .   ? -0.268  12.271  17.396  1.00 31.26 ? 330 HOH A O   1 
HETATM 1018 O  O   . HOH B 2 .   ? 3.230   0.300   -6.501  1.00 25.64 ? 331 HOH A O   1 
HETATM 1019 O  O   . HOH B 2 .   ? 4.846   8.098   11.580  1.00 15.34 ? 332 HOH A O   1 
HETATM 1020 O  O   . HOH B 2 .   ? -1.062  14.182  -1.759  1.00 32.68 ? 333 HOH A O   1 
HETATM 1021 O  O   . HOH B 2 .   ? 6.865   4.670   14.627  1.00 41.16 ? 334 HOH A O   1 
HETATM 1022 O  O   . HOH B 2 .   ? 6.737   1.757   -5.922  1.00 26.85 ? 335 HOH A O   1 
HETATM 1023 O  O   . HOH B 2 .   ? -0.428  -6.761  15.568  1.00 35.37 ? 336 HOH A O   1 
HETATM 1024 O  O   . HOH B 2 .   ? -15.148 1.633   -4.411  1.00 20.37 ? 337 HOH A O   1 
HETATM 1025 O  O   . HOH B 2 .   ? 10.514  -2.343  14.795  1.00 33.55 ? 338 HOH A O   1 
HETATM 1026 O  O   . HOH B 2 .   ? 10.233  4.510   13.044  1.00 29.55 ? 339 HOH A O   1 
HETATM 1027 O  O   . HOH B 2 .   ? 12.342  1.983   10.143  1.00 31.67 ? 340 HOH A O   1 
HETATM 1028 O  O   . HOH B 2 .   ? 20.071  -10.841 9.407   1.00 51.35 ? 341 HOH A O   1 
HETATM 1029 O  O   . HOH B 2 .   ? 12.454  3.122   2.283   1.00 30.01 ? 342 HOH A O   1 
HETATM 1030 O  O   . HOH B 2 .   ? -9.100  -8.292  -1.325  1.00 14.65 ? 343 HOH A O   1 
HETATM 1031 O  O   . HOH B 2 .   ? -0.209  12.611  9.470   1.00 30.01 ? 344 HOH A O   1 
HETATM 1032 O  O   . HOH B 2 .   ? -1.073  -0.544  16.545  1.00 30.44 ? 345 HOH A O   1 
HETATM 1033 O  O   . HOH B 2 .   ? -5.305  0.152   17.642  1.00 16.62 ? 346 HOH A O   1 
HETATM 1034 O  O   . HOH B 2 .   ? 7.646   9.599   4.504   1.00 30.16 ? 347 HOH A O   1 
HETATM 1035 O  O   . HOH B 2 .   ? -21.652 3.110   -5.851  1.00 20.52 ? 348 HOH A O   1 
HETATM 1036 O  O   . HOH B 2 .   ? -1.058  12.751  5.891   1.00 24.91 ? 349 HOH A O   1 
HETATM 1037 O  O   . HOH B 2 .   ? 3.647   -10.667 11.480  1.00 23.21 ? 350 HOH A O   1 
HETATM 1038 O  O   . HOH B 2 .   ? -16.581 11.804  -8.545  1.00 33.61 ? 351 HOH A O   1 
HETATM 1039 O  O   . HOH B 2 .   ? -12.327 -14.411 1.474   1.00 39.80 ? 352 HOH A O   1 
HETATM 1040 O  O   . HOH B 2 .   ? 17.200  -1.788  -1.772  1.00 34.64 ? 353 HOH A O   1 
HETATM 1041 O  O   . HOH B 2 .   ? -5.637  -13.768 9.815   1.00 33.20 ? 354 HOH A O   1 
HETATM 1042 O  O   . HOH B 2 .   ? -3.906  14.037  -2.971  0.50 28.02 ? 355 HOH A O   1 
HETATM 1043 O  O   . HOH B 2 .   ? -7.874  12.482  8.718   1.00 30.71 ? 356 HOH A O   1 
HETATM 1044 O  O   . HOH B 2 .   ? -15.513 -7.012  6.175   1.00 19.17 ? 357 HOH A O   1 
HETATM 1045 O  O   . HOH B 2 .   ? -8.621  -0.989  -6.469  1.00 19.36 ? 358 HOH A O   1 
HETATM 1046 O  O   . HOH B 2 .   ? -8.608  7.616   13.920  1.00 24.85 ? 359 HOH A O   1 
HETATM 1047 O  O   . HOH B 2 .   ? -4.218  13.900  6.478   1.00 34.20 ? 360 HOH A O   1 
HETATM 1048 O  O   . HOH B 2 .   ? -6.064  -1.110  -13.805 1.00 27.62 ? 361 HOH A O   1 
HETATM 1049 O  O   . HOH B 2 .   ? 3.240   5.260   -25.832 1.00 49.14 ? 362 HOH A O   1 
HETATM 1050 O  O   . HOH B 2 .   ? -5.925  -5.582  -9.093  1.00 30.50 ? 363 HOH A O   1 
HETATM 1051 O  O   . HOH B 2 .   ? 8.749   -6.330  16.436  1.00 38.77 ? 364 HOH A O   1 
HETATM 1052 O  O   . HOH B 2 .   ? 1.563   13.103  -1.532  1.00 36.76 ? 365 HOH A O   1 
HETATM 1053 O  O   . HOH B 2 .   ? -19.377 -3.074  -1.005  1.00 27.01 ? 366 HOH A O   1 
HETATM 1054 O  O   . HOH B 2 .   ? -15.428 10.008  -0.487  1.00 28.30 ? 367 HOH A O   1 
HETATM 1055 O  O   . HOH B 2 .   ? -14.269 9.324   -8.458  1.00 44.68 ? 368 HOH A O   1 
HETATM 1056 O  O   . HOH B 2 .   ? 5.659   -3.957  -7.467  1.00 34.54 ? 369 HOH A O   1 
HETATM 1057 O  O   . HOH B 2 .   ? 5.302   -7.255  -6.011  1.00 26.30 ? 370 HOH A O   1 
HETATM 1058 O  O   . HOH B 2 .   ? -12.964 3.042   -3.761  1.00 20.09 ? 371 HOH A O   1 
HETATM 1059 O  O   . HOH B 2 .   ? -13.096 7.647   -9.827  1.00 29.50 ? 372 HOH A O   1 
HETATM 1060 O  O   . HOH B 2 .   ? -1.025  1.721   15.599  1.00 27.15 ? 373 HOH A O   1 
HETATM 1061 O  O   . HOH B 2 .   ? -3.343  -5.853  15.470  1.00 30.19 ? 374 HOH A O   1 
HETATM 1062 O  O   . HOH B 2 .   ? 11.195  6.338   8.909   1.00 29.18 ? 375 HOH A O   1 
HETATM 1063 O  O   . HOH B 2 .   ? 6.348   12.753  10.511  1.00 26.90 ? 376 HOH A O   1 
HETATM 1064 O  O   . HOH B 2 .   ? -8.538  12.693  6.304   1.00 31.11 ? 377 HOH A O   1 
HETATM 1065 O  O   . HOH B 2 .   ? -0.595  -9.494  -11.535 1.00 39.61 ? 378 HOH A O   1 
HETATM 1066 O  O   . HOH B 2 .   ? 6.842   0.436   14.912  1.00 28.26 ? 379 HOH A O   1 
HETATM 1067 O  O   . HOH B 2 .   ? -7.784  -3.469  -12.014 1.00 33.13 ? 380 HOH A O   1 
HETATM 1068 O  O   . HOH B 2 .   ? 3.524   16.510  8.694   1.00 46.43 ? 381 HOH A O   1 
HETATM 1069 O  O   . HOH B 2 .   ? 1.019   5.788   -8.041  1.00 39.09 ? 382 HOH A O   1 
HETATM 1070 O  O   . HOH B 2 .   ? 14.053  -1.041  12.237  1.00 39.70 ? 383 HOH A O   1 
HETATM 1071 O  O   . HOH B 2 .   ? -13.521 0.383   6.488   1.00 30.96 ? 384 HOH A O   1 
HETATM 1072 O  O   . HOH B 2 .   ? -8.200  15.216  5.110   1.00 38.97 ? 385 HOH A O   1 
HETATM 1073 O  O   . HOH B 2 .   ? -17.666 1.495   -3.146  1.00 24.08 ? 386 HOH A O   1 
HETATM 1074 O  O   . HOH B 2 .   ? -9.565  -10.658 -4.247  1.00 22.10 ? 387 HOH A O   1 
HETATM 1075 O  O   . HOH B 2 .   ? 9.920   0.889   -20.008 1.00 47.96 ? 388 HOH A O   1 
HETATM 1076 O  O   . HOH B 2 .   ? -2.420  13.011  7.602   1.00 33.38 ? 389 HOH A O   1 
HETATM 1077 O  O   . HOH B 2 .   ? -13.760 13.805  -11.299 1.00 39.24 ? 390 HOH A O   1 
HETATM 1078 O  O   . HOH B 2 .   ? -3.645  11.402  -12.933 1.00 45.37 ? 391 HOH A O   1 
HETATM 1079 O  O   . HOH B 2 .   ? 2.683   13.864  -5.139  1.00 39.90 ? 392 HOH A O   1 
HETATM 1080 O  O   . HOH B 2 .   ? -13.100 -9.919  3.356   1.00 32.17 ? 393 HOH A O   1 
HETATM 1081 O  O   . HOH B 2 .   ? 12.103  6.018   6.056   1.00 36.56 ? 394 HOH A O   1 
HETATM 1082 O  O   . HOH B 2 .   ? -13.012 -6.888  -3.677  1.00 47.07 ? 395 HOH A O   1 
HETATM 1083 O  O   . HOH B 2 .   ? 3.105   2.230   -8.262  1.00 41.81 ? 396 HOH A O   1 
HETATM 1084 O  O   . HOH B 2 .   ? -19.718 13.323  5.178   1.00 42.66 ? 397 HOH A O   1 
HETATM 1085 O  O   . HOH B 2 .   ? 12.099  -3.320  15.680  1.00 38.57 ? 398 HOH A O   1 
HETATM 1086 O  O   . HOH B 2 .   ? 10.955  -0.057  14.828  1.00 39.31 ? 399 HOH A O   1 
HETATM 1087 O  O   . HOH B 2 .   ? 2.085   13.730  -7.450  0.50 35.79 ? 400 HOH A O   1 
HETATM 1088 O  O   . HOH B 2 .   ? -4.292  15.623  12.024  1.00 39.33 ? 401 HOH A O   1 
HETATM 1089 O  O   . HOH B 2 .   ? -3.295  9.702   16.627  1.00 31.72 ? 402 HOH A O   1 
HETATM 1090 O  O   . HOH B 2 .   ? -2.863  12.724  14.346  1.00 33.55 ? 403 HOH A O   1 
HETATM 1091 O  O   . HOH B 2 .   ? -2.918  9.287   -14.754 1.00 53.24 ? 404 HOH A O   1 
HETATM 1092 O  O   . HOH B 2 .   ? 5.695   3.064   15.805  1.00 36.01 ? 405 HOH A O   1 
HETATM 1093 O  O   . HOH B 2 .   ? 7.711   -4.141  18.785  1.00 39.52 ? 406 HOH A O   1 
HETATM 1094 O  O   . HOH B 2 .   ? -7.906  -12.909 -5.391  1.00 44.98 ? 407 HOH A O   1 
HETATM 1095 O  O   . HOH B 2 .   ? -14.371 -8.370  -1.285  1.00 30.70 ? 408 HOH A O   1 
HETATM 1096 O  O   . HOH B 2 .   ? -9.759  -2.287  -8.571  1.00 33.70 ? 409 HOH A O   1 
HETATM 1097 O  O   . HOH B 2 .   ? -14.896 11.787  -2.724  1.00 36.98 ? 410 HOH A O   1 
HETATM 1098 O  O   . HOH B 2 .   ? 6.693   -17.980 6.995   1.00 35.38 ? 411 HOH A O   1 
HETATM 1099 O  O   . HOH B 2 .   ? -15.779 -9.165  4.667   1.00 34.14 ? 412 HOH A O   1 
HETATM 1100 O  O   . HOH B 2 .   ? 6.491   -8.737  -7.983  1.00 32.33 ? 413 HOH A O   1 
HETATM 1101 O  O   . HOH B 2 .   ? 9.053   0.088   15.337  1.00 37.33 ? 414 HOH A O   1 
HETATM 1102 O  O   . HOH B 2 .   ? -7.610  11.796  12.870  1.00 46.61 ? 415 HOH A O   1 
HETATM 1103 O  O   . HOH B 2 .   ? -9.273  11.277  11.049  1.00 45.51 ? 416 HOH A O   1 
HETATM 1104 O  O   . HOH B 2 .   ? 0.719   2.826   16.710  1.00 36.11 ? 417 HOH A O   1 
HETATM 1105 O  O   . HOH B 2 .   ? 3.100   2.127   16.266  1.00 41.80 ? 418 HOH A O   1 
# 
